data_1NU8
#
_entry.id   1NU8
#
_cell.length_a   65.136
_cell.length_b   67.067
_cell.length_c   419.635
_cell.angle_alpha   90.00
_cell.angle_beta   90.00
_cell.angle_gamma   90.00
#
_symmetry.space_group_name_H-M   'P 21 21 21'
#
loop_
_entity.id
_entity.type
_entity.pdbx_description
1 polymer 'Dipeptidyl peptidase IV'
2 polymer '3-mer peptide'
3 non-polymer 2-acetamido-2-deoxy-beta-D-glucopyranose
4 water water
#
loop_
_entity_poly.entity_id
_entity_poly.type
_entity_poly.pdbx_seq_one_letter_code
_entity_poly.pdbx_strand_id
1 'polypeptide(L)'
;SRKTYTLTDYLKNTYRLKLYSLRWISDHEYLYKQENNILVFNAEYGNSSVFLENSTFDEFGHSINDYSISPDGQFILLEY
NYVKQWRHSYTASYDIYDLNKRQLITEERIPNNTQWVTWSPVGHKLAYVWNNDIYVKIEPNLPSYRITWTGKEDIIYNGI
TDWVYEEEVFSAYSALWWSPNGTFLAYAQFNDTEVPLIEYSFYSDESLQYPKTVRVPYPKAGAVNPTVKFFVVNTDSLSS
VTNATSIQITAPASMLIGDHYLCDVTWATQERISLQWLRRIQNYSVMDICDYDESSGRWNCLVARQHIEMSTTGWVGRFR
PSEPHFTLDGNSFYKIISNEEGYRHICYFQIDKKDCTFITKGTWEVIGIEALTSDYLYYISNEYKGMPGGRNLYKIQLSD
YTKVTCLSCELNPERCQYYSVSFSKEAKYYQLRCSGPGLPLYTLHSSVNDKGLRVLEDNSALDKMLQNVQMPSKKLDFII
LNETKFWYQMILPPHFDKSKKYPLLLDVYAGPCSQKADTVFRLNWATYLASTENIIVASFDGRGSGYQGDKIMHAINRRL
GTFEVEDQIEAARQFSKMGFVDNKRIAIWGWSYGGYVTSMVLGSGSGVFKCGIAVAPVSRWEYYDSVYTERYMGLPTPED
NLDHYRNSTVMSRAENFKQVEYLLIHGTADDNVHFQQSAQISKALVDVGVDFQAMWYTDEDHGIASSTAHQHIYTHMSHF
IKQCFSLP
;
A,B
2 'polypeptide(L)' IPI D
#
# COMPACT_ATOMS: atom_id res chain seq x y z
N SER A 1 9.34 40.12 19.27
CA SER A 1 10.40 39.83 20.30
C SER A 1 11.67 39.05 19.77
N ARG A 2 12.11 39.47 18.56
CA ARG A 2 13.20 38.85 17.76
C ARG A 2 13.13 37.39 17.26
N LYS A 3 13.35 36.37 18.10
CA LYS A 3 13.24 35.00 17.58
C LYS A 3 11.77 34.61 17.22
N THR A 4 11.61 33.67 16.30
CA THR A 4 10.26 33.26 15.89
C THR A 4 9.86 31.84 16.32
N TYR A 5 8.57 31.51 16.19
CA TYR A 5 8.07 30.17 16.53
C TYR A 5 8.35 29.25 15.38
N THR A 6 9.12 28.22 15.68
CA THR A 6 9.77 27.50 14.62
C THR A 6 9.21 26.09 14.40
N LEU A 7 9.32 25.57 13.18
CA LEU A 7 8.85 24.24 12.89
C LEU A 7 9.58 23.22 13.77
N THR A 8 10.88 23.38 13.91
CA THR A 8 11.64 22.63 14.91
C THR A 8 11.05 22.82 16.30
N ASP A 9 10.67 24.06 16.63
CA ASP A 9 10.04 24.30 17.92
C ASP A 9 8.80 23.43 18.09
N TYR A 10 7.94 23.40 17.08
CA TYR A 10 6.71 22.64 17.15
C TYR A 10 7.07 21.17 17.25
N LEU A 11 7.86 20.72 16.28
CA LEU A 11 8.25 19.33 16.16
C LEU A 11 9.01 18.85 17.39
N LYS A 12 9.92 19.68 17.88
CA LYS A 12 10.84 19.23 18.92
C LYS A 12 10.37 19.54 20.32
N ASN A 13 9.38 20.44 20.41
CA ASN A 13 8.74 20.78 21.69
C ASN A 13 9.59 21.64 22.57
N THR A 14 10.26 22.61 21.97
CA THR A 14 11.02 23.58 22.72
C THR A 14 10.15 24.09 23.89
N TYR A 15 8.91 24.43 23.59
CA TYR A 15 8.04 25.10 24.54
C TYR A 15 6.87 24.21 24.99
N ARG A 16 7.01 23.52 26.13
CA ARG A 16 5.93 22.67 26.61
C ARG A 16 4.94 23.40 27.53
N LEU A 17 3.68 22.99 27.44
CA LEU A 17 2.62 23.39 28.37
C LEU A 17 2.73 22.51 29.59
N LYS A 18 2.77 23.14 30.76
CA LYS A 18 2.78 22.37 32.00
C LYS A 18 1.34 22.00 32.40
N LEU A 19 1.24 20.79 32.93
CA LEU A 19 -0.03 20.21 33.31
C LEU A 19 -0.15 20.13 34.83
N TYR A 20 -1.33 19.75 35.29
CA TYR A 20 -1.51 19.26 36.64
C TYR A 20 -2.61 18.20 36.54
N SER A 21 -2.18 16.94 36.62
CA SER A 21 -3.09 15.81 36.49
C SER A 21 -3.17 15.12 37.82
N LEU A 22 -4.33 15.23 38.45
CA LEU A 22 -4.57 14.53 39.70
C LEU A 22 -5.61 13.44 39.55
N ARG A 23 -5.51 12.45 40.44
CA ARG A 23 -6.54 11.45 40.66
C ARG A 23 -6.99 11.60 42.12
N TRP A 24 -8.26 11.93 42.29
CA TRP A 24 -8.81 12.00 43.61
C TRP A 24 -8.81 10.59 44.18
N ILE A 25 -8.61 10.44 45.48
CA ILE A 25 -8.81 9.12 46.08
C ILE A 25 -9.81 9.17 47.22
N SER A 26 -10.25 10.38 47.55
CA SER A 26 -11.37 10.59 48.46
C SER A 26 -12.00 11.98 48.23
N ASP A 27 -12.80 12.42 49.20
CA ASP A 27 -13.47 13.70 49.11
C ASP A 27 -12.56 14.86 49.53
N HIS A 28 -11.29 14.57 49.75
CA HIS A 28 -10.39 15.60 50.24
C HIS A 28 -8.92 15.28 50.00
N GLU A 29 -8.63 14.30 49.12
CA GLU A 29 -7.24 13.86 48.88
C GLU A 29 -7.03 13.48 47.41
N TYR A 30 -5.89 13.83 46.85
CA TYR A 30 -5.57 13.41 45.49
C TYR A 30 -4.11 13.05 45.36
N LEU A 31 -3.77 12.42 44.25
CA LEU A 31 -2.40 12.06 43.97
C LEU A 31 -1.91 12.84 42.80
N TYR A 32 -0.67 13.30 42.93
CA TYR A 32 0.02 13.99 41.85
C TYR A 32 1.40 13.36 41.71
N LYS A 33 1.87 13.27 40.47
CA LYS A 33 3.21 12.75 40.21
C LYS A 33 4.17 13.88 39.83
N GLN A 34 5.24 13.95 40.61
CA GLN A 34 6.23 15.03 40.55
C GLN A 34 7.55 14.30 40.58
N GLU A 35 8.35 14.47 39.53
CA GLU A 35 9.44 13.53 39.24
C GLU A 35 8.78 12.21 38.85
N ASN A 36 9.28 11.13 39.44
CA ASN A 36 8.59 9.86 39.30
C ASN A 36 8.05 9.44 40.65
N ASN A 37 7.98 10.42 41.55
CA ASN A 37 7.27 10.27 42.83
C ASN A 37 5.77 10.51 42.70
N ILE A 38 5.00 9.64 43.35
CA ILE A 38 3.57 9.86 43.56
C ILE A 38 3.39 10.51 44.93
N LEU A 39 2.88 11.74 44.91
CA LEU A 39 2.62 12.49 46.13
C LEU A 39 1.12 12.60 46.42
N VAL A 40 0.74 12.53 47.69
CA VAL A 40 -0.65 12.69 48.09
C VAL A 40 -0.87 14.11 48.66
N PHE A 41 -1.96 14.78 48.22
CA PHE A 41 -2.25 16.16 48.60
C PHE A 41 -3.56 16.27 49.40
N ASN A 42 -3.51 16.96 50.53
CA ASN A 42 -4.73 17.24 51.28
C ASN A 42 -5.37 18.48 50.71
N ALA A 43 -6.52 18.32 50.06
CA ALA A 43 -7.10 19.40 49.31
C ALA A 43 -7.47 20.57 50.21
N GLU A 44 -8.03 20.28 51.38
CA GLU A 44 -8.41 21.36 52.26
C GLU A 44 -7.21 22.23 52.73
N TYR A 45 -6.14 21.59 53.22
CA TYR A 45 -4.99 22.32 53.81
C TYR A 45 -3.73 22.51 52.94
N GLY A 46 -3.59 21.70 51.89
CA GLY A 46 -2.42 21.79 51.05
C GLY A 46 -1.21 20.98 51.50
N ASN A 47 -1.18 20.44 52.73
CA ASN A 47 -0.09 19.51 53.10
C ASN A 47 -0.05 18.32 52.13
N SER A 48 1.11 17.68 52.06
CA SER A 48 1.36 16.61 51.12
C SER A 48 2.52 15.74 51.59
N SER A 49 2.46 14.44 51.30
CA SER A 49 3.61 13.61 51.57
C SER A 49 3.93 12.79 50.35
N VAL A 50 5.07 12.12 50.41
CA VAL A 50 5.40 11.21 49.35
C VAL A 50 4.63 9.92 49.62
N PHE A 51 3.72 9.60 48.71
CA PHE A 51 3.01 8.33 48.77
C PHE A 51 3.93 7.20 48.32
N LEU A 52 4.61 7.42 47.19
CA LEU A 52 5.45 6.43 46.53
C LEU A 52 6.72 7.04 45.98
N GLU A 53 7.85 6.58 46.51
CA GLU A 53 9.17 7.04 46.09
C GLU A 53 9.45 6.74 44.61
N ASN A 54 10.04 7.71 43.91
CA ASN A 54 10.52 7.53 42.52
C ASN A 54 11.51 6.37 42.37
N SER A 55 12.11 5.97 43.50
CA SER A 55 13.13 4.94 43.55
C SER A 55 12.62 3.61 44.12
N THR A 56 11.28 3.44 44.16
CA THR A 56 10.73 2.24 44.80
C THR A 56 10.96 0.96 43.96
N PHE A 57 11.05 1.14 42.65
CA PHE A 57 11.15 0.04 41.69
C PHE A 57 12.38 0.16 40.78
N ASP A 58 13.53 0.50 41.37
CA ASP A 58 14.80 0.54 40.65
C ASP A 58 15.24 -0.89 40.25
N GLU A 59 15.01 -1.83 41.15
CA GLU A 59 15.38 -3.22 40.92
C GLU A 59 14.16 -4.05 40.49
N PHE A 60 13.22 -3.40 39.80
CA PHE A 60 12.05 -4.11 39.28
C PHE A 60 12.45 -5.04 38.12
N GLY A 61 13.33 -4.53 37.25
CA GLY A 61 13.82 -5.29 36.12
C GLY A 61 13.30 -4.78 34.79
N HIS A 62 12.01 -4.42 34.77
CA HIS A 62 11.35 -3.97 33.55
C HIS A 62 11.02 -2.50 33.65
N SER A 63 10.96 -1.85 32.50
CA SER A 63 10.54 -0.45 32.44
C SER A 63 9.05 -0.37 32.78
N ILE A 64 8.72 0.39 33.84
CA ILE A 64 7.33 0.56 34.24
C ILE A 64 6.59 1.63 33.41
N ASN A 65 5.51 1.20 32.78
CA ASN A 65 4.74 2.04 31.88
C ASN A 65 3.72 2.96 32.58
N ASP A 66 2.98 2.43 33.56
CA ASP A 66 1.92 3.17 34.25
C ASP A 66 1.51 2.40 35.49
N TYR A 67 1.00 3.09 36.49
CA TYR A 67 0.61 2.49 37.76
C TYR A 67 -0.88 2.57 37.95
N SER A 68 -1.41 1.81 38.89
CA SER A 68 -2.74 2.09 39.40
C SER A 68 -2.91 1.57 40.82
N ILE A 69 -3.33 2.47 41.68
CA ILE A 69 -3.39 2.18 43.10
C ILE A 69 -4.82 1.80 43.42
N SER A 70 -4.97 0.79 44.27
CA SER A 70 -6.29 0.32 44.68
C SER A 70 -7.02 1.41 45.51
N PRO A 71 -8.34 1.49 45.39
CA PRO A 71 -9.18 2.41 46.19
C PRO A 71 -9.19 2.20 47.70
N ASP A 72 -8.24 1.44 48.22
CA ASP A 72 -8.03 1.38 49.65
C ASP A 72 -6.54 1.49 49.91
N GLY A 73 -5.84 2.18 49.01
CA GLY A 73 -4.39 2.34 49.05
C GLY A 73 -3.49 1.13 49.36
N GLN A 74 -4.07 -0.06 49.55
CA GLN A 74 -3.30 -1.25 50.00
C GLN A 74 -2.30 -1.80 48.96
N PHE A 75 -2.71 -1.83 47.68
CA PHE A 75 -1.83 -2.36 46.63
C PHE A 75 -1.77 -1.47 45.41
N ILE A 76 -0.64 -1.58 44.70
CA ILE A 76 -0.42 -0.88 43.45
C ILE A 76 -0.25 -1.85 42.27
N LEU A 77 -0.83 -1.47 41.12
CA LEU A 77 -0.71 -2.22 39.89
C LEU A 77 0.35 -1.52 39.09
N LEU A 78 1.30 -2.30 38.58
CA LEU A 78 2.35 -1.79 37.72
C LEU A 78 2.21 -2.40 36.34
N GLU A 79 2.17 -1.53 35.34
CA GLU A 79 1.92 -1.90 33.95
C GLU A 79 3.23 -1.94 33.18
N TYR A 80 3.54 -3.05 32.53
CA TYR A 80 4.77 -3.14 31.75
C TYR A 80 4.58 -3.99 30.50
N ASN A 81 5.52 -3.88 29.57
CA ASN A 81 5.41 -4.44 28.21
C ASN A 81 4.15 -3.98 27.50
N TYR A 82 3.96 -2.68 27.47
CA TYR A 82 2.83 -2.11 26.80
C TYR A 82 3.06 -2.16 25.29
N VAL A 83 2.04 -2.66 24.59
CA VAL A 83 2.04 -2.75 23.15
C VAL A 83 0.73 -2.10 22.67
N LYS A 84 0.83 -1.07 21.83
CA LYS A 84 -0.39 -0.44 21.32
C LYS A 84 -1.23 -1.45 20.55
N GLN A 85 -2.54 -1.21 20.53
CA GLN A 85 -3.40 -1.79 19.51
C GLN A 85 -4.00 -0.62 18.74
N TRP A 86 -5.30 -0.36 18.93
CA TRP A 86 -6.01 0.74 18.24
C TRP A 86 -5.97 1.98 19.12
N ARG A 87 -6.90 2.92 18.93
CA ARG A 87 -6.91 4.17 19.69
C ARG A 87 -6.97 4.03 21.21
N HIS A 88 -7.66 3.03 21.76
CA HIS A 88 -7.65 2.89 23.23
C HIS A 88 -7.13 1.53 23.72
N SER A 89 -7.06 0.55 22.83
CA SER A 89 -6.69 -0.80 23.24
C SER A 89 -5.18 -1.05 23.35
N TYR A 90 -4.79 -2.03 24.16
CA TYR A 90 -3.39 -2.50 24.25
C TYR A 90 -3.29 -3.73 25.10
N THR A 91 -2.17 -4.43 25.00
CA THR A 91 -1.86 -5.45 25.98
C THR A 91 -0.66 -5.01 26.77
N ALA A 92 -0.59 -5.51 28.01
CA ALA A 92 0.53 -5.28 28.88
C ALA A 92 0.62 -6.37 29.92
N SER A 93 1.81 -6.53 30.48
CA SER A 93 2.01 -7.34 31.66
C SER A 93 1.80 -6.49 32.88
N TYR A 94 1.41 -7.12 33.98
CA TYR A 94 1.12 -6.39 35.19
C TYR A 94 1.78 -7.07 36.39
N ASP A 95 2.24 -6.24 37.33
CA ASP A 95 2.59 -6.74 38.64
C ASP A 95 1.83 -6.01 39.72
N ILE A 96 1.42 -6.76 40.75
CA ILE A 96 0.87 -6.15 41.95
C ILE A 96 1.89 -6.17 43.10
N TYR A 97 2.10 -4.98 43.65
CA TYR A 97 3.07 -4.74 44.71
C TYR A 97 2.28 -4.36 45.95
N ASP A 98 2.63 -4.95 47.09
CA ASP A 98 1.93 -4.69 48.35
C ASP A 98 2.52 -3.47 49.01
N LEU A 99 1.64 -2.60 49.51
CA LEU A 99 2.10 -1.35 50.10
C LEU A 99 2.26 -1.45 51.60
N ASN A 100 1.51 -2.36 52.23
CA ASN A 100 1.58 -2.52 53.67
C ASN A 100 2.74 -3.40 54.10
N LYS A 101 3.16 -4.33 53.25
CA LYS A 101 4.52 -4.89 53.35
C LYS A 101 5.35 -3.97 52.48
N ARG A 102 6.32 -4.51 51.77
CA ARG A 102 6.96 -3.74 50.72
C ARG A 102 7.53 -4.75 49.77
N GLN A 103 6.62 -5.46 49.11
CA GLN A 103 6.94 -6.66 48.40
C GLN A 103 5.99 -6.84 47.21
N LEU A 104 6.55 -7.29 46.10
CA LEU A 104 5.77 -7.71 44.93
C LEU A 104 5.11 -9.07 45.24
N ILE A 105 3.84 -9.24 44.89
CA ILE A 105 3.16 -10.53 45.04
C ILE A 105 3.59 -11.47 43.89
N THR A 106 3.94 -12.71 44.22
CA THR A 106 4.44 -13.68 43.22
C THR A 106 3.56 -14.91 42.98
N GLU A 107 2.59 -15.16 43.87
CA GLU A 107 1.61 -16.20 43.61
C GLU A 107 0.45 -15.65 42.79
N GLU A 108 0.06 -16.41 41.77
CA GLU A 108 -1.08 -16.09 40.90
C GLU A 108 -1.07 -14.70 40.22
N ARG A 109 0.07 -14.35 39.62
CA ARG A 109 0.23 -13.08 38.92
C ARG A 109 -0.77 -12.91 37.78
N ILE A 110 -1.21 -11.68 37.54
CA ILE A 110 -1.93 -11.36 36.31
C ILE A 110 -1.11 -11.91 35.14
N PRO A 111 -1.73 -12.68 34.23
CA PRO A 111 -1.03 -13.28 33.10
C PRO A 111 -0.42 -12.24 32.16
N ASN A 112 0.64 -12.63 31.46
CA ASN A 112 1.21 -11.80 30.40
C ASN A 112 0.20 -11.69 29.28
N ASN A 113 0.35 -10.66 28.44
CA ASN A 113 -0.64 -10.33 27.39
C ASN A 113 -2.05 -10.10 27.93
N THR A 114 -2.14 -9.43 29.06
CA THR A 114 -3.45 -9.08 29.56
C THR A 114 -4.00 -7.87 28.78
N GLN A 115 -5.25 -8.00 28.35
CA GLN A 115 -5.88 -7.00 27.52
C GLN A 115 -6.42 -5.83 28.32
N TRP A 116 -6.98 -6.10 29.49
CA TRP A 116 -7.53 -5.07 30.36
C TRP A 116 -7.54 -5.50 31.82
N VAL A 117 -7.28 -4.57 32.72
CA VAL A 117 -7.33 -4.79 34.18
C VAL A 117 -7.96 -3.57 34.76
N THR A 118 -8.78 -3.78 35.78
CA THR A 118 -9.26 -2.67 36.59
C THR A 118 -9.55 -3.17 38.00
N TRP A 119 -9.35 -2.26 38.97
CA TRP A 119 -9.71 -2.45 40.37
C TRP A 119 -11.21 -2.25 40.55
N SER A 120 -11.78 -2.85 41.59
CA SER A 120 -13.15 -2.56 42.00
C SER A 120 -13.13 -1.12 42.51
N PRO A 121 -14.23 -0.38 42.43
CA PRO A 121 -14.21 1.06 42.73
C PRO A 121 -13.96 1.33 44.22
N VAL A 122 -14.17 0.30 45.03
CA VAL A 122 -13.91 0.33 46.46
C VAL A 122 -13.10 -0.93 46.76
N GLY A 123 -12.05 -0.84 47.58
CA GLY A 123 -11.35 -2.04 48.05
C GLY A 123 -10.22 -2.51 47.15
N HIS A 124 -9.98 -3.82 47.10
CA HIS A 124 -8.86 -4.35 46.32
C HIS A 124 -9.15 -5.60 45.43
N LYS A 125 -10.41 -5.79 45.01
CA LYS A 125 -10.72 -6.80 43.99
C LYS A 125 -10.18 -6.44 42.59
N LEU A 126 -9.84 -7.47 41.82
CA LEU A 126 -9.43 -7.28 40.44
C LEU A 126 -10.33 -8.00 39.48
N ALA A 127 -10.58 -7.33 38.37
CA ALA A 127 -11.21 -7.93 37.21
C ALA A 127 -10.19 -7.78 36.14
N TYR A 128 -10.07 -8.78 35.28
CA TYR A 128 -9.19 -8.68 34.14
C TYR A 128 -9.57 -9.57 32.97
N VAL A 129 -9.08 -9.20 31.80
CA VAL A 129 -9.38 -9.89 30.57
C VAL A 129 -8.11 -10.46 29.96
N TRP A 130 -8.11 -11.76 29.72
CA TRP A 130 -6.98 -12.48 29.11
C TRP A 130 -7.51 -13.44 28.09
N ASN A 131 -7.04 -13.30 26.86
CA ASN A 131 -7.48 -14.19 25.79
C ASN A 131 -9.00 -14.04 25.57
N ASN A 132 -9.51 -12.80 25.58
CA ASN A 132 -10.93 -12.50 25.37
C ASN A 132 -11.89 -13.03 26.45
N ASP A 133 -11.34 -13.36 27.62
CA ASP A 133 -12.12 -13.92 28.72
C ASP A 133 -11.85 -13.18 30.04
N ILE A 134 -12.83 -13.20 30.95
CA ILE A 134 -12.80 -12.36 32.15
C ILE A 134 -12.45 -13.18 33.33
N TYR A 135 -11.52 -12.67 34.12
CA TYR A 135 -11.12 -13.33 35.35
C TYR A 135 -11.33 -12.42 36.59
N VAL A 136 -11.65 -13.03 37.73
CA VAL A 136 -11.82 -12.25 38.95
C VAL A 136 -10.96 -12.78 40.06
N LYS A 137 -10.05 -11.93 40.52
CA LYS A 137 -9.27 -12.10 41.73
C LYS A 137 -9.91 -11.32 42.86
N ILE A 138 -10.48 -12.01 43.84
CA ILE A 138 -10.95 -11.38 45.08
C ILE A 138 -9.76 -10.69 45.82
N GLU A 139 -8.66 -11.45 45.96
CA GLU A 139 -7.41 -10.95 46.53
C GLU A 139 -6.28 -11.04 45.49
N PRO A 140 -5.31 -10.12 45.55
CA PRO A 140 -4.17 -10.16 44.63
C PRO A 140 -3.23 -11.39 44.79
N ASN A 141 -3.20 -12.03 45.96
CA ASN A 141 -2.31 -13.21 46.07
C ASN A 141 -3.01 -14.52 45.74
N LEU A 142 -4.33 -14.43 45.58
CA LEU A 142 -5.22 -15.58 45.46
C LEU A 142 -5.47 -16.01 43.98
N PRO A 143 -5.83 -17.28 43.74
CA PRO A 143 -6.14 -17.73 42.39
C PRO A 143 -7.35 -16.99 41.84
N SER A 144 -7.32 -16.67 40.54
CA SER A 144 -8.43 -15.96 39.94
C SER A 144 -9.56 -16.93 39.69
N TYR A 145 -10.73 -16.41 39.36
CA TYR A 145 -11.91 -17.20 39.06
C TYR A 145 -12.39 -16.83 37.66
N ARG A 146 -12.75 -17.85 36.88
CA ARG A 146 -13.06 -17.65 35.47
C ARG A 146 -14.55 -17.40 35.21
N ILE A 147 -14.86 -16.23 34.66
CA ILE A 147 -16.25 -15.84 34.50
C ILE A 147 -16.77 -16.31 33.17
N THR A 148 -15.92 -16.24 32.15
CA THR A 148 -16.32 -16.63 30.79
C THR A 148 -15.39 -17.66 30.18
N TRP A 149 -15.94 -18.54 29.36
CA TRP A 149 -15.16 -19.55 28.65
C TRP A 149 -15.39 -19.47 27.15
N THR A 150 -16.08 -18.43 26.69
CA THR A 150 -16.43 -18.30 25.28
C THR A 150 -15.51 -17.39 24.43
N GLY A 151 -14.43 -16.87 25.04
CA GLY A 151 -13.48 -16.03 24.34
C GLY A 151 -12.81 -16.71 23.17
N LYS A 152 -12.40 -15.93 22.16
CA LYS A 152 -11.84 -16.39 20.88
C LYS A 152 -11.40 -15.16 20.03
N GLU A 153 -10.14 -15.15 19.61
CA GLU A 153 -9.57 -14.05 18.85
C GLU A 153 -10.44 -13.61 17.68
N ASP A 154 -10.68 -12.30 17.63
CA ASP A 154 -11.49 -11.64 16.60
C ASP A 154 -12.87 -12.20 16.37
N ILE A 155 -13.43 -12.93 17.34
CA ILE A 155 -14.77 -13.47 17.15
C ILE A 155 -15.68 -13.18 18.33
N ILE A 156 -15.27 -13.61 19.51
CA ILE A 156 -16.02 -13.38 20.74
C ILE A 156 -15.14 -12.51 21.64
N TYR A 157 -15.72 -11.42 22.12
CA TYR A 157 -15.01 -10.56 23.05
C TYR A 157 -15.81 -10.49 24.34
N ASN A 158 -15.24 -10.95 25.46
CA ASN A 158 -15.89 -10.73 26.73
C ASN A 158 -15.14 -9.71 27.57
N GLY A 159 -15.82 -8.60 27.89
CA GLY A 159 -15.34 -7.66 28.88
C GLY A 159 -14.53 -6.56 28.23
N ILE A 160 -14.36 -6.70 26.92
CA ILE A 160 -13.56 -5.78 26.13
C ILE A 160 -14.25 -5.65 24.81
N THR A 161 -13.88 -4.63 24.07
CA THR A 161 -14.62 -4.30 22.88
C THR A 161 -13.94 -4.80 21.63
N ASP A 162 -14.71 -4.87 20.56
CA ASP A 162 -14.18 -5.14 19.24
C ASP A 162 -13.76 -3.77 18.66
N TRP A 163 -13.50 -3.70 17.37
CA TRP A 163 -12.98 -2.47 16.80
C TRP A 163 -14.00 -1.30 16.75
N VAL A 164 -15.22 -1.54 16.28
CA VAL A 164 -16.21 -0.46 16.21
C VAL A 164 -16.65 0.00 17.56
N TYR A 165 -16.76 -0.92 18.51
CA TYR A 165 -17.31 -0.51 19.79
C TYR A 165 -16.30 0.37 20.50
N GLU A 166 -15.03 -0.02 20.45
CA GLU A 166 -13.91 0.76 20.98
C GLU A 166 -13.89 2.16 20.41
N GLU A 167 -14.03 2.27 19.10
CA GLU A 167 -13.75 3.54 18.50
C GLU A 167 -15.01 4.46 18.44
N GLU A 168 -16.18 3.86 18.26
CA GLU A 168 -17.38 4.59 17.88
C GLU A 168 -18.46 4.59 18.96
N VAL A 169 -18.49 3.56 19.80
CA VAL A 169 -19.54 3.47 20.78
C VAL A 169 -19.01 3.89 22.14
N PHE A 170 -18.07 3.12 22.68
CA PHE A 170 -17.60 3.32 24.04
C PHE A 170 -16.38 4.23 24.26
N SER A 171 -15.62 4.50 23.20
CA SER A 171 -14.34 5.20 23.37
C SER A 171 -13.54 4.55 24.50
N ALA A 172 -13.16 3.27 24.32
CA ALA A 172 -12.56 2.46 25.38
C ALA A 172 -12.45 1.01 24.96
N TYR A 173 -11.37 0.36 25.39
CA TYR A 173 -11.19 -1.08 25.16
C TYR A 173 -12.12 -1.83 26.09
N SER A 174 -12.21 -1.31 27.31
CA SER A 174 -13.06 -1.83 28.38
C SER A 174 -14.58 -1.96 28.09
N ALA A 175 -15.09 -3.17 28.28
CA ALA A 175 -16.51 -3.46 28.29
C ALA A 175 -16.96 -4.04 29.65
N LEU A 176 -16.31 -3.62 30.73
CA LEU A 176 -16.61 -4.07 32.08
C LEU A 176 -17.07 -2.88 32.90
N TRP A 177 -17.84 -3.14 33.95
CA TRP A 177 -18.37 -2.10 34.82
C TRP A 177 -18.75 -2.65 36.22
N TRP A 178 -17.89 -2.38 37.21
CA TRP A 178 -18.16 -2.76 38.62
C TRP A 178 -19.29 -1.89 39.17
N SER A 179 -20.13 -2.50 40.00
CA SER A 179 -21.09 -1.79 40.84
C SER A 179 -20.30 -1.19 42.01
N PRO A 180 -20.73 -0.08 42.63
CA PRO A 180 -19.91 0.58 43.67
C PRO A 180 -19.54 -0.32 44.87
N ASN A 181 -20.38 -1.29 45.19
CA ASN A 181 -20.07 -2.30 46.22
C ASN A 181 -18.77 -3.04 45.84
N GLY A 182 -18.55 -3.17 44.53
CA GLY A 182 -17.56 -4.05 43.99
C GLY A 182 -18.13 -5.42 44.25
N THR A 183 -19.46 -5.51 44.17
CA THR A 183 -20.20 -6.75 44.44
C THR A 183 -20.47 -7.42 43.11
N PHE A 184 -21.20 -6.71 42.27
CA PHE A 184 -21.53 -7.16 40.93
C PHE A 184 -20.53 -6.66 39.93
N LEU A 185 -20.15 -7.52 38.99
CA LEU A 185 -19.38 -7.11 37.81
C LEU A 185 -20.24 -7.24 36.55
N ALA A 186 -20.52 -6.10 35.91
CA ALA A 186 -21.33 -6.10 34.72
C ALA A 186 -20.40 -6.00 33.54
N TYR A 187 -20.76 -6.63 32.43
CA TYR A 187 -19.89 -6.72 31.26
C TYR A 187 -20.66 -7.13 30.02
N ALA A 188 -20.16 -6.66 28.89
CA ALA A 188 -20.78 -6.90 27.60
C ALA A 188 -19.98 -8.00 26.92
N GLN A 189 -20.62 -8.68 25.98
CA GLN A 189 -19.91 -9.68 25.22
C GLN A 189 -20.31 -9.43 23.82
N PHE A 190 -19.30 -9.32 22.95
CA PHE A 190 -19.49 -8.96 21.56
C PHE A 190 -19.20 -10.16 20.69
N ASN A 191 -19.98 -10.28 19.62
CA ASN A 191 -19.89 -11.36 18.64
C ASN A 191 -19.70 -10.79 17.25
N ASP A 192 -18.50 -10.94 16.72
CA ASP A 192 -18.11 -10.43 15.40
C ASP A 192 -18.04 -11.54 14.32
N THR A 193 -18.60 -12.71 14.60
CA THR A 193 -18.50 -13.88 13.70
C THR A 193 -18.67 -13.59 12.19
N GLU A 194 -19.68 -12.80 11.84
CA GLU A 194 -20.01 -12.58 10.47
C GLU A 194 -19.63 -11.18 10.04
N VAL A 195 -18.75 -10.58 10.83
CA VAL A 195 -18.22 -9.26 10.52
C VAL A 195 -17.06 -9.44 9.54
N PRO A 196 -17.17 -8.80 8.37
CA PRO A 196 -16.15 -8.96 7.33
C PRO A 196 -14.93 -8.25 7.83
N LEU A 197 -13.77 -8.61 7.28
CA LEU A 197 -12.47 -8.11 7.77
C LEU A 197 -11.88 -7.07 6.84
N ILE A 198 -11.18 -6.12 7.42
CA ILE A 198 -10.29 -5.31 6.63
C ILE A 198 -8.89 -5.93 6.70
N GLU A 199 -8.30 -6.11 5.53
CA GLU A 199 -6.94 -6.63 5.46
C GLU A 199 -6.07 -5.59 4.81
N TYR A 200 -4.91 -5.37 5.42
CA TYR A 200 -3.85 -4.56 4.86
C TYR A 200 -2.51 -5.18 5.20
N SER A 201 -1.47 -4.76 4.49
CA SER A 201 -0.12 -5.25 4.74
C SER A 201 0.53 -4.45 5.84
N PHE A 202 1.37 -5.14 6.62
CA PHE A 202 2.22 -4.50 7.59
C PHE A 202 3.63 -4.97 7.30
N TYR A 203 4.49 -4.02 6.95
CA TYR A 203 5.82 -4.31 6.44
C TYR A 203 6.83 -4.65 7.54
N SER A 204 6.76 -3.94 8.65
CA SER A 204 7.61 -4.23 9.82
C SER A 204 9.07 -3.89 9.54
N ASP A 205 9.94 -4.19 10.51
CA ASP A 205 11.39 -4.09 10.31
C ASP A 205 11.91 -4.82 9.06
N GLU A 206 13.08 -4.35 8.67
CA GLU A 206 13.77 -4.79 7.47
C GLU A 206 13.95 -6.29 7.38
N SER A 207 14.34 -6.88 8.48
CA SER A 207 14.68 -8.29 8.62
C SER A 207 13.52 -9.23 8.25
N LEU A 208 12.33 -8.66 8.06
CA LEU A 208 11.13 -9.47 7.77
C LEU A 208 11.02 -9.72 6.27
N GLN A 209 11.08 -10.98 5.86
CA GLN A 209 11.17 -11.25 4.43
C GLN A 209 9.84 -11.02 3.72
N TYR A 210 8.77 -11.46 4.36
CA TYR A 210 7.44 -11.35 3.79
C TYR A 210 6.57 -10.50 4.68
N PRO A 211 6.00 -9.43 4.11
CA PRO A 211 5.05 -8.58 4.84
C PRO A 211 4.00 -9.47 5.49
N LYS A 212 3.47 -9.01 6.61
CA LYS A 212 2.39 -9.71 7.27
C LYS A 212 1.08 -9.07 6.86
N THR A 213 0.02 -9.87 6.84
CA THR A 213 -1.28 -9.34 6.50
C THR A 213 -2.07 -9.16 7.77
N VAL A 214 -2.52 -7.90 8.01
CA VAL A 214 -3.30 -7.57 9.21
C VAL A 214 -4.75 -7.81 8.84
N ARG A 215 -5.46 -8.48 9.75
CA ARG A 215 -6.87 -8.83 9.52
C ARG A 215 -7.72 -8.41 10.73
N VAL A 216 -8.58 -7.41 10.53
CA VAL A 216 -9.36 -6.84 11.64
C VAL A 216 -10.82 -6.90 11.25
N PRO A 217 -11.69 -7.46 12.10
CA PRO A 217 -13.15 -7.40 11.82
C PRO A 217 -13.68 -5.98 11.96
N TYR A 218 -14.28 -5.46 10.90
CA TYR A 218 -14.59 -4.03 10.76
C TYR A 218 -15.79 -3.93 9.86
N PRO A 219 -16.94 -3.56 10.40
CA PRO A 219 -18.14 -3.42 9.58
C PRO A 219 -18.16 -2.01 8.90
N LYS A 220 -18.06 -1.99 7.59
CA LYS A 220 -18.22 -0.78 6.81
C LYS A 220 -19.72 -0.46 6.63
N ALA A 221 -20.03 0.71 6.10
CA ALA A 221 -21.45 1.15 6.03
C ALA A 221 -22.36 0.12 5.34
N GLY A 222 -23.43 -0.25 6.02
CA GLY A 222 -24.29 -1.30 5.50
C GLY A 222 -23.92 -2.76 5.79
N ALA A 223 -22.68 -3.07 6.19
CA ALA A 223 -22.28 -4.48 6.45
C ALA A 223 -22.89 -5.12 7.69
N VAL A 224 -22.77 -6.44 7.75
CA VAL A 224 -23.04 -7.19 8.99
C VAL A 224 -22.21 -6.63 10.17
N ASN A 225 -22.92 -6.34 11.27
CA ASN A 225 -22.40 -5.71 12.48
C ASN A 225 -22.23 -6.73 13.62
N PRO A 226 -21.40 -6.41 14.58
CA PRO A 226 -21.31 -7.23 15.79
C PRO A 226 -22.65 -7.31 16.54
N THR A 227 -22.92 -8.45 17.17
CA THR A 227 -24.04 -8.55 18.09
C THR A 227 -23.50 -8.32 19.47
N VAL A 228 -24.38 -7.99 20.41
CA VAL A 228 -23.96 -7.74 21.78
C VAL A 228 -24.86 -8.50 22.76
N LYS A 229 -24.34 -8.88 23.90
CA LYS A 229 -25.20 -9.33 24.98
C LYS A 229 -24.69 -8.61 26.20
N PHE A 230 -25.41 -8.67 27.31
CA PHE A 230 -24.98 -7.96 28.53
C PHE A 230 -25.25 -8.86 29.68
N PHE A 231 -24.33 -8.87 30.65
CA PHE A 231 -24.41 -9.79 31.79
C PHE A 231 -23.96 -9.16 33.07
N VAL A 232 -24.47 -9.65 34.20
CA VAL A 232 -24.04 -9.21 35.53
C VAL A 232 -23.69 -10.42 36.42
N VAL A 233 -22.44 -10.44 36.86
CA VAL A 233 -21.95 -11.54 37.72
C VAL A 233 -21.86 -11.09 39.15
N ASN A 234 -22.36 -11.93 40.05
CA ASN A 234 -22.13 -11.71 41.46
C ASN A 234 -20.75 -12.17 41.91
N THR A 235 -19.89 -11.18 42.14
CA THR A 235 -18.50 -11.33 42.52
C THR A 235 -18.27 -11.90 43.93
N ASP A 236 -19.33 -12.01 44.74
CA ASP A 236 -19.18 -12.43 46.13
C ASP A 236 -19.62 -13.85 46.39
N SER A 237 -20.33 -14.42 45.43
CA SER A 237 -20.85 -15.79 45.50
C SER A 237 -20.03 -16.77 44.64
N LEU A 238 -18.79 -16.38 44.32
CA LEU A 238 -17.94 -17.22 43.50
C LEU A 238 -17.37 -18.36 44.33
N SER A 239 -17.31 -19.55 43.75
CA SER A 239 -16.65 -20.69 44.37
C SER A 239 -15.62 -21.18 43.40
N SER A 240 -14.60 -21.88 43.91
CA SER A 240 -13.53 -22.44 43.07
C SER A 240 -13.74 -23.94 42.69
N VAL A 241 -14.71 -24.60 43.34
CA VAL A 241 -15.27 -25.86 42.83
C VAL A 241 -16.34 -25.59 41.73
N THR A 242 -17.20 -24.59 41.95
CA THR A 242 -18.28 -24.25 41.00
C THR A 242 -17.88 -23.22 39.91
N ASN A 243 -18.52 -23.33 38.75
CA ASN A 243 -18.38 -22.38 37.65
C ASN A 243 -19.27 -21.15 37.88
N ALA A 244 -18.85 -20.00 37.38
CA ALA A 244 -19.54 -18.76 37.70
C ALA A 244 -20.88 -18.59 36.95
N THR A 245 -21.89 -18.17 37.69
CA THR A 245 -23.19 -17.89 37.09
C THR A 245 -23.31 -16.42 36.66
N SER A 246 -23.45 -16.19 35.36
CA SER A 246 -23.62 -14.85 34.81
C SER A 246 -25.08 -14.65 34.49
N ILE A 247 -25.74 -13.66 35.08
CA ILE A 247 -27.13 -13.38 34.72
C ILE A 247 -27.14 -12.44 33.50
N GLN A 248 -27.98 -12.75 32.53
CA GLN A 248 -28.08 -11.96 31.32
C GLN A 248 -29.21 -10.94 31.44
N ILE A 249 -28.94 -9.69 31.06
CA ILE A 249 -29.98 -8.69 30.89
C ILE A 249 -30.22 -8.57 29.40
N THR A 250 -31.42 -8.86 28.93
CA THR A 250 -31.66 -8.74 27.51
C THR A 250 -32.17 -7.38 27.14
N ALA A 251 -32.03 -7.03 25.87
CA ALA A 251 -32.44 -5.75 25.36
C ALA A 251 -33.94 -5.65 25.31
N PRO A 252 -34.47 -4.43 25.42
CA PRO A 252 -35.90 -4.16 25.22
C PRO A 252 -36.45 -4.82 23.96
N ALA A 253 -37.66 -5.35 24.03
CA ALA A 253 -38.38 -5.85 22.83
C ALA A 253 -38.27 -4.95 21.58
N SER A 254 -38.32 -3.62 21.75
CA SER A 254 -38.23 -2.69 20.62
C SER A 254 -36.80 -2.49 20.05
N MET A 255 -35.79 -2.99 20.75
CA MET A 255 -34.45 -3.06 20.19
C MET A 255 -34.22 -4.38 19.44
N LEU A 256 -34.78 -5.47 19.98
CA LEU A 256 -34.62 -6.84 19.47
C LEU A 256 -35.23 -7.11 18.08
N ILE A 257 -36.09 -6.20 17.60
CA ILE A 257 -36.72 -6.38 16.29
C ILE A 257 -35.69 -6.39 15.18
N GLY A 258 -34.67 -5.54 15.27
CA GLY A 258 -33.63 -5.52 14.26
C GLY A 258 -32.25 -5.30 14.87
N ASP A 259 -31.31 -4.84 14.06
CA ASP A 259 -29.96 -4.51 14.50
C ASP A 259 -29.97 -3.34 15.48
N HIS A 260 -29.13 -3.38 16.50
CA HIS A 260 -29.12 -2.36 17.56
C HIS A 260 -27.76 -2.38 18.29
N TYR A 261 -27.48 -1.34 19.08
CA TYR A 261 -26.22 -1.17 19.79
C TYR A 261 -26.48 -1.07 21.25
N LEU A 262 -25.52 -1.47 22.07
CA LEU A 262 -25.50 -1.18 23.49
C LEU A 262 -24.67 0.07 23.63
N CYS A 263 -25.26 1.11 24.20
CA CYS A 263 -24.77 2.48 24.12
C CYS A 263 -24.03 2.90 25.33
N ASP A 264 -24.52 2.46 26.48
CA ASP A 264 -24.18 3.12 27.74
C ASP A 264 -24.54 2.25 28.93
N VAL A 265 -23.65 2.24 29.91
CA VAL A 265 -23.80 1.42 31.09
C VAL A 265 -23.39 2.25 32.29
N THR A 266 -24.35 2.48 33.18
CA THR A 266 -24.21 3.35 34.34
C THR A 266 -24.88 2.67 35.51
N TRP A 267 -24.09 2.31 36.52
CA TRP A 267 -24.70 1.86 37.73
C TRP A 267 -25.41 3.07 38.35
N ALA A 268 -26.61 2.84 38.86
CA ALA A 268 -27.34 3.88 39.59
C ALA A 268 -27.15 3.69 41.09
N THR A 269 -27.34 2.46 41.57
CA THR A 269 -27.12 2.13 42.97
C THR A 269 -26.31 0.85 43.09
N GLN A 270 -26.15 0.37 44.33
CA GLN A 270 -25.54 -0.92 44.60
C GLN A 270 -26.31 -2.06 43.93
N GLU A 271 -27.57 -1.79 43.61
CA GLU A 271 -28.47 -2.82 43.13
C GLU A 271 -29.33 -2.40 41.93
N ARG A 272 -28.87 -1.44 41.15
CA ARG A 272 -29.68 -0.95 40.06
C ARG A 272 -28.78 -0.45 38.92
N ILE A 273 -29.07 -0.87 37.68
CA ILE A 273 -28.26 -0.48 36.50
C ILE A 273 -29.07 0.17 35.41
N SER A 274 -28.50 1.24 34.85
CA SER A 274 -29.06 1.91 33.68
C SER A 274 -28.37 1.41 32.41
N LEU A 275 -29.12 0.86 31.49
CA LEU A 275 -28.57 0.45 30.21
C LEU A 275 -29.24 1.33 29.19
N GLN A 276 -28.46 1.88 28.26
CA GLN A 276 -29.02 2.54 27.10
C GLN A 276 -28.72 1.77 25.82
N TRP A 277 -29.72 1.69 24.95
CA TRP A 277 -29.59 0.93 23.72
C TRP A 277 -29.95 1.84 22.57
N LEU A 278 -29.38 1.56 21.40
CA LEU A 278 -29.55 2.41 20.24
C LEU A 278 -29.85 1.55 19.01
N ARG A 279 -30.84 1.96 18.22
CA ARG A 279 -31.22 1.24 17.02
C ARG A 279 -30.20 1.49 15.95
N ARG A 280 -30.03 0.53 15.03
CA ARG A 280 -29.03 0.70 13.98
C ARG A 280 -29.33 1.93 13.12
N ILE A 281 -30.60 2.24 12.88
CA ILE A 281 -30.96 3.62 12.49
C ILE A 281 -31.00 4.43 13.80
N GLN A 282 -30.02 5.30 13.95
CA GLN A 282 -29.74 5.91 15.24
C GLN A 282 -30.58 7.13 15.59
N ASN A 283 -31.89 7.01 15.40
CA ASN A 283 -32.82 8.08 15.75
C ASN A 283 -33.85 7.61 16.80
N TYR A 284 -33.58 6.47 17.41
CA TYR A 284 -34.45 5.91 18.44
C TYR A 284 -33.54 5.29 19.43
N SER A 285 -33.86 5.45 20.69
CA SER A 285 -32.99 5.03 21.78
C SER A 285 -33.82 4.76 23.01
N VAL A 286 -33.47 3.71 23.74
CA VAL A 286 -34.23 3.26 24.89
C VAL A 286 -33.32 3.03 26.07
N MET A 287 -33.65 3.69 27.18
CA MET A 287 -33.01 3.49 28.47
C MET A 287 -33.84 2.58 29.37
N ASP A 288 -33.21 1.52 29.86
CA ASP A 288 -33.79 0.54 30.77
C ASP A 288 -33.15 0.72 32.14
N ILE A 289 -33.94 0.64 33.21
CA ILE A 289 -33.44 0.68 34.58
C ILE A 289 -33.66 -0.70 35.15
N CYS A 290 -32.63 -1.33 35.72
CA CYS A 290 -32.69 -2.76 36.04
C CYS A 290 -32.20 -3.10 37.45
N ASP A 291 -33.06 -3.79 38.20
CA ASP A 291 -32.85 -3.98 39.64
C ASP A 291 -32.60 -5.42 40.04
N TYR A 292 -31.72 -5.60 41.02
CA TYR A 292 -31.49 -6.91 41.63
C TYR A 292 -32.66 -7.36 42.52
N ASP A 293 -33.28 -8.46 42.12
CA ASP A 293 -34.25 -9.16 42.92
C ASP A 293 -33.47 -10.00 43.95
N GLU A 294 -33.40 -9.49 45.18
CA GLU A 294 -32.62 -10.15 46.23
C GLU A 294 -32.96 -11.63 46.33
N SER A 295 -34.26 -11.92 46.24
CA SER A 295 -34.79 -13.26 46.41
C SER A 295 -34.37 -14.16 45.25
N SER A 296 -34.78 -13.83 44.03
CA SER A 296 -34.59 -14.74 42.89
C SER A 296 -33.13 -14.86 42.39
N GLY A 297 -32.31 -13.84 42.64
CA GLY A 297 -30.93 -13.79 42.15
C GLY A 297 -30.81 -13.21 40.75
N ARG A 298 -31.94 -12.73 40.22
CA ARG A 298 -32.06 -12.19 38.87
C ARG A 298 -31.97 -10.67 38.81
N TRP A 299 -32.25 -10.13 37.60
CA TRP A 299 -32.21 -8.71 37.30
C TRP A 299 -33.40 -8.37 36.40
N ASN A 300 -34.29 -7.52 36.88
CA ASN A 300 -35.52 -7.22 36.16
C ASN A 300 -35.54 -5.81 35.67
N CYS A 301 -35.84 -5.64 34.38
CA CYS A 301 -36.02 -4.32 33.78
C CYS A 301 -37.49 -4.00 33.56
N LEU A 302 -38.06 -3.24 34.48
CA LEU A 302 -39.46 -2.83 34.38
C LEU A 302 -39.67 -1.81 33.29
N VAL A 303 -40.71 -2.02 32.51
CA VAL A 303 -41.04 -1.15 31.39
C VAL A 303 -41.71 0.17 31.83
N ALA A 304 -42.17 0.20 33.08
CA ALA A 304 -42.65 1.45 33.69
C ALA A 304 -41.53 2.48 33.71
N ARG A 305 -40.32 2.03 34.02
CA ARG A 305 -39.18 2.93 34.20
C ARG A 305 -38.30 3.03 32.95
N GLN A 306 -38.82 2.56 31.83
CA GLN A 306 -38.17 2.69 30.52
C GLN A 306 -38.35 4.09 29.95
N HIS A 307 -37.34 4.56 29.24
CA HIS A 307 -37.38 5.91 28.70
C HIS A 307 -36.97 5.93 27.24
N ILE A 308 -37.72 6.68 26.43
CA ILE A 308 -37.41 6.79 25.01
C ILE A 308 -36.87 8.14 24.59
N GLU A 309 -35.90 8.10 23.70
CA GLU A 309 -35.26 9.29 23.15
C GLU A 309 -35.33 9.14 21.66
N MET A 310 -35.88 10.14 21.00
CA MET A 310 -36.08 10.10 19.57
C MET A 310 -35.64 11.42 19.01
N SER A 311 -35.09 11.41 17.81
CA SER A 311 -34.82 12.65 17.14
C SER A 311 -35.54 12.57 15.83
N THR A 312 -36.21 13.65 15.46
CA THR A 312 -36.93 13.70 14.20
C THR A 312 -36.21 14.55 13.16
N THR A 313 -35.22 15.33 13.61
CA THR A 313 -34.43 16.17 12.71
C THR A 313 -33.09 15.52 12.34
N GLY A 314 -32.61 14.62 13.18
CA GLY A 314 -31.32 14.05 12.95
C GLY A 314 -31.17 12.74 13.67
N TRP A 315 -30.13 12.65 14.48
CA TRP A 315 -29.81 11.44 15.20
C TRP A 315 -29.89 11.80 16.66
N VAL A 316 -29.70 10.81 17.53
CA VAL A 316 -29.82 11.07 18.95
C VAL A 316 -28.48 11.32 19.63
N GLY A 317 -28.44 12.38 20.44
CA GLY A 317 -27.25 12.77 21.18
C GLY A 317 -26.29 13.44 20.22
N ARG A 318 -25.11 13.81 20.71
CA ARG A 318 -24.12 14.49 19.87
C ARG A 318 -23.34 13.46 19.06
N PHE A 319 -22.69 12.55 19.77
CA PHE A 319 -22.07 11.38 19.13
C PHE A 319 -22.76 10.14 19.61
N ARG A 320 -23.85 10.34 20.35
CA ARG A 320 -24.61 9.23 20.94
C ARG A 320 -25.46 9.70 22.12
N PRO A 321 -26.41 8.87 22.54
CA PRO A 321 -27.17 9.11 23.76
C PRO A 321 -26.30 9.66 24.89
N SER A 322 -26.73 10.77 25.46
CA SER A 322 -26.02 11.40 26.56
C SER A 322 -26.11 10.51 27.78
N GLU A 323 -25.21 10.74 28.71
CA GLU A 323 -25.12 9.89 29.85
C GLU A 323 -25.96 10.49 30.97
N PRO A 324 -26.63 9.64 31.75
CA PRO A 324 -27.43 10.11 32.87
C PRO A 324 -26.58 10.22 34.13
N HIS A 325 -26.90 11.14 35.01
CA HIS A 325 -26.25 11.19 36.30
C HIS A 325 -27.34 10.99 37.36
N PHE A 326 -27.23 9.90 38.12
CA PHE A 326 -28.23 9.56 39.11
C PHE A 326 -27.96 10.22 40.42
N THR A 327 -29.03 10.67 41.10
CA THR A 327 -28.96 11.13 42.49
C THR A 327 -28.74 9.88 43.36
N LEU A 328 -28.14 10.06 44.54
CA LEU A 328 -27.66 8.93 45.36
C LEU A 328 -28.66 7.82 45.57
N ASP A 329 -29.94 8.15 45.59
CA ASP A 329 -30.97 7.18 45.93
C ASP A 329 -31.26 6.22 44.79
N GLY A 330 -30.98 6.67 43.56
CA GLY A 330 -31.12 5.84 42.38
C GLY A 330 -32.50 5.96 41.78
N ASN A 331 -33.23 6.97 42.25
CA ASN A 331 -34.66 7.08 41.94
C ASN A 331 -34.90 8.23 41.00
N SER A 332 -33.90 9.08 40.84
CA SER A 332 -33.98 10.15 39.86
C SER A 332 -32.65 10.36 39.10
N PHE A 333 -32.74 10.92 37.90
CA PHE A 333 -31.54 11.29 37.16
C PHE A 333 -31.68 12.57 36.31
N TYR A 334 -30.53 13.17 36.04
CA TYR A 334 -30.36 14.33 35.20
C TYR A 334 -29.55 13.90 33.99
N LYS A 335 -29.88 14.45 32.80
CA LYS A 335 -29.32 13.96 31.53
C LYS A 335 -29.56 14.97 30.41
N ILE A 336 -28.55 15.18 29.55
CA ILE A 336 -28.64 16.24 28.54
C ILE A 336 -29.52 15.81 27.39
N ILE A 337 -30.45 16.68 27.00
CA ILE A 337 -31.47 16.36 26.01
C ILE A 337 -31.65 17.56 25.06
N SER A 338 -31.87 17.25 23.79
CA SER A 338 -32.26 18.25 22.83
C SER A 338 -33.63 18.79 23.24
N ASN A 339 -33.74 20.08 23.49
CA ASN A 339 -35.04 20.62 23.88
C ASN A 339 -35.91 20.85 22.68
N GLU A 340 -37.13 21.31 22.91
CA GLU A 340 -38.05 21.47 21.79
C GLU A 340 -37.67 22.62 20.85
N GLU A 341 -36.75 23.48 21.28
CA GLU A 341 -36.15 24.50 20.41
C GLU A 341 -34.87 24.01 19.72
N GLY A 342 -34.53 22.74 19.99
CA GLY A 342 -33.36 22.09 19.42
C GLY A 342 -32.03 22.36 20.09
N TYR A 343 -32.03 22.85 21.33
CA TYR A 343 -30.80 23.08 22.09
C TYR A 343 -30.64 22.10 23.26
N ARG A 344 -29.40 21.72 23.53
CA ARG A 344 -29.10 20.68 24.51
C ARG A 344 -29.00 21.22 25.91
N HIS A 345 -29.85 20.73 26.81
CA HIS A 345 -29.98 21.23 28.18
C HIS A 345 -30.16 20.10 29.19
N ILE A 346 -29.87 20.37 30.47
CA ILE A 346 -30.10 19.41 31.53
C ILE A 346 -31.58 19.18 31.76
N CYS A 347 -31.99 17.91 31.72
CA CYS A 347 -33.37 17.51 31.93
C CYS A 347 -33.48 16.63 33.17
N TYR A 348 -34.58 16.78 33.90
CA TYR A 348 -34.78 16.06 35.14
C TYR A 348 -35.79 14.98 34.92
N PHE A 349 -35.39 13.74 35.20
CA PHE A 349 -36.24 12.58 35.04
C PHE A 349 -36.45 11.94 36.40
N GLN A 350 -37.66 11.46 36.64
CA GLN A 350 -37.93 10.62 37.78
C GLN A 350 -38.24 9.23 37.28
N ILE A 351 -37.56 8.26 37.87
CA ILE A 351 -37.47 6.89 37.36
C ILE A 351 -38.78 6.28 36.84
N ASP A 352 -39.85 6.36 37.64
CA ASP A 352 -41.14 5.80 37.23
C ASP A 352 -42.07 6.78 36.53
N LYS A 353 -41.67 8.04 36.39
CA LYS A 353 -42.63 9.06 35.91
C LYS A 353 -42.37 9.61 34.49
N LYS A 354 -43.45 9.99 33.81
CA LYS A 354 -43.38 10.40 32.40
C LYS A 354 -42.61 11.69 32.13
N ASP A 355 -42.31 11.95 30.86
CA ASP A 355 -41.57 13.14 30.43
C ASP A 355 -40.31 13.38 31.26
N CYS A 356 -39.94 14.66 31.35
CA CYS A 356 -38.94 15.18 32.27
C CYS A 356 -39.10 16.70 32.27
N THR A 357 -38.50 17.35 33.27
CA THR A 357 -38.51 18.80 33.36
C THR A 357 -37.15 19.34 33.00
N PHE A 358 -37.13 20.31 32.11
CA PHE A 358 -35.90 21.03 31.80
C PHE A 358 -35.49 22.04 32.89
N ILE A 359 -34.27 21.89 33.43
CA ILE A 359 -33.76 22.76 34.48
C ILE A 359 -32.83 23.88 34.00
N THR A 360 -32.54 23.92 32.71
CA THR A 360 -31.79 25.00 32.05
C THR A 360 -32.41 25.22 30.69
N LYS A 361 -32.28 26.41 30.14
CA LYS A 361 -32.91 26.73 28.86
C LYS A 361 -32.25 27.93 28.22
N GLY A 362 -32.18 27.92 26.90
CA GLY A 362 -31.59 29.04 26.22
C GLY A 362 -31.04 28.73 24.86
N THR A 363 -30.42 29.77 24.31
CA THR A 363 -29.88 29.89 22.97
C THR A 363 -28.38 29.59 23.07
N TRP A 364 -28.06 28.56 23.83
CA TRP A 364 -26.71 28.11 24.09
C TRP A 364 -26.89 26.67 24.58
N GLU A 365 -25.82 25.96 24.91
CA GLU A 365 -25.97 24.52 25.24
C GLU A 365 -25.14 24.07 26.42
N VAL A 366 -25.67 23.12 27.15
CA VAL A 366 -24.88 22.45 28.16
C VAL A 366 -23.89 21.53 27.43
N ILE A 367 -22.63 21.66 27.80
CA ILE A 367 -21.63 20.79 27.25
C ILE A 367 -21.65 19.46 28.03
N GLY A 368 -21.64 19.52 29.36
CA GLY A 368 -21.72 18.33 30.20
C GLY A 368 -22.17 18.62 31.62
N ILE A 369 -22.72 17.59 32.27
CA ILE A 369 -23.03 17.58 33.69
C ILE A 369 -21.77 17.02 34.37
N GLU A 370 -21.30 17.70 35.42
CA GLU A 370 -20.01 17.37 36.01
C GLU A 370 -20.05 16.81 37.43
N ALA A 371 -21.11 17.14 38.16
CA ALA A 371 -21.16 16.94 39.60
C ALA A 371 -22.58 17.07 40.09
N LEU A 372 -22.93 16.17 41.00
CA LEU A 372 -24.26 16.18 41.58
C LEU A 372 -24.16 16.00 43.07
N THR A 373 -24.78 16.92 43.76
CA THR A 373 -24.81 16.85 45.20
C THR A 373 -26.27 16.86 45.60
N SER A 374 -26.48 16.87 46.91
CA SER A 374 -27.80 17.08 47.49
C SER A 374 -28.42 18.46 47.17
N ASP A 375 -27.64 19.54 47.28
CA ASP A 375 -28.16 20.88 47.04
C ASP A 375 -27.95 21.38 45.64
N TYR A 376 -26.87 20.97 44.98
CA TYR A 376 -26.53 21.54 43.67
C TYR A 376 -26.22 20.53 42.57
N LEU A 377 -26.45 20.97 41.33
CA LEU A 377 -25.91 20.32 40.14
C LEU A 377 -24.93 21.27 39.45
N TYR A 378 -23.71 20.77 39.21
CA TYR A 378 -22.67 21.55 38.56
C TYR A 378 -22.48 21.06 37.14
N TYR A 379 -22.22 22.00 36.25
CA TYR A 379 -22.26 21.69 34.83
C TYR A 379 -21.45 22.69 34.03
N ILE A 380 -21.20 22.34 32.77
CA ILE A 380 -20.37 23.19 31.91
C ILE A 380 -21.13 23.59 30.66
N SER A 381 -20.98 24.85 30.26
CA SER A 381 -21.85 25.40 29.26
C SER A 381 -21.10 26.42 28.48
N ASN A 382 -21.65 26.80 27.33
CA ASN A 382 -21.12 27.91 26.57
C ASN A 382 -21.99 29.17 26.63
N GLU A 383 -22.73 29.33 27.71
CA GLU A 383 -23.60 30.49 27.81
C GLU A 383 -22.81 31.78 27.72
N TYR A 384 -21.74 31.85 28.51
CA TYR A 384 -21.03 33.09 28.71
C TYR A 384 -20.80 33.92 27.47
N LYS A 385 -21.51 35.05 27.38
CA LYS A 385 -21.32 36.09 26.38
C LYS A 385 -21.73 35.63 25.00
N GLY A 386 -22.69 34.72 24.96
CA GLY A 386 -23.11 34.11 23.70
C GLY A 386 -21.96 33.58 22.85
N MET A 387 -20.90 33.06 23.51
CA MET A 387 -19.70 32.54 22.82
C MET A 387 -19.68 31.02 22.82
N PRO A 388 -20.02 30.40 21.69
CA PRO A 388 -20.16 28.95 21.63
C PRO A 388 -18.83 28.21 21.63
N GLY A 389 -17.75 28.93 21.31
CA GLY A 389 -16.40 28.40 21.46
C GLY A 389 -15.74 28.60 22.83
N GLY A 390 -16.55 28.93 23.83
CA GLY A 390 -16.05 29.08 25.19
C GLY A 390 -16.77 28.12 26.09
N ARG A 391 -16.26 27.94 27.30
CA ARG A 391 -16.82 26.99 28.24
C ARG A 391 -16.58 27.42 29.70
N ASN A 392 -17.62 27.46 30.52
CA ASN A 392 -17.47 27.80 31.94
C ASN A 392 -18.19 26.81 32.83
N LEU A 393 -17.81 26.75 34.11
CA LEU A 393 -18.47 25.94 35.13
C LEU A 393 -19.66 26.68 35.69
N TYR A 394 -20.72 25.93 35.98
CA TYR A 394 -21.95 26.52 36.47
C TYR A 394 -22.52 25.70 37.62
N LYS A 395 -23.44 26.33 38.36
CA LYS A 395 -24.04 25.81 39.60
C LYS A 395 -25.53 26.10 39.58
N ILE A 396 -26.32 25.06 39.80
CA ILE A 396 -27.77 25.20 39.88
C ILE A 396 -28.22 24.79 41.25
N GLN A 397 -28.96 25.67 41.92
CA GLN A 397 -29.56 25.29 43.20
C GLN A 397 -30.71 24.35 42.85
N LEU A 398 -30.65 23.12 43.35
CA LEU A 398 -31.67 22.15 42.99
C LEU A 398 -33.09 22.52 43.47
N SER A 399 -33.16 23.29 44.55
CA SER A 399 -34.46 23.71 45.08
C SER A 399 -35.09 24.94 44.38
N ASP A 400 -34.33 25.69 43.59
CA ASP A 400 -34.92 26.68 42.69
C ASP A 400 -34.05 26.79 41.44
N TYR A 401 -34.54 26.22 40.35
CA TYR A 401 -33.80 26.20 39.10
C TYR A 401 -33.30 27.58 38.66
N THR A 402 -34.08 28.66 38.86
CA THR A 402 -33.63 29.98 38.38
C THR A 402 -32.39 30.55 39.06
N LYS A 403 -32.01 29.96 40.19
CA LYS A 403 -30.79 30.33 40.93
C LYS A 403 -29.49 29.67 40.39
N VAL A 404 -28.90 30.34 39.41
CA VAL A 404 -27.72 29.83 38.71
C VAL A 404 -26.53 30.74 38.90
N THR A 405 -25.49 30.18 39.48
CA THR A 405 -24.22 30.89 39.70
C THR A 405 -23.13 30.45 38.70
N CYS A 406 -22.52 31.40 37.99
CA CYS A 406 -21.30 31.07 37.25
C CYS A 406 -20.05 30.98 38.12
N LEU A 407 -19.47 29.79 38.20
CA LEU A 407 -18.34 29.58 39.09
C LEU A 407 -17.04 30.10 38.53
N SER A 408 -16.93 30.18 37.21
CA SER A 408 -15.64 30.40 36.60
C SER A 408 -15.53 31.58 35.64
N CYS A 409 -16.67 32.14 35.24
CA CYS A 409 -16.71 33.21 34.24
C CYS A 409 -15.76 34.35 34.54
N GLU A 410 -15.62 34.71 35.81
CA GLU A 410 -14.93 35.96 36.18
C GLU A 410 -13.62 35.74 36.91
N LEU A 411 -13.24 34.49 37.10
CA LEU A 411 -11.97 34.21 37.77
C LEU A 411 -10.79 34.97 37.13
N ASN A 412 -10.57 34.80 35.82
CA ASN A 412 -9.74 35.71 35.00
C ASN A 412 -10.31 35.84 33.61
N PRO A 413 -11.15 36.84 33.41
CA PRO A 413 -11.88 37.00 32.15
C PRO A 413 -11.03 37.17 30.89
N GLU A 414 -9.78 37.59 31.03
CA GLU A 414 -8.94 37.82 29.87
C GLU A 414 -8.11 36.57 29.51
N ARG A 415 -7.59 35.91 30.53
CA ARG A 415 -6.78 34.72 30.38
C ARG A 415 -7.64 33.49 30.14
N CYS A 416 -8.88 33.52 30.63
CA CYS A 416 -9.65 32.29 30.83
C CYS A 416 -11.11 32.33 30.39
N GLN A 417 -11.41 31.66 29.28
CA GLN A 417 -12.79 31.54 28.80
C GLN A 417 -13.05 30.10 28.41
N TYR A 418 -12.17 29.19 28.84
CA TYR A 418 -12.29 27.80 28.44
C TYR A 418 -11.91 26.82 29.53
N TYR A 419 -12.88 26.47 30.37
CA TYR A 419 -12.61 25.58 31.46
C TYR A 419 -13.09 24.19 31.22
N SER A 420 -12.43 23.27 31.92
CA SER A 420 -12.91 21.96 32.30
C SER A 420 -12.66 21.80 33.82
N VAL A 421 -13.23 20.78 34.43
CA VAL A 421 -13.20 20.66 35.88
C VAL A 421 -13.05 19.23 36.35
N SER A 422 -12.48 19.02 37.53
CA SER A 422 -12.40 17.68 38.05
C SER A 422 -12.80 17.69 39.51
N PHE A 423 -14.01 17.22 39.78
CA PHE A 423 -14.53 17.21 41.12
C PHE A 423 -14.04 16.03 41.94
N SER A 424 -13.70 16.31 43.20
CA SER A 424 -13.44 15.30 44.23
C SER A 424 -14.69 14.47 44.48
N LYS A 425 -14.54 13.35 45.20
CA LYS A 425 -15.67 12.49 45.49
C LYS A 425 -16.59 13.19 46.49
N GLU A 426 -17.91 13.08 46.27
CA GLU A 426 -18.89 13.88 47.00
C GLU A 426 -18.79 15.38 46.67
N ALA A 427 -18.13 15.73 45.57
CA ALA A 427 -17.99 17.13 45.11
C ALA A 427 -17.47 18.20 46.10
N LYS A 428 -16.83 17.79 47.19
CA LYS A 428 -16.31 18.74 48.18
C LYS A 428 -15.30 19.75 47.59
N TYR A 429 -14.53 19.33 46.58
CA TYR A 429 -13.53 20.18 45.92
C TYR A 429 -13.52 20.00 44.41
N TYR A 430 -12.96 20.99 43.74
CA TYR A 430 -12.73 20.87 42.32
C TYR A 430 -11.50 21.58 41.85
N GLN A 431 -10.82 20.96 40.88
CA GLN A 431 -9.72 21.55 40.16
C GLN A 431 -10.28 22.20 38.92
N LEU A 432 -10.15 23.52 38.82
CA LEU A 432 -10.51 24.15 37.58
C LEU A 432 -9.27 24.10 36.71
N ARG A 433 -9.49 23.80 35.45
CA ARG A 433 -8.40 23.70 34.51
C ARG A 433 -8.84 24.62 33.37
N CYS A 434 -8.12 25.74 33.25
CA CYS A 434 -8.34 26.71 32.19
C CYS A 434 -7.44 26.43 30.98
N SER A 435 -8.02 26.31 29.79
CA SER A 435 -7.21 26.10 28.60
C SER A 435 -6.95 27.36 27.74
N GLY A 436 -7.59 28.50 27.99
CA GLY A 436 -7.34 29.64 27.10
C GLY A 436 -8.33 30.77 27.15
N PRO A 437 -8.16 31.85 26.38
CA PRO A 437 -7.13 32.00 25.36
C PRO A 437 -5.69 32.25 25.83
N GLY A 438 -5.50 32.61 27.09
CA GLY A 438 -4.13 32.76 27.60
C GLY A 438 -3.60 31.43 28.04
N LEU A 439 -2.43 31.41 28.65
CA LEU A 439 -1.84 30.14 29.05
C LEU A 439 -2.68 29.43 30.10
N PRO A 440 -2.68 28.10 30.06
CA PRO A 440 -3.45 27.29 31.01
C PRO A 440 -3.09 27.61 32.44
N LEU A 441 -4.14 27.70 33.25
CA LEU A 441 -4.11 27.97 34.68
C LEU A 441 -4.75 26.76 35.30
N TYR A 442 -4.31 26.39 36.48
CA TYR A 442 -4.84 25.22 37.16
C TYR A 442 -5.01 25.63 38.60
N THR A 443 -6.25 25.59 39.07
CA THR A 443 -6.58 26.14 40.38
C THR A 443 -7.46 25.15 41.12
N LEU A 444 -7.29 25.09 42.44
CA LEU A 444 -8.13 24.25 43.29
C LEU A 444 -9.11 25.10 44.08
N HIS A 445 -10.35 24.58 44.20
CA HIS A 445 -11.44 25.29 44.86
C HIS A 445 -12.19 24.41 45.82
N SER A 446 -12.99 25.04 46.69
CA SER A 446 -13.82 24.31 47.66
C SER A 446 -15.28 24.68 47.51
N SER A 447 -16.11 23.64 47.41
CA SER A 447 -17.52 23.75 47.03
C SER A 447 -18.41 24.45 48.05
N VAL A 448 -18.12 24.22 49.33
CA VAL A 448 -18.78 24.89 50.46
C VAL A 448 -19.17 26.35 50.16
N ASN A 449 -18.16 27.18 49.85
CA ASN A 449 -18.33 28.62 49.62
C ASN A 449 -17.69 29.08 48.31
N ASP A 450 -17.34 28.14 47.44
CA ASP A 450 -16.65 28.44 46.17
C ASP A 450 -15.35 29.28 46.31
N LYS A 451 -14.64 29.06 47.43
CA LYS A 451 -13.35 29.69 47.77
C LYS A 451 -12.21 29.13 46.91
N GLY A 452 -11.27 30.00 46.55
CA GLY A 452 -10.13 29.59 45.75
C GLY A 452 -8.96 29.20 46.64
N LEU A 453 -8.81 27.90 46.89
CA LEU A 453 -7.80 27.42 47.83
C LEU A 453 -6.37 27.79 47.48
N ARG A 454 -5.97 27.65 46.21
CA ARG A 454 -4.58 27.86 45.80
C ARG A 454 -4.44 27.73 44.29
N VAL A 455 -3.50 28.48 43.72
CA VAL A 455 -3.12 28.26 42.32
C VAL A 455 -2.22 26.98 42.29
N LEU A 456 -2.61 25.96 41.52
CA LEU A 456 -1.84 24.72 41.42
C LEU A 456 -0.73 24.76 40.37
N GLU A 457 -1.01 25.41 39.24
CA GLU A 457 -0.01 25.61 38.19
C GLU A 457 -0.44 26.75 37.26
N ASP A 458 0.46 27.70 37.05
CA ASP A 458 0.12 28.92 36.30
C ASP A 458 0.92 29.11 35.02
N ASN A 459 1.72 28.11 34.70
CA ASN A 459 2.51 28.07 33.46
C ASN A 459 3.44 29.26 33.26
N SER A 460 4.01 29.72 34.38
CA SER A 460 4.80 30.95 34.43
C SER A 460 6.13 30.77 33.72
N ALA A 461 6.70 29.58 33.90
CA ALA A 461 7.91 29.12 33.21
C ALA A 461 7.78 29.22 31.69
N LEU A 462 6.66 28.78 31.14
CA LEU A 462 6.37 29.02 29.74
C LEU A 462 6.16 30.51 29.45
N ASP A 463 5.36 31.20 30.28
CA ASP A 463 5.02 32.59 30.01
C ASP A 463 6.23 33.45 29.70
N LYS A 464 7.22 33.39 30.59
CA LYS A 464 8.49 34.07 30.38
C LYS A 464 9.20 33.61 29.10
N MET A 465 9.26 32.31 28.83
CA MET A 465 9.90 31.89 27.58
C MET A 465 9.27 32.56 26.37
N LEU A 466 7.96 32.49 26.26
CA LEU A 466 7.24 33.02 25.10
C LEU A 466 7.33 34.52 24.94
N GLN A 467 7.62 35.23 26.03
CA GLN A 467 7.80 36.67 25.94
C GLN A 467 8.89 36.92 24.95
N ASN A 468 9.77 35.93 24.80
CA ASN A 468 10.90 36.08 23.88
C ASN A 468 10.73 35.49 22.48
N VAL A 469 9.53 35.01 22.20
CA VAL A 469 9.17 34.61 20.85
C VAL A 469 8.19 35.61 20.25
N GLN A 470 8.33 35.85 18.94
CA GLN A 470 7.39 36.67 18.19
C GLN A 470 6.14 35.84 17.96
N MET A 471 5.35 35.72 19.01
CA MET A 471 4.20 34.84 19.01
C MET A 471 3.09 35.38 18.12
N PRO A 472 2.33 34.47 17.50
CA PRO A 472 1.18 34.89 16.71
C PRO A 472 0.03 35.26 17.66
N SER A 473 -1.02 35.90 17.16
CA SER A 473 -2.19 36.16 17.99
C SER A 473 -3.42 35.48 17.37
N LYS A 474 -4.38 35.16 18.24
CA LYS A 474 -5.60 34.51 17.81
C LYS A 474 -6.81 35.47 17.78
N LYS A 475 -7.47 35.61 16.63
CA LYS A 475 -8.74 36.39 16.51
C LYS A 475 -9.91 35.41 16.47
N LEU A 476 -10.87 35.59 17.38
CA LEU A 476 -12.11 34.82 17.43
C LEU A 476 -13.32 35.72 17.08
N ASP A 477 -13.94 35.51 15.93
CA ASP A 477 -15.14 36.27 15.59
C ASP A 477 -16.18 35.42 14.91
N PHE A 478 -16.95 36.01 14.03
CA PHE A 478 -18.06 35.29 13.42
C PHE A 478 -18.48 36.11 12.24
N ILE A 479 -19.22 35.49 11.33
CA ILE A 479 -19.82 36.17 10.18
C ILE A 479 -21.25 35.68 10.08
N ILE A 480 -22.07 36.38 9.32
CA ILE A 480 -23.48 36.03 9.13
C ILE A 480 -23.69 35.53 7.71
N LEU A 481 -24.12 34.28 7.56
CA LEU A 481 -24.35 33.73 6.21
C LEU A 481 -25.80 33.87 5.72
N ASN A 482 -26.76 33.38 6.49
CA ASN A 482 -28.14 33.76 6.19
C ASN A 482 -28.52 34.89 7.15
N GLU A 483 -29.17 34.54 8.25
CA GLU A 483 -29.31 35.43 9.39
C GLU A 483 -28.77 34.64 10.56
N THR A 484 -27.70 33.89 10.27
CA THR A 484 -27.07 33.05 11.27
C THR A 484 -25.63 33.42 11.49
N LYS A 485 -25.25 33.42 12.76
CA LYS A 485 -23.86 33.58 13.19
C LYS A 485 -23.13 32.26 13.06
N PHE A 486 -22.03 32.27 12.30
CA PHE A 486 -21.11 31.13 12.27
C PHE A 486 -19.75 31.66 12.67
N TRP A 487 -19.10 30.97 13.58
CA TRP A 487 -17.91 31.51 14.16
C TRP A 487 -16.66 31.00 13.48
N TYR A 488 -15.71 31.90 13.28
CA TYR A 488 -14.42 31.51 12.75
C TYR A 488 -13.34 31.93 13.70
N GLN A 489 -12.12 31.60 13.30
CA GLN A 489 -10.95 31.85 14.11
C GLN A 489 -9.84 32.09 13.10
N MET A 490 -8.87 32.91 13.48
CA MET A 490 -7.70 33.17 12.67
C MET A 490 -6.48 33.17 13.58
N ILE A 491 -5.44 32.43 13.21
CA ILE A 491 -4.15 32.60 13.85
C ILE A 491 -3.41 33.62 13.02
N LEU A 492 -3.04 34.75 13.64
CA LEU A 492 -2.52 35.91 12.91
C LEU A 492 -1.05 36.14 13.18
N PRO A 493 -0.33 36.45 12.11
CA PRO A 493 1.11 36.75 12.17
C PRO A 493 1.47 37.85 13.17
N PRO A 494 2.56 37.70 13.91
CA PRO A 494 3.01 38.73 14.84
C PRO A 494 3.22 40.02 14.05
N HIS A 495 3.26 41.15 14.74
CA HIS A 495 3.29 42.45 14.06
C HIS A 495 2.30 42.47 12.88
N PHE A 496 1.11 41.91 13.09
CA PHE A 496 0.08 41.90 12.05
C PHE A 496 -0.21 43.31 11.52
N ASP A 497 -0.23 43.46 10.19
CA ASP A 497 -0.52 44.75 9.55
C ASP A 497 -1.73 44.71 8.62
N LYS A 498 -2.89 45.10 9.16
CA LYS A 498 -4.18 45.00 8.46
C LYS A 498 -4.20 45.68 7.07
N SER A 499 -3.11 46.33 6.69
CA SER A 499 -2.97 46.89 5.34
C SER A 499 -1.94 46.17 4.46
N LYS A 500 -1.51 44.98 4.89
CA LYS A 500 -0.68 44.11 4.06
C LYS A 500 -1.57 42.96 3.63
N LYS A 501 -1.19 42.22 2.58
CA LYS A 501 -2.02 41.11 2.11
C LYS A 501 -1.38 39.75 2.34
N TYR A 502 -1.98 38.97 3.25
CA TYR A 502 -1.37 37.75 3.77
C TYR A 502 -1.95 36.45 3.19
N PRO A 503 -1.07 35.48 2.89
CA PRO A 503 -1.50 34.15 2.42
C PRO A 503 -2.40 33.52 3.46
N LEU A 504 -3.42 32.79 3.01
CA LEU A 504 -4.34 32.18 3.94
C LEU A 504 -4.42 30.65 3.83
N LEU A 505 -4.14 29.95 4.92
CA LEU A 505 -4.39 28.51 4.96
C LEU A 505 -5.66 28.27 5.76
N LEU A 506 -6.67 27.71 5.10
CA LEU A 506 -7.93 27.32 5.73
C LEU A 506 -7.77 25.89 6.25
N ASP A 507 -7.83 25.77 7.57
CA ASP A 507 -7.56 24.55 8.31
C ASP A 507 -8.86 23.82 8.72
N VAL A 508 -9.31 22.89 7.88
CA VAL A 508 -10.64 22.32 7.99
C VAL A 508 -10.69 21.06 8.83
N TYR A 509 -11.80 20.91 9.54
CA TYR A 509 -12.25 19.63 9.99
C TYR A 509 -13.70 19.49 9.54
N ALA A 510 -14.60 20.11 10.30
CA ALA A 510 -15.97 20.40 9.86
C ALA A 510 -16.83 19.17 9.75
N GLY A 511 -16.62 18.21 10.65
CA GLY A 511 -17.44 17.01 10.70
C GLY A 511 -18.64 17.30 11.58
N PRO A 512 -19.59 16.35 11.72
CA PRO A 512 -20.82 16.63 12.47
C PRO A 512 -20.48 16.86 13.93
N CYS A 513 -20.96 17.97 14.51
CA CYS A 513 -20.69 18.34 15.92
C CYS A 513 -19.24 18.76 16.19
N SER A 514 -18.61 19.40 15.23
CA SER A 514 -17.23 19.81 15.46
C SER A 514 -17.18 21.30 15.74
N GLN A 515 -16.06 21.72 16.33
CA GLN A 515 -15.82 23.09 16.67
C GLN A 515 -14.35 23.38 16.42
N LYS A 516 -14.08 24.15 15.39
CA LYS A 516 -12.72 24.55 15.10
C LYS A 516 -12.44 26.01 15.48
N ALA A 517 -13.50 26.76 15.74
CA ALA A 517 -13.38 28.13 16.22
C ALA A 517 -13.71 28.16 17.71
N ASP A 518 -12.66 28.16 18.54
CA ASP A 518 -12.79 28.33 19.98
C ASP A 518 -11.75 29.23 20.62
N THR A 519 -11.79 29.33 21.95
CA THR A 519 -10.81 30.10 22.73
C THR A 519 -9.68 29.25 23.35
N VAL A 520 -9.41 28.05 22.83
CA VAL A 520 -8.35 27.25 23.44
C VAL A 520 -6.96 27.78 23.01
N PHE A 521 -6.01 27.76 23.92
CA PHE A 521 -4.66 28.13 23.59
C PHE A 521 -3.88 26.91 23.12
N ARG A 522 -3.30 26.99 21.92
CA ARG A 522 -2.51 25.87 21.39
C ARG A 522 -1.13 26.28 20.85
N LEU A 523 -0.15 25.41 21.04
CA LEU A 523 1.14 25.51 20.37
C LEU A 523 1.28 24.34 19.40
N ASN A 524 1.20 24.63 18.10
CA ASN A 524 1.01 23.61 17.07
C ASN A 524 1.53 24.11 15.72
N TRP A 525 1.13 23.46 14.64
CA TRP A 525 1.70 23.74 13.34
C TRP A 525 1.32 25.13 12.88
N ALA A 526 0.03 25.48 12.99
CA ALA A 526 -0.44 26.81 12.58
C ALA A 526 0.33 27.92 13.32
N THR A 527 0.74 27.63 14.57
CA THR A 527 1.61 28.51 15.36
C THR A 527 2.91 28.78 14.63
N TYR A 528 3.52 27.70 14.14
CA TYR A 528 4.71 27.86 13.31
C TYR A 528 4.36 28.61 12.00
N LEU A 529 3.37 28.15 11.28
CA LEU A 529 2.98 28.79 10.01
C LEU A 529 2.75 30.30 10.14
N ALA A 530 2.19 30.72 11.26
CA ALA A 530 1.86 32.10 11.49
C ALA A 530 3.06 32.90 11.92
N SER A 531 3.78 32.41 12.93
CA SER A 531 4.93 33.14 13.48
C SER A 531 6.16 33.16 12.54
N THR A 532 6.58 32.01 12.03
CA THR A 532 7.73 31.92 11.13
C THR A 532 7.40 32.26 9.66
N GLU A 533 6.25 31.84 9.12
CA GLU A 533 5.95 32.01 7.69
C GLU A 533 5.01 33.17 7.33
N ASN A 534 4.50 33.84 8.37
CA ASN A 534 3.54 34.93 8.21
C ASN A 534 2.39 34.52 7.34
N ILE A 535 1.96 33.27 7.54
CA ILE A 535 0.72 32.78 6.94
C ILE A 535 -0.41 32.96 7.95
N ILE A 536 -1.58 33.40 7.48
CA ILE A 536 -2.78 33.40 8.32
C ILE A 536 -3.44 32.03 8.29
N VAL A 537 -3.66 31.42 9.46
CA VAL A 537 -4.45 30.20 9.47
C VAL A 537 -5.81 30.43 10.04
N ALA A 538 -6.80 30.06 9.26
CA ALA A 538 -8.17 30.31 9.60
C ALA A 538 -8.89 28.97 9.71
N SER A 539 -9.71 28.80 10.74
CA SER A 539 -10.64 27.69 10.82
C SER A 539 -12.05 28.26 10.89
N PHE A 540 -13.04 27.53 10.38
CA PHE A 540 -14.43 28.02 10.36
C PHE A 540 -15.46 26.94 10.65
N ASP A 541 -16.44 27.27 11.50
CA ASP A 541 -17.55 26.40 11.89
C ASP A 541 -18.88 26.74 11.21
N GLY A 542 -19.17 26.05 10.11
CA GLY A 542 -20.39 26.24 9.35
C GLY A 542 -21.45 25.25 9.72
N ARG A 543 -22.30 24.88 8.77
CA ARG A 543 -23.34 23.88 9.02
C ARG A 543 -22.76 22.52 9.44
N GLY A 544 -23.52 21.79 10.25
CA GLY A 544 -23.11 20.50 10.75
C GLY A 544 -22.27 20.62 12.00
N SER A 545 -21.73 21.82 12.24
CA SER A 545 -20.88 22.03 13.40
C SER A 545 -21.70 21.96 14.69
N GLY A 546 -21.04 21.93 15.83
CA GLY A 546 -21.74 21.72 17.08
C GLY A 546 -21.87 22.85 18.12
N TYR A 547 -22.64 22.52 19.17
CA TYR A 547 -22.77 23.34 20.35
C TYR A 547 -23.47 24.66 20.07
N GLN A 548 -24.18 24.72 18.94
CA GLN A 548 -25.06 25.86 18.62
C GLN A 548 -26.46 25.33 18.33
N GLY A 549 -26.80 24.19 18.94
CA GLY A 549 -28.11 23.61 18.76
C GLY A 549 -28.29 22.90 17.43
N ASP A 550 -29.46 22.32 17.25
CA ASP A 550 -29.77 21.41 16.15
C ASP A 550 -30.04 21.97 14.79
N LYS A 551 -30.53 23.20 14.67
CA LYS A 551 -30.79 23.69 13.32
C LYS A 551 -29.46 23.56 12.54
N ILE A 552 -28.39 24.05 13.17
CA ILE A 552 -27.03 23.95 12.63
C ILE A 552 -26.44 22.51 12.67
N MET A 553 -26.47 21.85 13.82
CA MET A 553 -25.87 20.51 13.85
C MET A 553 -26.52 19.49 12.91
N HIS A 554 -27.85 19.54 12.79
CA HIS A 554 -28.60 18.57 12.01
C HIS A 554 -28.78 18.98 10.56
N ALA A 555 -28.19 20.09 10.14
CA ALA A 555 -28.41 20.60 8.80
C ALA A 555 -27.81 19.64 7.77
N ILE A 556 -26.88 18.84 8.26
CA ILE A 556 -26.03 17.96 7.46
C ILE A 556 -26.50 16.47 7.42
N ASN A 557 -27.51 16.16 8.23
CA ASN A 557 -28.14 14.84 8.34
C ASN A 557 -28.49 14.23 6.96
N ARG A 558 -28.06 12.99 6.73
CA ARG A 558 -28.21 12.31 5.43
C ARG A 558 -27.54 13.06 4.26
N ARG A 559 -26.61 13.94 4.59
CA ARG A 559 -26.18 14.91 3.60
C ARG A 559 -24.69 15.22 3.64
N LEU A 560 -23.90 14.40 4.33
CA LEU A 560 -22.44 14.62 4.42
C LEU A 560 -21.79 15.01 3.09
N GLY A 561 -20.86 15.96 3.16
CA GLY A 561 -20.23 16.44 1.95
C GLY A 561 -21.11 17.38 1.15
N THR A 562 -22.11 17.99 1.78
CA THR A 562 -22.85 19.06 1.09
C THR A 562 -22.61 20.46 1.72
N PHE A 563 -23.52 20.87 2.60
CA PHE A 563 -23.51 22.13 3.31
C PHE A 563 -22.20 22.48 4.00
N GLU A 564 -21.57 21.50 4.65
CA GLU A 564 -20.33 21.77 5.37
C GLU A 564 -19.23 22.08 4.36
N VAL A 565 -19.28 21.41 3.23
CA VAL A 565 -18.32 21.68 2.18
C VAL A 565 -18.64 23.06 1.60
N GLU A 566 -19.89 23.30 1.26
CA GLU A 566 -20.26 24.61 0.70
C GLU A 566 -19.79 25.75 1.58
N ASP A 567 -19.95 25.59 2.91
CA ASP A 567 -19.78 26.65 3.89
C ASP A 567 -18.35 27.10 4.10
N GLN A 568 -17.43 26.13 4.14
CA GLN A 568 -15.99 26.38 4.02
C GLN A 568 -15.62 27.28 2.84
N ILE A 569 -16.24 27.04 1.69
CA ILE A 569 -15.92 27.82 0.49
C ILE A 569 -16.41 29.27 0.62
N GLU A 570 -17.69 29.40 0.96
CA GLU A 570 -18.38 30.67 1.17
C GLU A 570 -17.56 31.48 2.17
N ALA A 571 -16.96 30.76 3.13
CA ALA A 571 -16.21 31.38 4.22
C ALA A 571 -14.88 31.91 3.73
N ALA A 572 -14.27 31.17 2.81
CA ALA A 572 -12.99 31.55 2.28
C ALA A 572 -13.31 32.77 1.45
N ARG A 573 -14.39 32.69 0.71
CA ARG A 573 -14.91 33.81 -0.08
C ARG A 573 -15.06 35.06 0.76
N GLN A 574 -15.60 34.92 1.97
CA GLN A 574 -15.69 36.05 2.89
C GLN A 574 -14.32 36.54 3.37
N PHE A 575 -13.35 35.63 3.47
CA PHE A 575 -11.99 36.03 3.85
C PHE A 575 -11.34 36.82 2.71
N SER A 576 -11.58 36.37 1.48
CA SER A 576 -11.13 37.07 0.28
C SER A 576 -11.40 38.56 0.42
N LYS A 577 -12.68 38.93 0.55
CA LYS A 577 -13.14 40.32 0.70
C LYS A 577 -12.25 41.17 1.61
N MET A 578 -12.03 40.71 2.84
CA MET A 578 -11.22 41.45 3.83
C MET A 578 -9.80 41.77 3.28
N GLY A 579 -9.41 43.06 3.34
CA GLY A 579 -8.23 43.53 2.64
C GLY A 579 -6.87 43.18 3.24
N PHE A 580 -6.80 42.03 3.90
CA PHE A 580 -5.51 41.57 4.41
C PHE A 580 -5.24 40.11 4.04
N VAL A 581 -6.01 39.63 3.06
CA VAL A 581 -5.90 38.27 2.63
C VAL A 581 -5.66 38.37 1.16
N ASP A 582 -4.54 37.79 0.74
CA ASP A 582 -4.17 37.70 -0.67
C ASP A 582 -4.92 36.52 -1.34
N ASN A 583 -5.85 36.84 -2.24
CA ASN A 583 -6.71 35.79 -2.83
C ASN A 583 -6.10 34.96 -3.96
N LYS A 584 -4.89 35.29 -4.40
CA LYS A 584 -4.12 34.38 -5.26
C LYS A 584 -3.51 33.25 -4.40
N ARG A 585 -3.53 33.43 -3.09
CA ARG A 585 -2.82 32.54 -2.20
C ARG A 585 -3.67 32.06 -1.05
N ILE A 586 -4.78 31.39 -1.39
CA ILE A 586 -5.60 30.64 -0.41
C ILE A 586 -5.41 29.12 -0.55
N ALA A 587 -5.16 28.46 0.57
CA ALA A 587 -5.00 27.03 0.58
C ALA A 587 -5.89 26.41 1.62
N ILE A 588 -6.12 25.11 1.48
CA ILE A 588 -6.93 24.36 2.42
C ILE A 588 -6.21 23.07 2.84
N TRP A 589 -6.34 22.72 4.12
CA TRP A 589 -5.86 21.45 4.55
C TRP A 589 -6.72 20.82 5.62
N GLY A 590 -6.58 19.49 5.74
CA GLY A 590 -7.24 18.74 6.78
C GLY A 590 -6.91 17.26 6.88
N TRP A 591 -7.20 16.73 8.06
CA TRP A 591 -6.96 15.36 8.42
C TRP A 591 -8.28 14.63 8.74
N SER A 592 -8.40 13.32 8.39
CA SER A 592 -9.60 12.48 8.71
C SER A 592 -10.84 13.15 8.01
N TYR A 593 -11.86 13.59 8.74
CA TYR A 593 -12.97 14.31 8.13
C TYR A 593 -12.54 15.56 7.36
N GLY A 594 -11.54 16.28 7.87
CA GLY A 594 -11.09 17.51 7.25
C GLY A 594 -10.31 17.27 5.97
N GLY A 595 -9.66 16.10 5.90
CA GLY A 595 -9.03 15.60 4.68
C GLY A 595 -10.03 15.31 3.57
N TYR A 596 -11.15 14.67 3.94
CA TYR A 596 -12.30 14.54 3.09
C TYR A 596 -12.93 15.91 2.66
N VAL A 597 -13.17 16.81 3.61
CA VAL A 597 -13.78 18.11 3.27
C VAL A 597 -12.91 18.91 2.31
N THR A 598 -11.60 18.90 2.55
CA THR A 598 -10.64 19.54 1.67
C THR A 598 -10.71 19.06 0.21
N SER A 599 -10.65 17.74 0.05
CA SER A 599 -10.65 17.14 -1.26
C SER A 599 -11.92 17.56 -1.96
N MET A 600 -13.04 17.39 -1.25
CA MET A 600 -14.37 17.78 -1.75
C MET A 600 -14.42 19.24 -2.22
N VAL A 601 -13.91 20.14 -1.37
CA VAL A 601 -13.71 21.54 -1.76
C VAL A 601 -12.84 21.64 -3.02
N LEU A 602 -11.55 21.37 -2.88
CA LEU A 602 -10.62 21.26 -4.02
C LEU A 602 -11.24 20.83 -5.36
N GLY A 603 -11.90 19.66 -5.36
CA GLY A 603 -12.61 19.23 -6.55
C GLY A 603 -14.00 19.84 -6.81
N SER A 604 -14.31 21.00 -6.24
CA SER A 604 -15.62 21.63 -6.46
C SER A 604 -15.61 22.61 -7.60
N GLY A 605 -14.44 23.11 -7.95
CA GLY A 605 -14.28 24.06 -9.04
C GLY A 605 -14.76 25.46 -8.67
N SER A 606 -14.49 25.86 -7.44
CA SER A 606 -14.91 27.15 -6.91
C SER A 606 -13.94 28.24 -7.38
N GLY A 607 -12.70 27.83 -7.61
CA GLY A 607 -11.63 28.75 -7.97
C GLY A 607 -11.09 29.53 -6.80
N VAL A 608 -11.67 29.39 -5.62
CA VAL A 608 -11.15 30.08 -4.44
C VAL A 608 -9.74 29.63 -4.00
N PHE A 609 -9.45 28.33 -4.14
CA PHE A 609 -8.22 27.78 -3.59
C PHE A 609 -7.15 27.45 -4.61
N LYS A 610 -5.92 27.83 -4.29
CA LYS A 610 -4.76 27.61 -5.17
C LYS A 610 -4.33 26.15 -5.13
N CYS A 611 -4.33 25.58 -3.93
CA CYS A 611 -3.89 24.23 -3.61
C CYS A 611 -4.48 23.88 -2.25
N GLY A 612 -4.10 22.70 -1.75
CA GLY A 612 -4.58 22.11 -0.51
C GLY A 612 -3.96 20.71 -0.24
N ILE A 613 -3.90 20.34 1.04
CA ILE A 613 -3.35 19.09 1.49
C ILE A 613 -4.44 18.30 2.15
N ALA A 614 -4.49 17.00 1.88
CA ALA A 614 -5.42 16.13 2.58
C ALA A 614 -4.75 14.88 3.14
N VAL A 615 -4.81 14.71 4.46
CA VAL A 615 -4.13 13.62 5.16
C VAL A 615 -5.16 12.60 5.63
N ALA A 616 -4.86 11.31 5.38
CA ALA A 616 -5.79 10.21 5.63
C ALA A 616 -7.29 10.58 5.44
N PRO A 617 -7.66 11.04 4.25
CA PRO A 617 -9.00 11.61 4.03
C PRO A 617 -10.02 10.51 3.83
N VAL A 618 -11.28 10.71 4.23
CA VAL A 618 -12.33 9.78 3.79
C VAL A 618 -12.60 10.15 2.34
N SER A 619 -12.98 9.18 1.51
CA SER A 619 -13.24 9.46 0.08
C SER A 619 -14.61 9.01 -0.39
N ARG A 620 -15.23 8.10 0.36
CA ARG A 620 -16.45 7.41 -0.04
C ARG A 620 -16.97 6.67 1.20
N TRP A 621 -18.17 7.05 1.64
CA TRP A 621 -18.71 6.70 2.95
C TRP A 621 -18.97 5.22 3.12
N GLU A 622 -19.21 4.53 2.01
CA GLU A 622 -19.26 3.07 2.04
C GLU A 622 -17.95 2.42 2.55
N TYR A 623 -16.82 3.14 2.48
CA TYR A 623 -15.55 2.58 2.98
C TYR A 623 -15.35 2.71 4.49
N TYR A 624 -16.20 3.49 5.15
CA TYR A 624 -15.98 3.83 6.54
C TYR A 624 -16.92 3.01 7.36
N ASP A 625 -16.72 2.96 8.67
CA ASP A 625 -17.47 2.05 9.50
C ASP A 625 -18.92 2.46 9.67
N SER A 626 -19.69 1.51 10.16
CA SER A 626 -21.12 1.55 10.13
C SER A 626 -21.65 2.45 11.25
N VAL A 627 -21.07 2.38 12.43
CA VAL A 627 -21.59 3.17 13.55
C VAL A 627 -21.57 4.68 13.29
N TYR A 628 -20.43 5.18 12.83
CA TYR A 628 -20.29 6.60 12.50
C TYR A 628 -21.07 6.99 11.26
N THR A 629 -20.87 6.23 10.19
CA THR A 629 -21.37 6.65 8.90
C THR A 629 -22.89 6.70 8.95
N GLU A 630 -23.48 5.58 9.35
CA GLU A 630 -24.92 5.43 9.25
C GLU A 630 -25.61 6.38 10.19
N ARG A 631 -24.86 6.83 11.20
CA ARG A 631 -25.38 7.79 12.14
C ARG A 631 -25.79 9.11 11.42
N TYR A 632 -25.10 9.43 10.34
CA TYR A 632 -25.34 10.68 9.64
C TYR A 632 -25.99 10.40 8.30
N MET A 633 -25.79 9.16 7.84
CA MET A 633 -25.96 8.85 6.42
C MET A 633 -27.09 7.88 6.13
N GLY A 634 -27.65 7.27 7.18
CA GLY A 634 -28.55 6.17 6.97
C GLY A 634 -27.80 5.02 6.29
N LEU A 635 -28.56 4.10 5.68
CA LEU A 635 -27.97 2.89 5.08
C LEU A 635 -27.73 3.08 3.58
N PRO A 636 -26.68 2.43 3.05
CA PRO A 636 -26.31 2.57 1.62
C PRO A 636 -27.14 1.71 0.66
N THR A 637 -28.37 1.38 1.05
CA THR A 637 -29.34 0.66 0.20
C THR A 637 -30.25 1.61 -0.64
N PRO A 638 -30.79 1.13 -1.77
CA PRO A 638 -31.62 1.99 -2.65
C PRO A 638 -32.85 2.58 -1.98
N GLU A 639 -33.52 1.81 -1.12
CA GLU A 639 -34.68 2.27 -0.39
C GLU A 639 -34.36 3.35 0.69
N ASP A 640 -33.12 3.36 1.18
CA ASP A 640 -32.73 4.33 2.19
C ASP A 640 -32.01 5.57 1.57
N ASN A 641 -30.66 5.56 1.58
CA ASN A 641 -29.86 6.72 1.17
C ASN A 641 -28.72 6.45 0.17
N LEU A 642 -28.83 5.36 -0.58
CA LEU A 642 -27.81 5.08 -1.58
C LEU A 642 -27.48 6.29 -2.50
N ASP A 643 -28.46 7.13 -2.82
CA ASP A 643 -28.22 8.21 -3.81
C ASP A 643 -27.17 9.18 -3.32
N HIS A 644 -27.28 9.62 -2.08
CA HIS A 644 -26.26 10.50 -1.52
C HIS A 644 -24.92 9.82 -1.16
N TYR A 645 -24.90 8.51 -0.90
CA TYR A 645 -23.62 7.83 -0.72
C TYR A 645 -22.81 7.97 -2.00
N ARG A 646 -23.50 7.89 -3.16
CA ARG A 646 -22.91 7.91 -4.50
C ARG A 646 -22.66 9.31 -5.08
N ASN A 647 -23.32 10.32 -4.55
CA ASN A 647 -23.27 11.70 -5.08
C ASN A 647 -22.17 12.48 -4.33
N SER A 648 -21.61 11.84 -3.29
CA SER A 648 -20.69 12.47 -2.36
C SER A 648 -19.36 11.74 -2.14
N THR A 649 -18.78 11.22 -3.24
CA THR A 649 -17.43 10.69 -3.17
C THR A 649 -16.47 11.77 -3.66
N VAL A 650 -15.25 11.71 -3.14
CA VAL A 650 -14.12 12.45 -3.68
C VAL A 650 -13.88 12.07 -5.13
N MET A 651 -14.05 10.79 -5.46
CA MET A 651 -13.79 10.31 -6.82
C MET A 651 -14.57 11.01 -7.94
N SER A 652 -15.85 11.26 -7.68
CA SER A 652 -16.74 11.87 -8.69
C SER A 652 -16.36 13.31 -9.04
N ARG A 653 -15.38 13.87 -8.33
CA ARG A 653 -14.97 15.23 -8.55
C ARG A 653 -13.63 15.36 -9.29
N ALA A 654 -12.99 14.21 -9.57
CA ALA A 654 -11.62 14.17 -10.10
C ALA A 654 -11.32 15.22 -11.18
N GLU A 655 -12.15 15.30 -12.22
CA GLU A 655 -11.91 16.26 -13.29
C GLU A 655 -11.59 17.67 -12.79
N ASN A 656 -12.17 18.06 -11.65
CA ASN A 656 -12.00 19.43 -11.16
C ASN A 656 -10.66 19.73 -10.51
N PHE A 657 -9.93 18.69 -10.14
CA PHE A 657 -8.63 18.88 -9.54
C PHE A 657 -7.59 19.37 -10.52
N LYS A 658 -7.90 19.37 -11.81
CA LYS A 658 -6.98 19.92 -12.80
C LYS A 658 -6.66 21.35 -12.41
N GLN A 659 -7.59 21.98 -11.69
CA GLN A 659 -7.56 23.43 -11.42
C GLN A 659 -6.66 23.83 -10.23
N VAL A 660 -6.25 22.84 -9.44
CA VAL A 660 -5.62 23.11 -8.15
C VAL A 660 -4.39 22.23 -7.98
N GLU A 661 -3.57 22.48 -6.96
CA GLU A 661 -2.48 21.57 -6.66
C GLU A 661 -2.77 20.73 -5.41
N TYR A 662 -2.80 19.42 -5.58
CA TYR A 662 -3.28 18.55 -4.51
C TYR A 662 -2.09 17.81 -3.87
N LEU A 663 -2.13 17.69 -2.54
CA LEU A 663 -1.25 16.84 -1.80
C LEU A 663 -2.08 15.82 -1.04
N LEU A 664 -1.75 14.55 -1.26
CA LEU A 664 -2.53 13.47 -0.72
C LEU A 664 -1.61 12.52 0.03
N ILE A 665 -1.98 12.24 1.28
CA ILE A 665 -1.07 11.61 2.22
C ILE A 665 -1.84 10.59 3.01
N HIS A 666 -1.22 9.43 3.23
CA HIS A 666 -1.82 8.36 4.03
C HIS A 666 -0.81 7.38 4.61
N GLY A 667 -1.11 6.90 5.80
CA GLY A 667 -0.37 5.82 6.43
C GLY A 667 -0.86 4.50 5.90
N THR A 668 0.06 3.64 5.44
CA THR A 668 -0.32 2.31 4.93
C THR A 668 -1.00 1.38 5.93
N ALA A 669 -0.90 1.65 7.22
CA ALA A 669 -1.49 0.75 8.21
C ALA A 669 -2.58 1.41 9.06
N ASP A 670 -3.10 2.53 8.55
CA ASP A 670 -4.30 3.20 9.04
C ASP A 670 -5.51 2.28 9.11
N ASP A 671 -5.92 1.90 10.32
CA ASP A 671 -7.03 0.94 10.48
C ASP A 671 -8.36 1.63 10.71
N ASN A 672 -8.33 2.95 10.85
CA ASN A 672 -9.56 3.71 11.05
C ASN A 672 -10.09 4.17 9.67
N VAL A 673 -9.37 5.08 9.01
CA VAL A 673 -9.61 5.42 7.62
C VAL A 673 -8.62 4.64 6.82
N HIS A 674 -9.11 3.68 6.05
CA HIS A 674 -8.23 2.70 5.40
C HIS A 674 -7.47 3.25 4.23
N PHE A 675 -6.22 2.79 4.03
CA PHE A 675 -5.40 3.30 2.94
C PHE A 675 -6.20 3.35 1.65
N GLN A 676 -7.11 2.38 1.51
CA GLN A 676 -7.99 2.18 0.35
C GLN A 676 -8.72 3.49 -0.07
N GLN A 677 -9.07 4.29 0.94
CA GLN A 677 -9.86 5.49 0.73
C GLN A 677 -9.06 6.42 -0.18
N SER A 678 -7.74 6.54 0.09
CA SER A 678 -6.83 7.34 -0.69
C SER A 678 -6.38 6.63 -1.95
N ALA A 679 -6.35 5.30 -1.88
CA ALA A 679 -5.92 4.49 -3.03
C ALA A 679 -6.97 4.71 -4.08
N GLN A 680 -8.23 4.81 -3.65
CA GLN A 680 -9.29 5.10 -4.62
C GLN A 680 -9.21 6.53 -5.16
N ILE A 681 -8.78 7.48 -4.34
CA ILE A 681 -8.69 8.85 -4.81
C ILE A 681 -7.69 8.93 -5.94
N SER A 682 -6.53 8.28 -5.75
CA SER A 682 -5.40 8.45 -6.64
C SER A 682 -5.71 7.78 -7.97
N LYS A 683 -6.31 6.60 -7.90
CA LYS A 683 -6.77 5.97 -9.13
C LYS A 683 -7.62 6.98 -9.95
N ALA A 684 -8.72 7.50 -9.38
CA ALA A 684 -9.61 8.40 -10.13
C ALA A 684 -8.86 9.59 -10.71
N LEU A 685 -7.93 10.14 -9.93
CA LEU A 685 -7.04 11.16 -10.43
C LEU A 685 -6.19 10.65 -11.60
N VAL A 686 -5.60 9.46 -11.47
CA VAL A 686 -4.82 8.87 -12.57
C VAL A 686 -5.69 8.74 -13.82
N ASP A 687 -6.92 8.27 -13.64
CA ASP A 687 -7.80 7.84 -14.73
C ASP A 687 -8.28 8.97 -15.61
N VAL A 688 -8.13 10.18 -15.11
CA VAL A 688 -8.76 11.33 -15.71
C VAL A 688 -7.66 12.30 -16.10
N GLY A 689 -6.42 11.91 -15.81
CA GLY A 689 -5.27 12.67 -16.22
C GLY A 689 -4.83 13.86 -15.38
N VAL A 690 -5.19 13.92 -14.09
CA VAL A 690 -4.82 15.07 -13.27
C VAL A 690 -3.51 14.80 -12.53
N ASP A 691 -2.58 15.75 -12.57
CA ASP A 691 -1.35 15.62 -11.79
C ASP A 691 -1.58 16.10 -10.37
N PHE A 692 -0.84 15.47 -9.45
CA PHE A 692 -0.96 15.71 -8.02
C PHE A 692 0.23 15.05 -7.34
N GLN A 693 0.54 15.51 -6.14
CA GLN A 693 1.61 14.94 -5.37
C GLN A 693 1.07 14.02 -4.28
N ALA A 694 1.91 13.06 -3.90
CA ALA A 694 1.49 12.04 -2.94
C ALA A 694 2.55 11.77 -1.90
N MET A 695 2.12 11.09 -0.82
CA MET A 695 3.05 10.46 0.10
C MET A 695 2.30 9.43 0.86
N TRP A 696 2.72 8.16 0.74
CA TRP A 696 2.36 7.17 1.73
C TRP A 696 3.39 7.23 2.84
N TYR A 697 2.96 6.83 4.06
CA TYR A 697 3.84 6.53 5.19
C TYR A 697 3.64 5.09 5.62
N THR A 698 4.67 4.29 5.45
CA THR A 698 4.52 2.86 5.66
C THR A 698 4.40 2.58 7.14
N ASP A 699 3.47 1.71 7.47
CA ASP A 699 3.21 1.26 8.85
C ASP A 699 2.67 2.31 9.82
N GLU A 700 2.45 3.54 9.35
CA GLU A 700 1.81 4.52 10.18
C GLU A 700 0.33 4.28 10.18
N ASP A 701 -0.32 4.47 11.35
CA ASP A 701 -1.77 4.40 11.39
C ASP A 701 -2.38 5.78 11.21
N HIS A 702 -3.54 6.01 11.85
CA HIS A 702 -4.38 7.13 11.49
C HIS A 702 -3.74 8.43 11.88
N GLY A 703 -3.09 8.46 13.05
CA GLY A 703 -2.51 9.68 13.57
C GLY A 703 -1.19 10.05 12.93
N ILE A 704 -0.57 9.13 12.17
CA ILE A 704 0.78 9.32 11.61
C ILE A 704 1.65 9.89 12.72
N ALA A 705 1.73 9.17 13.83
CA ALA A 705 2.23 9.79 15.05
C ALA A 705 3.58 9.31 15.61
N SER A 706 4.21 8.26 15.06
CA SER A 706 5.60 7.95 15.49
C SER A 706 6.42 9.24 15.34
N SER A 707 7.37 9.51 16.23
CA SER A 707 7.90 10.88 16.29
C SER A 707 8.56 11.23 15.00
N THR A 708 9.27 10.25 14.42
CA THR A 708 9.89 10.46 13.10
C THR A 708 8.92 10.70 11.94
N ALA A 709 7.82 9.95 11.90
CA ALA A 709 6.83 10.13 10.85
C ALA A 709 6.06 11.45 11.03
N HIS A 710 5.90 11.83 12.30
CA HIS A 710 5.23 13.05 12.67
C HIS A 710 6.05 14.22 12.13
N GLN A 711 7.37 14.15 12.35
CA GLN A 711 8.25 15.23 11.91
C GLN A 711 8.34 15.27 10.40
N HIS A 712 8.26 14.10 9.79
CA HIS A 712 8.47 14.01 8.38
C HIS A 712 7.30 14.63 7.65
N ILE A 713 6.08 14.45 8.16
CA ILE A 713 4.87 14.89 7.42
C ILE A 713 4.62 16.42 7.50
N TYR A 714 4.97 17.01 8.64
CA TYR A 714 4.84 18.44 8.78
C TYR A 714 5.92 19.16 7.98
N THR A 715 7.16 18.64 8.08
CA THR A 715 8.24 19.06 7.17
C THR A 715 7.75 18.98 5.71
N HIS A 716 7.36 17.80 5.23
CA HIS A 716 6.81 17.69 3.87
C HIS A 716 5.67 18.70 3.56
N MET A 717 4.73 18.86 4.49
CA MET A 717 3.58 19.74 4.30
C MET A 717 4.00 21.20 4.30
N SER A 718 4.94 21.53 5.19
CA SER A 718 5.52 22.86 5.31
C SER A 718 6.16 23.28 4.00
N HIS A 719 6.95 22.40 3.39
CA HIS A 719 7.55 22.70 2.08
C HIS A 719 6.47 22.92 1.02
N PHE A 720 5.52 22.00 0.95
CA PHE A 720 4.45 22.11 0.00
C PHE A 720 3.70 23.44 0.11
N ILE A 721 3.33 23.83 1.32
CA ILE A 721 2.66 25.10 1.48
C ILE A 721 3.60 26.24 1.10
N LYS A 722 4.85 26.19 1.57
CA LYS A 722 5.79 27.28 1.33
C LYS A 722 6.03 27.53 -0.15
N GLN A 723 6.03 26.47 -0.95
CA GLN A 723 6.21 26.65 -2.37
C GLN A 723 4.91 26.96 -3.11
N CYS A 724 3.77 26.45 -2.61
CA CYS A 724 2.46 26.85 -3.13
C CYS A 724 2.27 28.35 -3.03
N PHE A 725 2.83 28.94 -1.97
CA PHE A 725 2.61 30.36 -1.66
C PHE A 725 3.70 31.36 -2.16
N SER A 726 4.64 30.88 -2.96
CA SER A 726 5.83 31.66 -3.34
C SER A 726 6.61 32.25 -2.12
N LEU A 727 6.76 31.41 -1.10
CA LEU A 727 7.43 31.79 0.13
C LEU A 727 8.76 31.05 0.27
N PRO A 728 9.86 31.81 0.44
CA PRO A 728 11.19 31.22 0.65
C PRO A 728 11.48 30.97 2.11
N SER B 1 12.50 25.74 -36.77
CA SER B 1 11.16 26.08 -37.31
C SER B 1 10.04 24.97 -37.30
N ARG B 2 10.41 23.69 -37.42
CA ARG B 2 9.47 22.54 -37.34
C ARG B 2 8.94 22.32 -35.91
N LYS B 3 7.91 21.48 -35.74
CA LYS B 3 7.56 21.01 -34.38
C LYS B 3 8.68 20.17 -33.76
N THR B 4 8.73 20.18 -32.44
CA THR B 4 9.60 19.36 -31.65
C THR B 4 8.86 18.04 -31.32
N TYR B 5 9.55 17.00 -30.84
CA TYR B 5 8.89 15.77 -30.34
C TYR B 5 8.39 15.96 -28.91
N THR B 6 7.10 15.78 -28.64
CA THR B 6 6.60 16.25 -27.36
C THR B 6 6.19 15.07 -26.54
N LEU B 7 5.90 15.33 -25.26
CA LEU B 7 5.44 14.32 -24.36
C LEU B 7 4.21 13.70 -24.95
N THR B 8 3.32 14.56 -25.41
CA THR B 8 2.09 14.14 -26.03
C THR B 8 2.39 13.12 -27.11
N ASP B 9 3.23 13.50 -28.08
CA ASP B 9 3.61 12.58 -29.16
C ASP B 9 4.05 11.23 -28.63
N TYR B 10 4.82 11.23 -27.54
CA TYR B 10 5.24 9.98 -26.96
C TYR B 10 4.03 9.19 -26.42
N LEU B 11 3.34 9.83 -25.47
CA LEU B 11 2.17 9.26 -24.80
C LEU B 11 1.00 8.93 -25.73
N LYS B 12 0.74 9.78 -26.72
CA LYS B 12 -0.41 9.59 -27.63
C LYS B 12 -0.01 8.76 -28.87
N ASN B 13 1.20 8.25 -28.85
CA ASN B 13 1.74 7.40 -29.90
C ASN B 13 1.47 7.93 -31.32
N THR B 14 1.83 9.20 -31.49
CA THR B 14 1.61 9.91 -32.74
C THR B 14 2.45 9.27 -33.86
N TYR B 15 3.75 9.25 -33.68
CA TYR B 15 4.64 8.72 -34.70
C TYR B 15 4.78 7.21 -34.45
N ARG B 16 4.13 6.42 -35.31
CA ARG B 16 4.01 4.98 -35.10
C ARG B 16 4.98 4.20 -36.00
N LEU B 17 5.73 3.27 -35.40
CA LEU B 17 6.53 2.28 -36.14
C LEU B 17 5.66 1.23 -36.80
N LYS B 18 5.88 0.94 -38.08
CA LYS B 18 5.14 -0.14 -38.74
C LYS B 18 5.96 -1.43 -38.68
N LEU B 19 5.27 -2.53 -38.38
CA LEU B 19 5.89 -3.84 -38.14
C LEU B 19 5.53 -4.78 -39.29
N TYR B 20 6.15 -5.96 -39.31
CA TYR B 20 5.81 -7.02 -40.24
C TYR B 20 6.01 -8.41 -39.56
N SER B 21 4.99 -8.80 -38.79
CA SER B 21 4.96 -10.06 -38.07
C SER B 21 4.45 -11.23 -38.92
N LEU B 22 5.36 -12.14 -39.23
CA LEU B 22 5.03 -13.28 -40.07
C LEU B 22 5.19 -14.57 -39.30
N ARG B 23 4.43 -15.59 -39.68
CA ARG B 23 4.62 -16.93 -39.12
C ARG B 23 4.91 -17.91 -40.25
N TRP B 24 6.17 -18.33 -40.37
CA TRP B 24 6.52 -19.43 -41.26
C TRP B 24 5.65 -20.68 -41.02
N ILE B 25 5.14 -21.28 -42.10
CA ILE B 25 4.22 -22.40 -41.98
C ILE B 25 4.68 -23.69 -42.69
N SER B 26 5.86 -23.58 -43.30
CA SER B 26 6.46 -24.63 -44.10
C SER B 26 7.80 -24.03 -44.49
N ASP B 27 8.51 -24.69 -45.40
CA ASP B 27 9.82 -24.23 -45.85
C ASP B 27 9.76 -23.04 -46.83
N HIS B 28 8.57 -22.76 -47.36
CA HIS B 28 8.40 -21.80 -48.43
C HIS B 28 7.21 -20.89 -48.28
N GLU B 29 6.36 -21.14 -47.28
CA GLU B 29 5.17 -20.30 -47.09
C GLU B 29 5.02 -19.67 -45.70
N TYR B 30 4.40 -18.50 -45.65
CA TYR B 30 4.16 -17.85 -44.36
C TYR B 30 2.81 -17.16 -44.19
N LEU B 31 2.38 -17.08 -42.93
CA LEU B 31 1.14 -16.42 -42.55
C LEU B 31 1.34 -14.93 -42.28
N TYR B 32 0.32 -14.14 -42.63
CA TYR B 32 0.33 -12.70 -42.42
C TYR B 32 -1.09 -12.12 -42.40
N LYS B 33 -1.39 -11.37 -41.33
CA LYS B 33 -2.67 -10.70 -41.22
C LYS B 33 -2.52 -9.28 -41.72
N GLN B 34 -3.30 -9.02 -42.77
CA GLN B 34 -3.33 -7.74 -43.46
C GLN B 34 -4.78 -7.26 -43.59
N GLU B 35 -5.03 -6.03 -43.15
CA GLU B 35 -6.38 -5.46 -43.15
C GLU B 35 -7.37 -6.43 -42.51
N ASN B 36 -6.86 -7.20 -41.53
CA ASN B 36 -7.57 -8.24 -40.76
C ASN B 36 -7.94 -9.55 -41.44
N ASN B 37 -7.43 -9.78 -42.65
CA ASN B 37 -7.53 -11.11 -43.27
C ASN B 37 -6.25 -11.86 -42.93
N ILE B 38 -6.35 -13.16 -42.68
CA ILE B 38 -5.15 -14.01 -42.59
C ILE B 38 -4.71 -14.52 -43.98
N LEU B 39 -3.47 -14.17 -44.36
CA LEU B 39 -2.96 -14.53 -45.67
C LEU B 39 -1.77 -15.53 -45.58
N VAL B 40 -1.65 -16.37 -46.60
CA VAL B 40 -0.48 -17.20 -46.80
C VAL B 40 0.33 -16.57 -47.92
N PHE B 41 1.62 -16.36 -47.69
CA PHE B 41 2.48 -15.88 -48.77
C PHE B 41 3.42 -16.97 -49.24
N ASN B 42 3.68 -16.94 -50.54
CA ASN B 42 4.74 -17.69 -51.17
C ASN B 42 6.02 -16.87 -51.08
N ALA B 43 7.07 -17.43 -50.43
CA ALA B 43 8.32 -16.69 -50.27
C ALA B 43 8.94 -16.42 -51.65
N GLU B 44 8.91 -17.43 -52.49
CA GLU B 44 9.68 -17.33 -53.70
C GLU B 44 9.15 -16.18 -54.57
N TYR B 45 7.87 -16.25 -54.94
CA TYR B 45 7.31 -15.36 -55.95
C TYR B 45 6.58 -14.14 -55.41
N GLY B 46 6.08 -14.22 -54.18
CA GLY B 46 5.61 -13.06 -53.43
C GLY B 46 4.11 -12.89 -53.47
N ASN B 47 3.45 -13.90 -54.03
CA ASN B 47 2.03 -13.82 -54.17
C ASN B 47 1.35 -14.51 -52.98
N SER B 48 0.07 -14.16 -52.77
CA SER B 48 -0.64 -14.47 -51.55
C SER B 48 -2.05 -14.89 -51.82
N SER B 49 -2.58 -15.73 -50.93
CA SER B 49 -3.97 -16.09 -50.95
C SER B 49 -4.55 -15.75 -49.59
N VAL B 50 -5.88 -15.81 -49.49
CA VAL B 50 -6.52 -15.51 -48.23
C VAL B 50 -6.84 -16.82 -47.55
N PHE B 51 -6.23 -17.00 -46.39
CA PHE B 51 -6.50 -18.13 -45.56
C PHE B 51 -7.87 -17.98 -44.87
N LEU B 52 -8.04 -16.88 -44.17
CA LEU B 52 -9.23 -16.64 -43.41
C LEU B 52 -9.62 -15.19 -43.61
N GLU B 53 -10.81 -15.03 -44.18
CA GLU B 53 -11.39 -13.72 -44.51
C GLU B 53 -11.67 -12.90 -43.26
N ASN B 54 -11.51 -11.59 -43.36
CA ASN B 54 -11.77 -10.69 -42.24
C ASN B 54 -13.22 -10.72 -41.81
N SER B 55 -14.10 -10.99 -42.78
CA SER B 55 -15.54 -11.05 -42.58
C SER B 55 -15.96 -12.23 -41.70
N THR B 56 -15.28 -13.36 -41.84
CA THR B 56 -15.55 -14.51 -40.96
C THR B 56 -15.44 -14.05 -39.52
N PHE B 57 -16.44 -14.43 -38.72
CA PHE B 57 -16.54 -13.98 -37.34
C PHE B 57 -16.76 -12.47 -37.29
N ASP B 58 -17.95 -12.06 -37.70
CA ASP B 58 -18.44 -10.70 -37.49
C ASP B 58 -19.82 -10.86 -36.85
N GLU B 59 -20.30 -12.11 -36.87
CA GLU B 59 -21.56 -12.54 -36.26
C GLU B 59 -21.26 -13.50 -35.08
N PHE B 60 -19.96 -13.74 -34.85
CA PHE B 60 -19.47 -14.64 -33.82
C PHE B 60 -19.73 -14.19 -32.36
N GLY B 61 -19.96 -12.90 -32.14
CA GLY B 61 -20.51 -12.44 -30.87
C GLY B 61 -19.48 -12.04 -29.82
N HIS B 62 -18.23 -12.38 -30.07
CA HIS B 62 -17.13 -11.98 -29.20
C HIS B 62 -16.04 -11.42 -30.05
N SER B 63 -15.36 -10.41 -29.52
CA SER B 63 -14.14 -9.90 -30.12
C SER B 63 -12.96 -10.79 -29.73
N ILE B 64 -12.07 -11.01 -30.68
CA ILE B 64 -11.13 -12.10 -30.61
C ILE B 64 -9.73 -11.54 -30.39
N ASN B 65 -9.14 -11.89 -29.24
CA ASN B 65 -7.82 -11.41 -28.85
C ASN B 65 -6.71 -12.03 -29.69
N ASP B 66 -6.84 -13.33 -29.99
CA ASP B 66 -5.82 -14.04 -30.78
C ASP B 66 -6.34 -15.28 -31.50
N TYR B 67 -5.44 -15.95 -32.24
CA TYR B 67 -5.74 -17.20 -32.93
C TYR B 67 -4.47 -18.07 -33.13
N SER B 68 -4.68 -19.32 -33.50
CA SER B 68 -3.59 -20.24 -33.83
C SER B 68 -4.11 -21.37 -34.70
N ILE B 69 -3.46 -21.53 -35.85
CA ILE B 69 -3.95 -22.44 -36.86
C ILE B 69 -3.24 -23.78 -36.75
N SER B 70 -3.97 -24.84 -37.05
CA SER B 70 -3.40 -26.17 -37.09
C SER B 70 -2.15 -26.12 -37.90
N PRO B 71 -1.17 -26.98 -37.62
CA PRO B 71 -0.01 -27.08 -38.49
C PRO B 71 -0.53 -27.66 -39.80
N ASP B 72 -1.20 -28.81 -39.72
CA ASP B 72 -1.70 -29.52 -40.88
C ASP B 72 -3.14 -29.01 -40.98
N GLY B 73 -3.24 -27.90 -41.73
CA GLY B 73 -4.06 -26.74 -41.39
C GLY B 73 -5.57 -26.69 -41.56
N GLN B 74 -6.26 -27.60 -40.87
CA GLN B 74 -7.70 -27.80 -41.06
C GLN B 74 -8.52 -27.14 -39.95
N PHE B 75 -7.87 -26.75 -38.86
CA PHE B 75 -8.56 -26.03 -37.79
C PHE B 75 -7.89 -24.71 -37.45
N ILE B 76 -8.69 -23.77 -37.01
CA ILE B 76 -8.15 -22.58 -36.39
C ILE B 76 -8.78 -22.47 -35.02
N LEU B 77 -7.93 -22.19 -34.02
CA LEU B 77 -8.30 -21.92 -32.63
C LEU B 77 -8.53 -20.42 -32.39
N LEU B 78 -9.68 -20.04 -31.84
CA LEU B 78 -9.95 -18.62 -31.55
C LEU B 78 -9.99 -18.31 -30.08
N GLU B 79 -9.07 -17.47 -29.65
CA GLU B 79 -8.97 -17.07 -28.25
C GLU B 79 -9.82 -15.83 -28.01
N TYR B 80 -10.68 -15.89 -27.00
CA TYR B 80 -11.50 -14.76 -26.62
C TYR B 80 -11.69 -14.80 -25.11
N ASN B 81 -12.33 -13.77 -24.56
CA ASN B 81 -12.39 -13.55 -23.09
C ASN B 81 -11.04 -13.51 -22.37
N TYR B 82 -10.02 -12.95 -23.00
CA TYR B 82 -8.66 -12.94 -22.44
C TYR B 82 -8.58 -12.18 -21.10
N VAL B 83 -8.08 -12.83 -20.05
CA VAL B 83 -7.83 -12.18 -18.75
C VAL B 83 -6.39 -12.37 -18.35
N LYS B 84 -5.62 -11.29 -18.37
CA LYS B 84 -4.18 -11.37 -18.07
C LYS B 84 -3.90 -11.79 -16.62
N GLN B 85 -2.93 -12.70 -16.43
CA GLN B 85 -2.35 -12.90 -15.10
C GLN B 85 -1.00 -12.15 -15.04
N TRP B 86 0.11 -12.89 -15.10
CA TRP B 86 1.42 -12.28 -14.97
C TRP B 86 2.00 -11.90 -16.33
N ARG B 87 3.33 -11.91 -16.46
CA ARG B 87 3.94 -11.36 -17.66
C ARG B 87 3.60 -12.19 -18.90
N HIS B 88 3.54 -13.52 -18.74
CA HIS B 88 3.26 -14.42 -19.86
C HIS B 88 1.94 -15.17 -19.70
N SER B 89 1.53 -15.41 -18.47
CA SER B 89 0.34 -16.23 -18.24
C SER B 89 -0.96 -15.41 -18.28
N TYR B 90 -2.04 -16.16 -18.55
CA TYR B 90 -3.35 -15.61 -18.76
C TYR B 90 -4.34 -16.74 -18.91
N THR B 91 -5.60 -16.36 -18.82
CA THR B 91 -6.71 -17.30 -18.88
C THR B 91 -7.63 -16.83 -20.02
N ALA B 92 -8.22 -17.79 -20.74
CA ALA B 92 -9.15 -17.44 -21.80
C ALA B 92 -10.14 -18.55 -22.12
N SER B 93 -11.09 -18.20 -22.99
CA SER B 93 -11.98 -19.15 -23.61
C SER B 93 -11.46 -19.39 -25.02
N TYR B 94 -11.96 -20.47 -25.64
CA TYR B 94 -11.54 -20.82 -26.97
C TYR B 94 -12.70 -21.46 -27.69
N ASP B 95 -12.74 -21.25 -28.99
CA ASP B 95 -13.64 -21.97 -29.86
C ASP B 95 -12.74 -22.57 -30.92
N ILE B 96 -13.18 -23.65 -31.56
CA ILE B 96 -12.47 -24.12 -32.72
C ILE B 96 -13.33 -24.01 -33.98
N TYR B 97 -12.76 -23.35 -34.99
CA TYR B 97 -13.39 -23.26 -36.29
C TYR B 97 -12.88 -24.35 -37.20
N ASP B 98 -13.82 -25.13 -37.74
CA ASP B 98 -13.52 -26.19 -38.70
C ASP B 98 -13.41 -25.50 -40.04
N LEU B 99 -12.20 -25.52 -40.60
CA LEU B 99 -11.95 -24.78 -41.82
C LEU B 99 -12.58 -25.42 -43.04
N ASN B 100 -12.63 -26.76 -43.06
CA ASN B 100 -13.23 -27.46 -44.18
C ASN B 100 -14.74 -27.19 -44.34
N LYS B 101 -15.50 -27.26 -43.24
CA LYS B 101 -16.90 -26.83 -43.22
C LYS B 101 -16.95 -25.34 -42.86
N ARG B 102 -18.15 -24.77 -42.82
CA ARG B 102 -18.30 -23.35 -42.48
C ARG B 102 -18.78 -23.27 -41.04
N GLN B 103 -17.98 -23.82 -40.11
CA GLN B 103 -18.52 -24.17 -38.81
C GLN B 103 -17.60 -24.04 -37.62
N LEU B 104 -18.14 -23.50 -36.54
CA LEU B 104 -17.57 -23.69 -35.22
C LEU B 104 -17.90 -25.06 -34.70
N ILE B 105 -16.93 -25.75 -34.09
CA ILE B 105 -17.25 -26.99 -33.37
C ILE B 105 -18.06 -26.61 -32.14
N THR B 106 -18.94 -27.52 -31.74
CA THR B 106 -20.06 -27.18 -30.89
C THR B 106 -20.14 -28.06 -29.65
N GLU B 107 -19.78 -29.33 -29.81
CA GLU B 107 -19.71 -30.24 -28.67
C GLU B 107 -18.25 -30.31 -28.22
N GLU B 108 -18.03 -30.82 -27.03
CA GLU B 108 -16.68 -31.07 -26.49
C GLU B 108 -15.74 -29.86 -26.48
N ARG B 109 -16.32 -28.65 -26.48
CA ARG B 109 -15.54 -27.42 -26.46
C ARG B 109 -14.36 -27.45 -25.44
N ILE B 110 -13.24 -26.84 -25.80
CA ILE B 110 -12.22 -26.50 -24.83
C ILE B 110 -12.95 -25.62 -23.81
N PRO B 111 -12.79 -25.93 -22.52
CA PRO B 111 -13.53 -25.26 -21.44
C PRO B 111 -13.14 -23.81 -21.33
N ASN B 112 -13.90 -23.05 -20.55
CA ASN B 112 -13.54 -21.70 -20.18
C ASN B 112 -12.48 -21.69 -19.09
N ASN B 113 -11.81 -20.56 -18.93
CA ASN B 113 -10.74 -20.39 -17.95
C ASN B 113 -9.71 -21.50 -18.16
N THR B 114 -9.33 -21.64 -19.43
CA THR B 114 -8.27 -22.53 -19.84
C THR B 114 -7.03 -21.70 -19.72
N GLN B 115 -5.96 -22.33 -19.29
CA GLN B 115 -4.83 -21.56 -18.82
C GLN B 115 -3.76 -21.56 -19.89
N TRP B 116 -3.88 -22.51 -20.81
CA TRP B 116 -2.88 -22.69 -21.87
C TRP B 116 -3.44 -23.65 -22.91
N VAL B 117 -3.21 -23.40 -24.19
CA VAL B 117 -3.57 -24.38 -25.24
C VAL B 117 -2.46 -24.50 -26.26
N THR B 118 -2.30 -25.69 -26.83
CA THR B 118 -1.35 -25.88 -27.93
C THR B 118 -1.80 -26.96 -28.89
N TRP B 119 -1.71 -26.63 -30.15
CA TRP B 119 -1.66 -27.63 -31.20
C TRP B 119 -0.37 -28.46 -31.09
N SER B 120 -0.43 -29.70 -31.54
CA SER B 120 0.73 -30.54 -31.76
C SER B 120 1.46 -29.94 -32.95
N PRO B 121 2.76 -30.25 -33.12
CA PRO B 121 3.55 -29.57 -34.15
C PRO B 121 3.14 -29.97 -35.56
N VAL B 122 2.39 -31.07 -35.69
CA VAL B 122 1.84 -31.55 -36.96
C VAL B 122 0.42 -32.07 -36.72
N GLY B 123 -0.37 -32.17 -37.77
CA GLY B 123 -1.75 -32.61 -37.63
C GLY B 123 -2.56 -31.50 -37.02
N HIS B 124 -3.40 -31.90 -36.07
CA HIS B 124 -4.30 -30.97 -35.41
C HIS B 124 -4.73 -31.54 -34.05
N LYS B 125 -3.79 -32.14 -33.31
CA LYS B 125 -4.07 -32.62 -31.96
C LYS B 125 -4.00 -31.41 -31.04
N LEU B 126 -4.57 -31.52 -29.85
CA LEU B 126 -4.58 -30.42 -28.89
C LEU B 126 -4.26 -30.86 -27.49
N ALA B 127 -3.32 -30.16 -26.87
CA ALA B 127 -3.19 -30.22 -25.42
C ALA B 127 -3.72 -28.91 -24.81
N TYR B 128 -4.44 -29.01 -23.71
CA TYR B 128 -4.81 -27.80 -22.95
C TYR B 128 -4.65 -28.00 -21.43
N VAL B 129 -4.54 -26.90 -20.70
CA VAL B 129 -4.45 -26.96 -19.25
C VAL B 129 -5.64 -26.21 -18.66
N TRP B 130 -6.33 -26.87 -17.73
CA TRP B 130 -7.53 -26.34 -17.11
C TRP B 130 -7.54 -26.80 -15.66
N ASN B 131 -7.58 -25.83 -14.73
CA ASN B 131 -7.46 -26.12 -13.29
C ASN B 131 -6.20 -26.90 -12.99
N ASN B 132 -5.11 -26.58 -13.73
CA ASN B 132 -3.80 -27.12 -13.45
C ASN B 132 -3.65 -28.61 -13.86
N ASP B 133 -4.63 -29.12 -14.62
CA ASP B 133 -4.58 -30.46 -15.18
C ASP B 133 -4.49 -30.48 -16.67
N ILE B 134 -3.73 -31.44 -17.22
CA ILE B 134 -3.55 -31.55 -18.66
C ILE B 134 -4.63 -32.40 -19.31
N TYR B 135 -5.06 -31.99 -20.50
CA TYR B 135 -6.02 -32.71 -21.31
C TYR B 135 -5.56 -32.79 -22.77
N VAL B 136 -6.04 -33.78 -23.49
CA VAL B 136 -5.61 -33.97 -24.86
C VAL B 136 -6.83 -34.30 -25.69
N LYS B 137 -7.04 -33.54 -26.76
CA LYS B 137 -8.02 -33.89 -27.76
C LYS B 137 -7.23 -34.40 -28.95
N ILE B 138 -7.66 -35.55 -29.48
CA ILE B 138 -7.06 -36.13 -30.67
C ILE B 138 -7.66 -35.48 -31.91
N GLU B 139 -8.99 -35.41 -31.94
CA GLU B 139 -9.77 -34.62 -32.89
C GLU B 139 -10.45 -33.50 -32.13
N PRO B 140 -10.60 -32.32 -32.75
CA PRO B 140 -11.25 -31.18 -32.11
C PRO B 140 -12.70 -31.40 -31.69
N ASN B 141 -13.49 -32.23 -32.38
CA ASN B 141 -14.88 -32.50 -31.92
C ASN B 141 -15.07 -33.69 -30.94
N LEU B 142 -13.97 -34.29 -30.49
CA LEU B 142 -14.01 -35.42 -29.57
C LEU B 142 -13.76 -35.03 -28.11
N PRO B 143 -14.21 -35.87 -27.18
CA PRO B 143 -13.91 -35.67 -25.76
C PRO B 143 -12.42 -35.80 -25.49
N SER B 144 -11.95 -35.01 -24.54
CA SER B 144 -10.55 -34.94 -24.24
C SER B 144 -10.21 -36.09 -23.32
N TYR B 145 -8.95 -36.52 -23.33
CA TYR B 145 -8.41 -37.44 -22.34
C TYR B 145 -7.75 -36.64 -21.23
N ARG B 146 -8.14 -36.94 -20.00
CA ARG B 146 -7.47 -36.38 -18.85
C ARG B 146 -6.15 -37.12 -18.66
N ILE B 147 -5.08 -36.36 -18.58
CA ILE B 147 -3.72 -36.86 -18.39
C ILE B 147 -3.29 -36.81 -16.92
N THR B 148 -3.57 -35.69 -16.24
CA THR B 148 -3.24 -35.56 -14.82
C THR B 148 -4.49 -35.28 -14.02
N TRP B 149 -4.47 -35.60 -12.74
CA TRP B 149 -5.64 -35.35 -11.89
C TRP B 149 -5.24 -34.67 -10.61
N THR B 150 -4.03 -34.09 -10.59
CA THR B 150 -3.45 -33.57 -9.35
C THR B 150 -3.56 -32.05 -9.20
N GLY B 151 -3.85 -31.37 -10.29
CA GLY B 151 -4.07 -29.95 -10.26
C GLY B 151 -4.82 -29.46 -9.03
N LYS B 152 -4.18 -28.52 -8.35
CA LYS B 152 -4.78 -27.81 -7.23
C LYS B 152 -4.27 -26.39 -7.29
N GLU B 153 -5.18 -25.43 -7.42
CA GLU B 153 -4.82 -23.99 -7.51
C GLU B 153 -3.72 -23.60 -6.51
N ASP B 154 -2.69 -22.94 -7.02
CA ASP B 154 -1.57 -22.42 -6.22
C ASP B 154 -0.69 -23.53 -5.58
N ILE B 155 -0.94 -24.77 -5.93
CA ILE B 155 -0.30 -25.81 -5.18
C ILE B 155 0.43 -26.78 -6.08
N ILE B 156 -0.31 -27.50 -6.92
CA ILE B 156 0.26 -28.41 -7.91
C ILE B 156 -0.09 -27.95 -9.31
N TYR B 157 0.95 -27.81 -10.15
CA TYR B 157 0.82 -27.39 -11.56
C TYR B 157 1.33 -28.43 -12.52
N ASN B 158 0.43 -28.95 -13.38
CA ASN B 158 0.81 -29.79 -14.51
C ASN B 158 0.63 -29.07 -15.85
N GLY B 159 1.74 -28.82 -16.52
CA GLY B 159 1.72 -28.26 -17.87
C GLY B 159 1.79 -26.75 -17.86
N ILE B 160 1.72 -26.16 -16.68
CA ILE B 160 1.98 -24.75 -16.55
C ILE B 160 3.01 -24.57 -15.49
N THR B 161 3.62 -23.40 -15.52
CA THR B 161 4.64 -22.96 -14.58
C THR B 161 4.02 -22.13 -13.48
N ASP B 162 4.63 -22.19 -12.30
CA ASP B 162 4.22 -21.35 -11.18
C ASP B 162 4.88 -19.99 -11.36
N TRP B 163 4.78 -19.09 -10.40
CA TRP B 163 5.27 -17.73 -10.63
C TRP B 163 6.75 -17.71 -11.01
N VAL B 164 7.65 -18.17 -10.14
CA VAL B 164 9.10 -18.12 -10.47
C VAL B 164 9.44 -18.84 -11.73
N TYR B 165 8.79 -19.95 -12.00
CA TYR B 165 9.10 -20.60 -13.25
C TYR B 165 8.66 -19.76 -14.46
N GLU B 166 7.50 -19.12 -14.37
CA GLU B 166 7.03 -18.30 -15.48
C GLU B 166 7.98 -17.19 -15.73
N GLU B 167 8.43 -16.57 -14.65
CA GLU B 167 9.19 -15.34 -14.72
C GLU B 167 10.67 -15.56 -14.92
N GLU B 168 11.24 -16.46 -14.16
CA GLU B 168 12.70 -16.55 -14.09
C GLU B 168 13.27 -17.68 -14.90
N VAL B 169 12.47 -18.72 -15.12
CA VAL B 169 13.00 -19.90 -15.81
C VAL B 169 12.67 -20.05 -17.28
N PHE B 170 11.38 -20.21 -17.63
CA PHE B 170 11.01 -20.50 -19.02
C PHE B 170 10.48 -19.31 -19.80
N SER B 171 10.43 -18.13 -19.17
CA SER B 171 9.72 -16.99 -19.75
C SER B 171 8.45 -17.41 -20.48
N ALA B 172 7.59 -18.16 -19.80
CA ALA B 172 6.40 -18.72 -20.44
C ALA B 172 5.47 -19.38 -19.42
N TYR B 173 4.16 -19.26 -19.62
CA TYR B 173 3.24 -20.02 -18.80
C TYR B 173 3.34 -21.54 -19.09
N SER B 174 3.64 -21.87 -20.34
CA SER B 174 3.56 -23.22 -20.83
C SER B 174 4.62 -24.14 -20.17
N ALA B 175 4.25 -25.37 -19.82
CA ALA B 175 5.25 -26.37 -19.46
C ALA B 175 4.89 -27.73 -20.07
N LEU B 176 4.57 -27.66 -21.37
CA LEU B 176 4.14 -28.77 -22.20
C LEU B 176 5.10 -28.72 -23.34
N TRP B 177 5.45 -29.86 -23.93
CA TRP B 177 6.45 -29.91 -25.04
C TRP B 177 6.15 -31.10 -25.90
N TRP B 178 5.43 -30.85 -26.99
CA TRP B 178 5.09 -31.90 -27.92
C TRP B 178 6.36 -32.48 -28.55
N SER B 179 6.37 -33.81 -28.67
CA SER B 179 7.23 -34.52 -29.62
C SER B 179 7.12 -33.89 -31.01
N PRO B 180 8.17 -33.97 -31.83
CA PRO B 180 8.07 -33.49 -33.24
C PRO B 180 7.06 -34.28 -34.12
N ASN B 181 6.93 -35.59 -33.92
CA ASN B 181 5.88 -36.42 -34.54
C ASN B 181 4.52 -35.88 -34.13
N GLY B 182 4.43 -35.51 -32.86
CA GLY B 182 3.17 -35.42 -32.19
C GLY B 182 2.83 -36.61 -31.29
N THR B 183 3.54 -37.74 -31.47
CA THR B 183 3.37 -38.97 -30.65
C THR B 183 3.33 -38.73 -29.14
N PHE B 184 4.34 -38.01 -28.64
CA PHE B 184 4.49 -37.81 -27.21
C PHE B 184 4.13 -36.41 -26.76
N LEU B 185 3.60 -36.36 -25.54
CA LEU B 185 3.45 -35.11 -24.83
C LEU B 185 4.36 -35.11 -23.59
N ALA B 186 5.40 -34.27 -23.64
CA ALA B 186 6.22 -34.11 -22.44
C ALA B 186 5.70 -32.90 -21.66
N TYR B 187 5.80 -32.96 -20.34
CA TYR B 187 5.27 -31.92 -19.47
C TYR B 187 5.92 -31.97 -18.13
N ALA B 188 6.00 -30.81 -17.51
CA ALA B 188 6.58 -30.63 -16.18
C ALA B 188 5.48 -30.44 -15.14
N GLN B 189 5.73 -30.95 -13.94
CA GLN B 189 4.88 -30.68 -12.78
C GLN B 189 5.64 -29.89 -11.71
N PHE B 190 4.97 -28.89 -11.14
CA PHE B 190 5.52 -28.08 -10.05
C PHE B 190 4.65 -28.23 -8.81
N ASN B 191 5.31 -28.23 -7.66
CA ASN B 191 4.66 -28.44 -6.38
C ASN B 191 5.09 -27.29 -5.50
N ASP B 192 4.14 -26.41 -5.18
CA ASP B 192 4.41 -25.19 -4.40
C ASP B 192 3.89 -25.26 -2.99
N THR B 193 3.73 -26.49 -2.49
CA THR B 193 3.02 -26.79 -1.25
C THR B 193 3.57 -26.04 -0.07
N GLU B 194 4.89 -25.85 -0.05
CA GLU B 194 5.53 -25.19 1.07
C GLU B 194 6.17 -23.84 0.69
N VAL B 195 5.92 -23.36 -0.52
CA VAL B 195 6.44 -22.07 -0.94
C VAL B 195 5.66 -20.93 -0.21
N PRO B 196 6.38 -20.01 0.44
CA PRO B 196 5.71 -18.96 1.18
C PRO B 196 4.93 -18.03 0.21
N LEU B 197 4.00 -17.27 0.75
CA LEU B 197 3.03 -16.59 -0.08
C LEU B 197 3.19 -15.11 0.12
N ILE B 198 3.44 -14.40 -0.97
CA ILE B 198 3.42 -12.96 -0.85
C ILE B 198 1.98 -12.47 -0.95
N GLU B 199 1.55 -11.73 0.05
CA GLU B 199 0.18 -11.21 0.08
C GLU B 199 0.18 -9.68 -0.18
N TYR B 200 -0.84 -9.21 -0.87
CA TYR B 200 -0.96 -7.77 -1.11
C TYR B 200 -2.37 -7.36 -1.49
N SER B 201 -2.72 -6.14 -1.18
CA SER B 201 -4.04 -5.66 -1.48
C SER B 201 -4.27 -5.24 -2.93
N PHE B 202 -5.42 -5.64 -3.45
CA PHE B 202 -5.97 -5.05 -4.68
C PHE B 202 -7.28 -4.33 -4.34
N TYR B 203 -7.41 -3.07 -4.77
CA TYR B 203 -8.59 -2.31 -4.38
C TYR B 203 -9.67 -2.35 -5.43
N SER B 204 -9.23 -2.56 -6.66
CA SER B 204 -10.07 -2.54 -7.83
C SER B 204 -11.08 -1.38 -7.86
N ASP B 205 -12.23 -1.64 -8.46
CA ASP B 205 -13.29 -0.69 -8.66
C ASP B 205 -13.75 -0.01 -7.40
N GLU B 206 -14.16 1.22 -7.58
CA GLU B 206 -14.66 2.09 -6.53
C GLU B 206 -15.79 1.44 -5.78
N SER B 207 -16.57 0.61 -6.49
CA SER B 207 -17.69 -0.11 -5.94
C SER B 207 -17.36 -1.35 -5.09
N LEU B 208 -16.12 -1.86 -5.14
CA LEU B 208 -15.66 -2.87 -4.20
C LEU B 208 -15.54 -2.16 -2.88
N GLN B 209 -16.13 -2.74 -1.84
CA GLN B 209 -16.15 -2.10 -0.56
C GLN B 209 -15.00 -2.60 0.31
N TYR B 210 -14.80 -3.90 0.34
CA TYR B 210 -13.61 -4.45 0.97
C TYR B 210 -12.54 -4.84 -0.04
N PRO B 211 -11.36 -4.22 0.08
CA PRO B 211 -10.17 -4.68 -0.66
C PRO B 211 -10.00 -6.23 -0.64
N LYS B 212 -9.59 -6.75 -1.79
CA LYS B 212 -9.20 -8.14 -1.91
C LYS B 212 -7.70 -8.24 -1.56
N THR B 213 -7.33 -9.27 -0.84
CA THR B 213 -5.91 -9.60 -0.68
C THR B 213 -5.56 -10.56 -1.79
N VAL B 214 -4.49 -10.28 -2.53
CA VAL B 214 -3.96 -11.24 -3.50
C VAL B 214 -2.83 -12.01 -2.83
N ARG B 215 -2.74 -13.31 -3.11
CA ARG B 215 -1.82 -14.23 -2.44
C ARG B 215 -1.12 -15.11 -3.47
N VAL B 216 0.19 -14.95 -3.61
CA VAL B 216 0.91 -15.63 -4.69
C VAL B 216 2.14 -16.40 -4.15
N PRO B 217 2.20 -17.72 -4.37
CA PRO B 217 3.36 -18.50 -3.89
C PRO B 217 4.59 -17.90 -4.52
N TYR B 218 5.48 -17.31 -3.74
CA TYR B 218 6.58 -16.55 -4.32
C TYR B 218 7.76 -16.74 -3.40
N PRO B 219 8.75 -17.52 -3.86
CA PRO B 219 9.92 -17.84 -3.04
C PRO B 219 10.90 -16.71 -3.11
N LYS B 220 11.10 -16.01 -2.01
CA LYS B 220 12.13 -14.97 -1.99
C LYS B 220 13.44 -15.62 -1.58
N ALA B 221 14.53 -14.87 -1.65
CA ALA B 221 15.87 -15.41 -1.59
C ALA B 221 16.10 -16.30 -0.36
N GLY B 222 16.37 -17.58 -0.59
CA GLY B 222 16.68 -18.48 0.50
C GLY B 222 15.49 -19.18 1.09
N ALA B 223 14.36 -19.09 0.40
CA ALA B 223 13.11 -19.68 0.91
C ALA B 223 12.94 -21.04 0.27
N VAL B 224 11.89 -21.75 0.68
CA VAL B 224 11.58 -23.03 0.11
C VAL B 224 11.18 -22.80 -1.35
N ASN B 225 11.92 -23.41 -2.29
CA ASN B 225 11.56 -23.33 -3.71
C ASN B 225 10.54 -24.40 -4.08
N PRO B 226 9.80 -24.19 -5.18
CA PRO B 226 8.96 -25.25 -5.72
C PRO B 226 9.83 -26.43 -6.13
N THR B 227 9.35 -27.66 -5.97
CA THR B 227 10.01 -28.80 -6.58
C THR B 227 9.42 -29.04 -7.97
N VAL B 228 10.00 -29.98 -8.71
CA VAL B 228 9.52 -30.26 -10.05
C VAL B 228 9.75 -31.72 -10.41
N LYS B 229 8.76 -32.38 -10.99
CA LYS B 229 9.00 -33.62 -11.72
C LYS B 229 8.76 -33.43 -13.22
N PHE B 230 9.24 -34.38 -14.03
CA PHE B 230 9.08 -34.35 -15.48
C PHE B 230 8.46 -35.66 -16.01
N PHE B 231 7.45 -35.56 -16.86
CA PHE B 231 6.72 -36.72 -17.40
C PHE B 231 6.56 -36.68 -18.92
N VAL B 232 6.45 -37.88 -19.49
CA VAL B 232 6.21 -38.06 -20.91
C VAL B 232 5.09 -39.04 -21.08
N VAL B 233 4.05 -38.61 -21.80
CA VAL B 233 2.93 -39.46 -22.18
C VAL B 233 2.96 -39.75 -23.66
N ASN B 234 2.59 -40.98 -24.01
CA ASN B 234 2.38 -41.34 -25.39
C ASN B 234 0.94 -41.06 -25.72
N THR B 235 0.73 -40.10 -26.59
CA THR B 235 -0.59 -39.61 -26.95
C THR B 235 -1.30 -40.53 -27.98
N ASP B 236 -0.56 -41.49 -28.53
CA ASP B 236 -1.15 -42.42 -29.49
C ASP B 236 -1.85 -43.65 -28.86
N SER B 237 -1.78 -43.83 -27.53
CA SER B 237 -2.39 -45.03 -26.93
C SER B 237 -3.46 -44.76 -25.86
N LEU B 238 -4.14 -43.63 -25.97
CA LEU B 238 -5.08 -43.24 -24.94
C LEU B 238 -6.44 -43.98 -24.98
N SER B 239 -6.87 -44.42 -23.80
CA SER B 239 -8.15 -45.09 -23.61
C SER B 239 -9.18 -44.16 -22.97
N SER B 240 -10.46 -44.44 -23.21
CA SER B 240 -11.52 -43.58 -22.66
C SER B 240 -11.93 -43.98 -21.23
N VAL B 241 -11.50 -45.18 -20.83
CA VAL B 241 -11.88 -45.79 -19.54
C VAL B 241 -10.67 -46.20 -18.70
N THR B 242 -9.50 -46.23 -19.34
CA THR B 242 -8.20 -46.38 -18.67
C THR B 242 -7.54 -44.99 -18.47
N ASN B 243 -7.22 -44.66 -17.22
CA ASN B 243 -6.43 -43.47 -16.91
C ASN B 243 -5.11 -43.56 -17.68
N ALA B 244 -4.73 -42.47 -18.37
CA ALA B 244 -3.46 -42.41 -19.14
C ALA B 244 -2.23 -42.68 -18.27
N THR B 245 -1.19 -43.29 -18.85
CA THR B 245 0.09 -43.55 -18.14
C THR B 245 1.20 -42.53 -18.49
N SER B 246 1.57 -41.72 -17.51
CA SER B 246 2.62 -40.72 -17.66
C SER B 246 3.91 -41.36 -17.15
N ILE B 247 4.95 -41.38 -17.97
CA ILE B 247 6.23 -41.95 -17.48
C ILE B 247 7.12 -40.85 -16.93
N GLN B 248 7.62 -41.06 -15.70
CA GLN B 248 8.51 -40.08 -15.07
C GLN B 248 9.92 -40.14 -15.65
N ILE B 249 10.49 -38.97 -15.92
CA ILE B 249 11.93 -38.87 -16.07
C ILE B 249 12.48 -38.12 -14.86
N THR B 250 13.34 -38.85 -14.12
CA THR B 250 13.98 -38.46 -12.88
C THR B 250 15.19 -37.61 -13.22
N ALA B 251 15.48 -36.61 -12.41
CA ALA B 251 16.66 -35.77 -12.61
C ALA B 251 17.86 -36.67 -12.29
N PRO B 252 19.05 -36.34 -12.76
CA PRO B 252 20.24 -37.12 -12.40
C PRO B 252 20.54 -37.08 -10.90
N ALA B 253 21.20 -38.14 -10.43
CA ALA B 253 21.70 -38.27 -9.05
C ALA B 253 22.39 -37.04 -8.49
N SER B 254 23.14 -36.32 -9.33
CA SER B 254 23.88 -35.11 -8.93
C SER B 254 23.02 -33.84 -8.93
N MET B 255 21.77 -33.98 -9.33
CA MET B 255 20.84 -32.90 -9.16
C MET B 255 19.96 -33.21 -7.94
N LEU B 256 19.82 -34.50 -7.63
CA LEU B 256 18.98 -34.93 -6.48
C LEU B 256 19.63 -34.83 -5.11
N ILE B 257 20.88 -34.45 -5.02
CA ILE B 257 21.42 -34.28 -3.68
C ILE B 257 20.89 -33.01 -2.99
N GLY B 258 20.22 -32.13 -3.75
CA GLY B 258 19.79 -30.84 -3.23
C GLY B 258 18.81 -30.12 -4.14
N ASP B 259 18.41 -28.93 -3.75
CA ASP B 259 17.53 -28.12 -4.60
C ASP B 259 18.10 -27.92 -6.01
N HIS B 260 17.23 -28.12 -6.98
CA HIS B 260 17.62 -28.03 -8.37
C HIS B 260 16.45 -27.43 -9.17
N TYR B 261 16.66 -27.14 -10.43
CA TYR B 261 15.56 -26.79 -11.34
C TYR B 261 15.67 -27.51 -12.64
N LEU B 262 14.55 -27.56 -13.33
CA LEU B 262 14.47 -27.87 -14.73
C LEU B 262 14.55 -26.51 -15.45
N CYS B 263 15.58 -26.35 -16.27
CA CYS B 263 15.76 -25.09 -16.95
C CYS B 263 15.52 -25.13 -18.46
N ASP B 264 15.48 -26.32 -19.05
CA ASP B 264 15.35 -26.45 -20.51
C ASP B 264 15.01 -27.90 -20.89
N VAL B 265 14.10 -28.00 -21.86
CA VAL B 265 13.64 -29.22 -22.47
C VAL B 265 13.61 -28.95 -23.99
N THR B 266 14.30 -29.81 -24.75
CA THR B 266 14.34 -29.75 -26.21
C THR B 266 14.19 -31.17 -26.78
N TRP B 267 13.22 -31.39 -27.66
CA TRP B 267 13.14 -32.65 -28.39
C TRP B 267 14.24 -32.70 -29.44
N ALA B 268 14.90 -33.86 -29.55
CA ALA B 268 16.09 -34.04 -30.41
C ALA B 268 15.72 -34.78 -31.66
N THR B 269 14.85 -35.77 -31.47
CA THR B 269 14.28 -36.60 -32.53
C THR B 269 12.90 -37.02 -32.02
N GLN B 270 12.25 -37.90 -32.75
CA GLN B 270 10.95 -38.41 -32.40
C GLN B 270 10.98 -39.26 -31.11
N GLU B 271 12.19 -39.68 -30.70
CA GLU B 271 12.38 -40.67 -29.63
C GLU B 271 13.51 -40.29 -28.63
N ARG B 272 13.94 -39.03 -28.68
CA ARG B 272 15.03 -38.54 -27.87
C ARG B 272 14.69 -37.17 -27.36
N ILE B 273 14.69 -36.99 -26.03
CA ILE B 273 14.51 -35.66 -25.45
C ILE B 273 15.72 -35.17 -24.70
N SER B 274 15.90 -33.85 -24.76
CA SER B 274 17.00 -33.22 -24.08
C SER B 274 16.47 -32.44 -22.89
N LEU B 275 17.06 -32.68 -21.74
CA LEU B 275 16.65 -32.11 -20.48
C LEU B 275 17.89 -31.54 -19.85
N GLN B 276 17.93 -30.22 -19.66
CA GLN B 276 19.02 -29.58 -18.93
C GLN B 276 18.45 -29.28 -17.57
N TRP B 277 19.27 -29.43 -16.55
CA TRP B 277 18.86 -29.18 -15.17
C TRP B 277 19.92 -28.27 -14.60
N LEU B 278 19.69 -27.77 -13.41
CA LEU B 278 20.57 -26.77 -12.86
C LEU B 278 20.57 -26.98 -11.38
N ARG B 279 21.68 -26.75 -10.71
CA ARG B 279 21.65 -26.72 -9.26
C ARG B 279 21.05 -25.36 -8.81
N ARG B 280 20.69 -25.29 -7.52
CA ARG B 280 20.12 -24.09 -6.99
C ARG B 280 21.19 -23.03 -6.77
N ILE B 281 22.37 -23.47 -6.32
CA ILE B 281 23.60 -22.68 -6.55
C ILE B 281 23.86 -22.80 -8.04
N GLN B 282 23.63 -21.72 -8.77
CA GLN B 282 23.59 -21.85 -10.23
C GLN B 282 24.96 -21.95 -10.93
N ASN B 283 25.77 -22.81 -10.29
CA ASN B 283 27.18 -23.00 -10.56
C ASN B 283 27.37 -24.11 -11.56
N TYR B 284 26.33 -24.92 -11.71
CA TYR B 284 26.55 -26.29 -12.12
C TYR B 284 25.30 -26.84 -12.68
N SER B 285 25.38 -27.31 -13.91
CA SER B 285 24.21 -27.75 -14.66
C SER B 285 24.47 -29.07 -15.40
N VAL B 286 23.43 -29.83 -15.66
CA VAL B 286 23.59 -31.13 -16.29
C VAL B 286 22.61 -31.23 -17.43
N MET B 287 23.07 -31.73 -18.56
CA MET B 287 22.19 -32.04 -19.66
C MET B 287 22.11 -33.55 -19.78
N ASP B 288 20.88 -34.05 -19.73
CA ASP B 288 20.56 -35.47 -19.88
C ASP B 288 19.90 -35.73 -21.23
N ILE B 289 20.37 -36.76 -21.94
CA ILE B 289 19.74 -37.18 -23.19
C ILE B 289 18.99 -38.51 -23.03
N CYS B 290 17.67 -38.43 -23.08
CA CYS B 290 16.82 -39.57 -22.82
C CYS B 290 16.28 -40.18 -24.08
N ASP B 291 16.49 -41.49 -24.21
CA ASP B 291 16.07 -42.30 -25.35
C ASP B 291 14.83 -43.06 -24.93
N TYR B 292 13.98 -43.40 -25.88
CA TYR B 292 12.75 -44.15 -25.66
C TYR B 292 12.91 -45.64 -26.01
N ASP B 293 12.65 -46.52 -25.03
CA ASP B 293 12.69 -47.97 -25.22
C ASP B 293 11.43 -48.43 -25.94
N GLU B 294 11.60 -48.99 -27.14
CA GLU B 294 10.46 -49.50 -27.91
C GLU B 294 9.72 -50.62 -27.17
N SER B 295 10.48 -51.58 -26.66
CA SER B 295 9.95 -52.79 -26.00
C SER B 295 9.39 -52.50 -24.62
N SER B 296 10.06 -51.63 -23.87
CA SER B 296 9.75 -51.36 -22.46
C SER B 296 8.71 -50.24 -22.25
N GLY B 297 8.65 -49.28 -23.16
CA GLY B 297 7.79 -48.11 -22.98
C GLY B 297 8.40 -47.12 -21.99
N ARG B 298 9.66 -47.38 -21.62
CA ARG B 298 10.41 -46.58 -20.66
C ARG B 298 11.34 -45.55 -21.33
N TRP B 299 11.81 -44.58 -20.56
CA TRP B 299 12.79 -43.62 -21.06
C TRP B 299 14.08 -43.72 -20.27
N ASN B 300 15.18 -44.08 -20.93
CA ASN B 300 16.48 -44.12 -20.25
C ASN B 300 17.43 -43.00 -20.68
N CYS B 301 18.06 -42.37 -19.69
CA CYS B 301 19.10 -41.39 -19.94
C CYS B 301 20.45 -41.93 -19.45
N LEU B 302 21.27 -42.42 -20.39
CA LEU B 302 22.59 -42.98 -20.09
C LEU B 302 23.56 -41.96 -19.50
N VAL B 303 24.09 -42.27 -18.32
CA VAL B 303 25.12 -41.45 -17.66
C VAL B 303 26.32 -41.14 -18.58
N ALA B 304 26.83 -42.15 -19.28
CA ALA B 304 27.96 -41.95 -20.17
C ALA B 304 27.59 -40.97 -21.29
N ARG B 305 26.36 -40.47 -21.23
CA ARG B 305 25.82 -39.56 -22.25
C ARG B 305 25.51 -38.16 -21.73
N GLN B 306 25.60 -37.96 -20.41
CA GLN B 306 25.32 -36.64 -19.85
C GLN B 306 26.35 -35.61 -20.30
N HIS B 307 26.02 -34.34 -20.11
CA HIS B 307 26.93 -33.26 -20.48
C HIS B 307 26.86 -32.27 -19.34
N ILE B 308 28.02 -31.98 -18.77
CA ILE B 308 28.14 -31.10 -17.62
C ILE B 308 28.72 -29.75 -18.01
N GLU B 309 28.19 -28.70 -17.38
CA GLU B 309 28.74 -27.35 -17.49
C GLU B 309 28.89 -26.72 -16.13
N MET B 310 30.05 -26.14 -15.84
CA MET B 310 30.32 -25.55 -14.53
C MET B 310 30.92 -24.21 -14.80
N SER B 311 30.91 -23.37 -13.78
CA SER B 311 31.67 -22.14 -13.85
C SER B 311 32.24 -21.91 -12.47
N THR B 312 33.45 -21.39 -12.40
CA THR B 312 34.08 -21.03 -11.10
C THR B 312 34.07 -19.54 -10.98
N THR B 313 33.76 -18.89 -12.10
CA THR B 313 33.83 -17.47 -12.25
C THR B 313 32.47 -16.78 -11.91
N GLY B 314 31.38 -17.51 -12.10
CA GLY B 314 30.03 -17.01 -11.94
C GLY B 314 28.96 -18.07 -12.02
N TRP B 315 27.94 -17.80 -12.84
CA TRP B 315 26.82 -18.69 -13.09
C TRP B 315 26.86 -19.27 -14.48
N VAL B 316 26.01 -20.27 -14.68
CA VAL B 316 25.91 -20.94 -15.98
C VAL B 316 24.96 -20.24 -16.97
N GLY B 317 25.47 -19.70 -18.07
CA GLY B 317 24.65 -19.01 -19.08
C GLY B 317 24.41 -17.52 -18.84
N ARG B 318 23.84 -16.81 -19.81
CA ARG B 318 23.56 -15.39 -19.57
C ARG B 318 22.53 -15.19 -18.47
N PHE B 319 21.47 -15.98 -18.51
CA PHE B 319 20.43 -16.00 -17.49
C PHE B 319 20.05 -17.44 -17.12
N ARG B 320 20.33 -18.38 -18.00
CA ARG B 320 20.12 -19.78 -17.71
C ARG B 320 21.06 -20.50 -18.66
N PRO B 321 21.30 -21.79 -18.44
CA PRO B 321 22.13 -22.54 -19.38
C PRO B 321 21.52 -22.42 -20.77
N SER B 322 22.36 -22.28 -21.80
CA SER B 322 21.95 -22.17 -23.22
C SER B 322 21.21 -23.35 -23.81
N GLU B 323 20.61 -23.13 -24.96
CA GLU B 323 19.77 -24.15 -25.56
C GLU B 323 20.54 -24.93 -26.61
N PRO B 324 20.41 -26.27 -26.63
CA PRO B 324 21.05 -27.07 -27.67
C PRO B 324 20.26 -27.07 -28.98
N HIS B 325 21.00 -27.05 -30.07
CA HIS B 325 20.41 -27.08 -31.39
C HIS B 325 20.92 -28.33 -31.99
N PHE B 326 20.00 -29.24 -32.29
CA PHE B 326 20.41 -30.58 -32.68
C PHE B 326 20.50 -30.75 -34.15
N THR B 327 21.45 -31.56 -34.59
CA THR B 327 21.42 -32.08 -35.95
C THR B 327 20.10 -32.86 -36.22
N LEU B 328 19.75 -32.95 -37.49
CA LEU B 328 18.58 -33.68 -37.89
C LEU B 328 18.60 -35.07 -37.26
N ASP B 329 19.70 -35.80 -37.39
CA ASP B 329 19.83 -37.17 -36.85
C ASP B 329 19.75 -37.28 -35.34
N GLY B 330 20.02 -36.18 -34.64
CA GLY B 330 20.01 -36.18 -33.19
C GLY B 330 21.27 -36.73 -32.51
N ASN B 331 22.34 -36.99 -33.28
CA ASN B 331 23.57 -37.49 -32.66
C ASN B 331 24.54 -36.45 -32.19
N SER B 332 24.27 -35.21 -32.56
CA SER B 332 25.09 -34.11 -32.12
C SER B 332 24.24 -32.87 -32.07
N PHE B 333 24.84 -31.83 -31.50
CA PHE B 333 24.19 -30.55 -31.32
C PHE B 333 25.22 -29.44 -31.23
N TYR B 334 24.72 -28.21 -31.35
CA TYR B 334 25.55 -27.02 -31.27
C TYR B 334 24.92 -26.13 -30.23
N LYS B 335 25.75 -25.48 -29.44
CA LYS B 335 25.28 -24.83 -28.22
C LYS B 335 26.30 -23.78 -27.79
N ILE B 336 25.81 -22.65 -27.30
CA ILE B 336 26.65 -21.50 -26.91
C ILE B 336 27.31 -21.78 -25.57
N ILE B 337 28.61 -21.55 -25.50
CA ILE B 337 29.39 -21.90 -24.33
C ILE B 337 30.45 -20.84 -24.15
N SER B 338 30.70 -20.47 -22.90
CA SER B 338 31.78 -19.52 -22.62
C SER B 338 33.09 -20.23 -22.83
N ASN B 339 33.93 -19.64 -23.68
CA ASN B 339 35.24 -20.23 -23.95
C ASN B 339 36.29 -19.94 -22.87
N GLU B 340 37.53 -20.33 -23.12
CA GLU B 340 38.58 -20.19 -22.13
C GLU B 340 38.83 -18.74 -21.81
N GLU B 341 38.82 -17.88 -22.82
CA GLU B 341 39.06 -16.43 -22.63
C GLU B 341 37.89 -15.70 -21.97
N GLY B 342 36.77 -16.38 -21.78
CA GLY B 342 35.55 -15.82 -21.23
C GLY B 342 34.46 -15.37 -22.21
N TYR B 343 34.60 -15.73 -23.49
CA TYR B 343 33.70 -15.30 -24.55
C TYR B 343 32.68 -16.35 -25.02
N ARG B 344 31.41 -15.97 -25.04
CA ARG B 344 30.35 -16.92 -25.42
C ARG B 344 30.42 -17.19 -26.93
N HIS B 345 30.65 -18.46 -27.26
CA HIS B 345 30.81 -18.91 -28.65
C HIS B 345 30.17 -20.27 -28.87
N ILE B 346 30.04 -20.69 -30.12
CA ILE B 346 29.31 -21.92 -30.44
C ILE B 346 30.23 -23.10 -30.38
N CYS B 347 29.81 -24.12 -29.62
CA CYS B 347 30.54 -25.36 -29.43
C CYS B 347 29.76 -26.47 -30.09
N TYR B 348 30.46 -27.32 -30.84
CA TYR B 348 29.87 -28.51 -31.42
C TYR B 348 30.12 -29.69 -30.48
N PHE B 349 29.06 -30.37 -30.07
CA PHE B 349 29.14 -31.54 -29.21
C PHE B 349 28.61 -32.72 -29.97
N GLN B 350 29.29 -33.84 -29.80
CA GLN B 350 28.77 -35.14 -30.20
C GLN B 350 28.20 -35.80 -28.95
N ILE B 351 27.09 -36.51 -29.09
CA ILE B 351 26.32 -36.97 -27.94
C ILE B 351 27.05 -38.02 -27.08
N ASP B 352 27.66 -39.00 -27.74
CA ASP B 352 28.41 -40.05 -27.04
C ASP B 352 29.80 -39.51 -26.58
N LYS B 353 30.45 -38.69 -27.41
CA LYS B 353 31.74 -38.05 -27.05
C LYS B 353 31.55 -37.04 -25.90
N LYS B 354 32.63 -36.49 -25.34
CA LYS B 354 32.55 -35.74 -24.07
C LYS B 354 33.02 -34.27 -24.09
N ASP B 355 34.16 -33.99 -24.73
CA ASP B 355 34.67 -32.63 -24.84
C ASP B 355 33.94 -32.04 -26.04
N CYS B 356 34.05 -30.73 -26.27
CA CYS B 356 33.46 -30.17 -27.47
C CYS B 356 34.42 -29.33 -28.30
N THR B 357 33.99 -29.00 -29.52
CA THR B 357 34.78 -28.18 -30.44
C THR B 357 34.22 -26.75 -30.63
N PHE B 358 35.10 -25.79 -30.50
CA PHE B 358 34.69 -24.42 -30.73
C PHE B 358 34.71 -24.10 -32.22
N ILE B 359 33.62 -23.52 -32.70
CA ILE B 359 33.35 -23.29 -34.12
C ILE B 359 33.50 -21.82 -34.44
N THR B 360 33.56 -21.02 -33.38
CA THR B 360 33.84 -19.59 -33.43
C THR B 360 34.77 -19.26 -32.27
N LYS B 361 35.51 -18.16 -32.42
CA LYS B 361 36.51 -17.64 -31.47
C LYS B 361 36.61 -16.11 -31.63
N GLY B 362 37.27 -15.43 -30.69
CA GLY B 362 37.47 -14.00 -30.84
C GLY B 362 36.87 -13.13 -29.75
N THR B 363 37.14 -11.84 -29.87
CA THR B 363 36.85 -10.83 -28.87
C THR B 363 35.44 -10.20 -29.06
N TRP B 364 34.49 -11.08 -29.35
CA TRP B 364 33.10 -10.73 -29.53
C TRP B 364 32.31 -11.97 -29.11
N GLU B 365 30.98 -11.86 -29.01
CA GLU B 365 30.17 -12.98 -28.56
C GLU B 365 29.07 -13.34 -29.54
N VAL B 366 28.62 -14.58 -29.43
CA VAL B 366 27.52 -15.06 -30.24
C VAL B 366 26.28 -14.79 -29.42
N ILE B 367 25.22 -14.30 -30.06
CA ILE B 367 24.01 -14.04 -29.33
C ILE B 367 22.99 -15.15 -29.45
N GLY B 368 22.94 -15.79 -30.60
CA GLY B 368 21.98 -16.86 -30.79
C GLY B 368 22.32 -17.67 -32.02
N ILE B 369 21.87 -18.91 -32.00
CA ILE B 369 22.04 -19.82 -33.09
C ILE B 369 20.65 -19.79 -33.61
N GLU B 370 20.51 -19.54 -34.89
CA GLU B 370 19.20 -19.21 -35.43
C GLU B 370 18.61 -20.28 -36.33
N ALA B 371 19.44 -20.88 -37.18
CA ALA B 371 19.05 -22.02 -37.97
C ALA B 371 20.25 -22.90 -38.26
N LEU B 372 19.95 -24.15 -38.61
CA LEU B 372 20.96 -25.14 -38.80
C LEU B 372 20.45 -26.12 -39.86
N THR B 373 21.14 -26.20 -41.00
CA THR B 373 20.93 -27.28 -41.97
C THR B 373 22.14 -28.26 -41.90
N SER B 374 22.20 -29.19 -42.83
CA SER B 374 23.42 -30.00 -42.93
C SER B 374 24.59 -29.18 -43.44
N ASP B 375 24.31 -28.08 -44.15
CA ASP B 375 25.38 -27.29 -44.76
C ASP B 375 25.84 -26.11 -43.96
N TYR B 376 24.96 -25.55 -43.14
CA TYR B 376 25.14 -24.19 -42.65
C TYR B 376 24.67 -23.99 -41.24
N LEU B 377 25.42 -23.26 -40.46
CA LEU B 377 24.87 -22.81 -39.22
C LEU B 377 24.74 -21.28 -39.32
N TYR B 378 23.52 -20.77 -39.11
CA TYR B 378 23.26 -19.35 -39.10
C TYR B 378 23.25 -18.81 -37.65
N TYR B 379 23.95 -17.72 -37.38
CA TYR B 379 23.90 -17.12 -36.05
C TYR B 379 23.93 -15.57 -36.02
N ILE B 380 23.66 -14.99 -34.86
CA ILE B 380 23.79 -13.55 -34.64
C ILE B 380 24.91 -13.28 -33.66
N SER B 381 25.73 -12.30 -33.98
CA SER B 381 26.77 -11.82 -33.05
C SER B 381 26.93 -10.32 -33.13
N ASN B 382 27.71 -9.83 -32.18
CA ASN B 382 28.17 -8.45 -32.24
C ASN B 382 29.58 -8.31 -32.80
N GLU B 383 29.97 -9.18 -33.73
CA GLU B 383 31.30 -9.05 -34.34
C GLU B 383 31.48 -7.75 -35.10
N TYR B 384 30.56 -7.45 -35.99
CA TYR B 384 30.73 -6.34 -36.93
C TYR B 384 31.29 -5.04 -36.38
N LYS B 385 32.33 -4.51 -37.03
CA LYS B 385 33.04 -3.28 -36.64
C LYS B 385 33.38 -3.21 -35.14
N GLY B 386 33.33 -4.36 -34.46
CA GLY B 386 33.73 -4.45 -33.05
C GLY B 386 32.79 -3.79 -32.06
N MET B 387 31.55 -3.53 -32.47
CA MET B 387 30.60 -2.82 -31.60
C MET B 387 29.66 -3.82 -30.88
N PRO B 388 29.80 -3.97 -29.57
CA PRO B 388 29.04 -4.99 -28.87
C PRO B 388 27.59 -4.59 -28.86
N GLY B 389 27.32 -3.33 -29.18
CA GLY B 389 25.98 -2.80 -29.11
C GLY B 389 25.24 -3.28 -30.32
N GLY B 390 25.94 -4.01 -31.18
CA GLY B 390 25.51 -4.32 -32.53
C GLY B 390 25.14 -5.76 -32.74
N ARG B 391 24.27 -6.00 -33.73
CA ARG B 391 23.75 -7.33 -34.01
C ARG B 391 23.66 -7.56 -35.53
N ASN B 392 24.12 -8.74 -35.96
CA ASN B 392 24.18 -9.12 -37.37
C ASN B 392 24.14 -10.64 -37.56
N LEU B 393 23.78 -11.07 -38.77
CA LEU B 393 23.59 -12.48 -39.06
C LEU B 393 24.75 -13.07 -39.86
N TYR B 394 25.16 -14.27 -39.49
CA TYR B 394 26.36 -14.90 -40.05
C TYR B 394 26.09 -16.35 -40.48
N LYS B 395 26.88 -16.82 -41.43
CA LYS B 395 26.64 -18.11 -42.05
C LYS B 395 27.97 -18.89 -42.01
N ILE B 396 27.95 -19.98 -41.28
CA ILE B 396 29.15 -20.85 -41.23
C ILE B 396 28.89 -21.98 -42.19
N GLN B 397 29.88 -22.25 -43.01
CA GLN B 397 29.91 -23.49 -43.80
C GLN B 397 30.39 -24.61 -42.90
N LEU B 398 29.64 -25.69 -42.81
CA LEU B 398 30.03 -26.65 -41.78
C LEU B 398 31.15 -27.59 -42.21
N SER B 399 31.51 -27.57 -43.50
CA SER B 399 32.62 -28.37 -44.00
C SER B 399 33.98 -27.73 -43.70
N ASP B 400 33.95 -26.45 -43.29
CA ASP B 400 35.15 -25.68 -42.93
C ASP B 400 34.75 -24.40 -42.19
N TYR B 401 34.95 -24.43 -40.86
CA TYR B 401 34.43 -23.41 -39.98
C TYR B 401 35.03 -22.01 -40.11
N THR B 402 36.09 -21.85 -40.91
CA THR B 402 36.76 -20.55 -41.07
C THR B 402 36.07 -19.77 -42.18
N LYS B 403 35.26 -20.48 -42.96
CA LYS B 403 34.50 -19.87 -44.04
C LYS B 403 33.20 -19.42 -43.44
N VAL B 404 33.25 -18.22 -42.90
CA VAL B 404 32.08 -17.55 -42.39
C VAL B 404 31.77 -16.39 -43.33
N THR B 405 30.49 -16.21 -43.62
CA THR B 405 30.05 -15.09 -44.44
C THR B 405 29.04 -14.29 -43.59
N CYS B 406 29.12 -12.96 -43.65
CA CYS B 406 28.11 -12.14 -42.97
C CYS B 406 26.96 -11.77 -43.90
N LEU B 407 25.73 -12.06 -43.50
CA LEU B 407 24.56 -11.87 -44.37
C LEU B 407 23.90 -10.49 -44.26
N SER B 408 24.13 -9.76 -43.17
CA SER B 408 23.37 -8.55 -42.92
C SER B 408 24.25 -7.31 -42.88
N CYS B 409 25.52 -7.51 -42.56
CA CYS B 409 26.51 -6.46 -42.35
C CYS B 409 26.43 -5.28 -43.30
N GLU B 410 26.30 -5.56 -44.60
CA GLU B 410 26.44 -4.54 -45.64
C GLU B 410 25.22 -4.36 -46.52
N LEU B 411 24.06 -4.80 -46.07
CA LEU B 411 22.84 -4.63 -46.84
C LEU B 411 22.43 -3.14 -46.82
N ASN B 412 22.40 -2.51 -45.65
CA ASN B 412 22.12 -1.08 -45.53
C ASN B 412 22.89 -0.50 -44.35
N PRO B 413 24.20 -0.31 -44.50
CA PRO B 413 25.10 -0.29 -43.33
C PRO B 413 25.09 0.95 -42.40
N GLU B 414 24.59 2.09 -42.90
CA GLU B 414 24.40 3.29 -42.09
C GLU B 414 23.03 3.25 -41.40
N ARG B 415 22.06 2.66 -42.11
CA ARG B 415 20.71 2.49 -41.61
C ARG B 415 20.51 1.29 -40.73
N CYS B 416 21.18 0.18 -41.05
CA CYS B 416 20.89 -1.11 -40.40
C CYS B 416 22.08 -1.77 -39.75
N GLN B 417 22.11 -1.81 -38.43
CA GLN B 417 23.23 -2.35 -37.69
C GLN B 417 22.76 -3.27 -36.54
N TYR B 418 21.46 -3.51 -36.46
CA TYR B 418 20.90 -4.38 -35.43
C TYR B 418 19.83 -5.24 -36.07
N TYR B 419 20.18 -6.47 -36.39
CA TYR B 419 19.26 -7.37 -37.04
C TYR B 419 18.76 -8.44 -36.06
N SER B 420 17.58 -9.00 -36.37
CA SER B 420 17.13 -10.29 -35.86
C SER B 420 16.62 -11.02 -37.08
N VAL B 421 16.31 -12.30 -36.94
CA VAL B 421 16.01 -13.10 -38.13
C VAL B 421 15.01 -14.20 -37.81
N SER B 422 14.41 -14.71 -38.87
CA SER B 422 13.26 -15.59 -38.81
C SER B 422 13.34 -16.47 -40.04
N PHE B 423 13.96 -17.66 -39.91
CA PHE B 423 14.16 -18.64 -40.99
C PHE B 423 12.90 -19.46 -41.17
N SER B 424 12.55 -19.76 -42.42
CA SER B 424 11.54 -20.79 -42.68
C SER B 424 12.06 -22.15 -42.23
N LYS B 425 11.17 -23.15 -42.22
CA LYS B 425 11.57 -24.53 -41.98
C LYS B 425 12.66 -24.81 -43.01
N GLU B 426 13.69 -25.54 -42.58
CA GLU B 426 14.77 -25.99 -43.45
C GLU B 426 15.57 -24.85 -44.04
N ALA B 427 15.67 -23.77 -43.27
CA ALA B 427 16.37 -22.53 -43.63
C ALA B 427 16.43 -22.21 -45.12
N LYS B 428 15.29 -22.31 -45.79
CA LYS B 428 15.25 -22.01 -47.22
C LYS B 428 15.15 -20.50 -47.40
N TYR B 429 14.27 -19.88 -46.63
CA TYR B 429 14.12 -18.44 -46.71
C TYR B 429 14.18 -17.83 -45.34
N TYR B 430 14.54 -16.56 -45.27
CA TYR B 430 14.47 -15.83 -44.02
C TYR B 430 13.97 -14.40 -44.22
N GLN B 431 13.27 -13.90 -43.21
CA GLN B 431 13.04 -12.48 -43.00
C GLN B 431 14.15 -11.86 -42.15
N LEU B 432 14.65 -10.71 -42.57
CA LEU B 432 15.52 -9.90 -41.71
C LEU B 432 14.75 -8.73 -41.12
N ARG B 433 15.10 -8.36 -39.90
CA ARG B 433 14.54 -7.17 -39.27
C ARG B 433 15.63 -6.29 -38.68
N CYS B 434 15.92 -5.16 -39.33
CA CYS B 434 16.86 -4.20 -38.78
C CYS B 434 16.08 -3.31 -37.84
N SER B 435 16.57 -3.18 -36.61
CA SER B 435 15.91 -2.46 -35.54
C SER B 435 16.51 -1.08 -35.34
N GLY B 436 17.58 -0.78 -36.10
CA GLY B 436 18.28 0.48 -36.04
C GLY B 436 19.63 0.49 -36.74
N PRO B 437 20.38 1.60 -36.68
CA PRO B 437 20.01 2.78 -35.89
C PRO B 437 19.00 3.71 -36.61
N GLY B 438 18.59 3.38 -37.84
CA GLY B 438 17.65 4.17 -38.65
C GLY B 438 16.30 3.53 -38.50
N LEU B 439 15.33 3.96 -39.29
CA LEU B 439 14.00 3.35 -39.20
C LEU B 439 14.08 1.81 -39.46
N PRO B 440 13.32 1.03 -38.70
CA PRO B 440 13.31 -0.43 -38.84
C PRO B 440 12.97 -0.86 -40.26
N LEU B 441 13.61 -1.95 -40.73
CA LEU B 441 13.51 -2.39 -42.12
C LEU B 441 13.33 -3.89 -42.18
N TYR B 442 12.27 -4.35 -42.83
CA TYR B 442 11.97 -5.78 -42.88
C TYR B 442 12.14 -6.25 -44.31
N THR B 443 13.06 -7.19 -44.50
CA THR B 443 13.39 -7.67 -45.82
C THR B 443 13.10 -9.18 -45.91
N LEU B 444 12.95 -9.67 -47.13
CA LEU B 444 12.81 -11.09 -47.37
C LEU B 444 13.92 -11.58 -48.30
N HIS B 445 14.47 -12.75 -47.95
CA HIS B 445 15.69 -13.28 -48.58
C HIS B 445 15.58 -14.76 -48.78
N SER B 446 16.27 -15.21 -49.82
CA SER B 446 16.34 -16.61 -50.20
C SER B 446 17.74 -17.10 -49.83
N SER B 447 17.83 -18.21 -49.11
CA SER B 447 19.13 -18.75 -48.65
C SER B 447 20.05 -19.25 -49.76
N VAL B 448 19.47 -19.96 -50.73
CA VAL B 448 20.18 -20.53 -51.89
C VAL B 448 21.42 -19.73 -52.23
N ASN B 449 21.26 -18.52 -52.74
CA ASN B 449 22.44 -17.69 -52.94
C ASN B 449 22.45 -16.45 -52.07
N ASP B 450 21.47 -16.34 -51.18
CA ASP B 450 21.31 -15.16 -50.30
C ASP B 450 20.95 -13.89 -51.10
N LYS B 451 20.18 -14.11 -52.17
CA LYS B 451 19.57 -13.05 -52.95
C LYS B 451 18.59 -12.39 -52.03
N GLY B 452 18.63 -11.04 -51.99
CA GLY B 452 17.53 -10.24 -51.47
C GLY B 452 16.36 -10.52 -52.38
N LEU B 453 15.18 -10.76 -51.81
CA LEU B 453 13.98 -11.02 -52.62
C LEU B 453 13.12 -9.78 -52.82
N ARG B 454 12.84 -9.04 -51.74
CA ARG B 454 11.65 -8.20 -51.62
C ARG B 454 11.72 -7.43 -50.30
N VAL B 455 11.38 -6.13 -50.34
CA VAL B 455 11.18 -5.35 -49.11
C VAL B 455 9.76 -5.64 -48.63
N LEU B 456 9.57 -5.77 -47.32
CA LEU B 456 8.25 -6.02 -46.76
C LEU B 456 7.65 -4.74 -46.13
N GLU B 457 8.40 -4.13 -45.22
CA GLU B 457 8.04 -2.89 -44.58
C GLU B 457 9.31 -2.09 -44.49
N ASP B 458 9.24 -0.84 -44.96
CA ASP B 458 10.37 0.06 -44.92
C ASP B 458 10.13 1.29 -44.05
N ASN B 459 8.89 1.46 -43.58
CA ASN B 459 8.56 2.56 -42.68
C ASN B 459 8.71 3.95 -43.34
N SER B 460 8.50 4.00 -44.65
CA SER B 460 8.65 5.27 -45.36
C SER B 460 7.57 6.28 -44.93
N ALA B 461 6.34 5.81 -44.70
CA ALA B 461 5.30 6.62 -44.08
C ALA B 461 5.82 7.34 -42.82
N LEU B 462 6.53 6.61 -41.96
CA LEU B 462 7.12 7.26 -40.78
C LEU B 462 8.17 8.29 -41.17
N ASP B 463 8.96 7.98 -42.20
CA ASP B 463 10.07 8.82 -42.63
C ASP B 463 9.55 10.18 -43.09
N LYS B 464 8.50 10.16 -43.94
CA LYS B 464 7.93 11.39 -44.44
C LYS B 464 7.48 12.23 -43.24
N MET B 465 6.78 11.60 -42.30
CA MET B 465 6.34 12.25 -41.07
C MET B 465 7.46 12.88 -40.23
N LEU B 466 8.51 12.09 -39.96
CA LEU B 466 9.65 12.53 -39.11
C LEU B 466 10.59 13.55 -39.75
N GLN B 467 10.50 13.72 -41.07
CA GLN B 467 11.12 14.85 -41.75
C GLN B 467 10.60 16.21 -41.24
N ASN B 468 9.43 16.21 -40.60
CA ASN B 468 8.89 17.44 -40.08
C ASN B 468 9.02 17.67 -38.60
N VAL B 469 9.81 16.82 -37.94
CA VAL B 469 10.04 17.04 -36.53
C VAL B 469 11.50 17.29 -36.18
N GLN B 470 11.73 17.87 -35.01
CA GLN B 470 13.07 18.18 -34.59
C GLN B 470 13.69 16.97 -33.84
N MET B 471 13.97 15.94 -34.62
CA MET B 471 14.43 14.71 -34.03
C MET B 471 15.76 14.88 -33.31
N PRO B 472 15.90 14.22 -32.15
CA PRO B 472 17.19 14.14 -31.48
C PRO B 472 18.07 13.17 -32.27
N SER B 473 19.38 13.16 -31.98
CA SER B 473 20.29 12.19 -32.60
C SER B 473 20.89 11.30 -31.52
N LYS B 474 21.60 10.25 -31.92
CA LYS B 474 22.20 9.28 -30.97
C LYS B 474 23.70 9.11 -31.19
N LYS B 475 24.47 9.36 -30.14
CA LYS B 475 25.89 9.13 -30.20
C LYS B 475 26.18 7.81 -29.45
N LEU B 476 26.79 6.86 -30.16
CA LEU B 476 27.26 5.58 -29.57
C LEU B 476 28.77 5.54 -29.65
N ASP B 477 29.39 5.48 -28.49
CA ASP B 477 30.85 5.55 -28.37
C ASP B 477 31.34 4.79 -27.11
N PHE B 478 32.64 4.89 -26.78
CA PHE B 478 33.10 4.31 -25.52
C PHE B 478 34.02 5.22 -24.75
N ILE B 479 34.02 5.05 -23.43
CA ILE B 479 35.04 5.65 -22.58
C ILE B 479 35.97 4.57 -22.08
N ILE B 480 37.04 5.01 -21.44
CA ILE B 480 37.99 4.11 -20.80
C ILE B 480 37.88 4.29 -19.30
N LEU B 481 37.80 3.17 -18.58
CA LEU B 481 37.96 3.13 -17.14
C LEU B 481 38.94 2.00 -16.92
N ASN B 482 39.99 2.27 -16.13
CA ASN B 482 41.01 1.27 -15.78
C ASN B 482 41.32 0.34 -16.97
N GLU B 483 41.80 0.93 -18.06
CA GLU B 483 42.31 0.12 -19.19
C GLU B 483 41.24 -0.51 -20.09
N THR B 484 40.04 -0.77 -19.55
CA THR B 484 38.96 -1.37 -20.36
C THR B 484 38.03 -0.36 -21.04
N LYS B 485 37.45 -0.80 -22.15
CA LYS B 485 36.52 -0.03 -22.95
C LYS B 485 35.09 -0.31 -22.49
N PHE B 486 34.36 0.75 -22.15
CA PHE B 486 32.94 0.64 -21.85
C PHE B 486 32.12 1.60 -22.71
N TRP B 487 30.94 1.15 -23.13
CA TRP B 487 30.15 1.91 -24.09
C TRP B 487 29.01 2.67 -23.43
N TYR B 488 28.66 3.78 -24.08
CA TYR B 488 27.53 4.59 -23.70
C TYR B 488 26.83 5.10 -24.94
N GLN B 489 25.53 5.23 -24.86
CA GLN B 489 24.87 6.06 -25.84
C GLN B 489 24.52 7.38 -25.22
N MET B 490 24.47 8.40 -26.06
CA MET B 490 23.82 9.63 -25.67
C MET B 490 22.77 9.92 -26.68
N ILE B 491 21.61 10.32 -26.20
CA ILE B 491 20.60 10.92 -27.05
C ILE B 491 20.71 12.44 -26.96
N LEU B 492 21.00 13.04 -28.09
CA LEU B 492 21.39 14.43 -28.13
C LEU B 492 20.29 15.28 -28.72
N PRO B 493 20.03 16.44 -28.12
CA PRO B 493 19.07 17.40 -28.68
C PRO B 493 19.36 17.75 -30.14
N PRO B 494 18.31 18.08 -30.90
CA PRO B 494 18.46 18.65 -32.24
C PRO B 494 19.41 19.83 -32.19
N HIS B 495 20.21 19.99 -33.24
CA HIS B 495 21.08 21.16 -33.32
C HIS B 495 21.98 21.22 -32.13
N PHE B 496 22.51 20.08 -31.72
CA PHE B 496 23.44 20.02 -30.61
C PHE B 496 24.61 20.91 -30.90
N ASP B 497 24.96 21.76 -29.95
CA ASP B 497 26.13 22.63 -30.05
C ASP B 497 27.13 22.16 -29.00
N LYS B 498 28.33 21.76 -29.43
CA LYS B 498 29.33 21.31 -28.45
C LYS B 498 29.90 22.45 -27.60
N SER B 499 29.59 23.70 -27.95
CA SER B 499 30.08 24.82 -27.14
C SER B 499 29.15 25.14 -25.97
N LYS B 500 27.88 24.73 -26.07
CA LYS B 500 26.90 24.95 -24.99
C LYS B 500 27.01 23.96 -23.83
N LYS B 501 26.33 24.24 -22.72
CA LYS B 501 26.35 23.33 -21.57
C LYS B 501 24.95 22.79 -21.33
N TYR B 502 24.73 21.52 -21.63
CA TYR B 502 23.40 20.91 -21.57
C TYR B 502 23.20 20.14 -20.27
N PRO B 503 21.96 20.12 -19.76
CA PRO B 503 21.58 19.20 -18.68
C PRO B 503 21.61 17.74 -19.14
N LEU B 504 22.04 16.83 -18.26
CA LEU B 504 22.20 15.41 -18.59
C LEU B 504 21.46 14.45 -17.68
N LEU B 505 20.61 13.64 -18.29
CA LEU B 505 19.88 12.58 -17.60
C LEU B 505 20.53 11.19 -17.90
N LEU B 506 21.16 10.62 -16.89
CA LEU B 506 21.65 9.25 -16.93
C LEU B 506 20.49 8.28 -16.79
N ASP B 507 20.18 7.60 -17.91
CA ASP B 507 19.17 6.55 -17.94
C ASP B 507 19.85 5.18 -17.65
N VAL B 508 19.52 4.60 -16.51
CA VAL B 508 20.21 3.43 -16.01
C VAL B 508 19.32 2.21 -15.92
N TYR B 509 19.90 1.05 -16.24
CA TYR B 509 19.32 -0.23 -15.90
C TYR B 509 20.41 -1.03 -15.18
N ALA B 510 21.47 -1.38 -15.91
CA ALA B 510 22.69 -1.95 -15.37
C ALA B 510 22.61 -3.27 -14.59
N GLY B 511 21.64 -4.12 -14.87
CA GLY B 511 21.59 -5.47 -14.27
C GLY B 511 22.58 -6.48 -14.89
N PRO B 512 22.71 -7.65 -14.31
CA PRO B 512 23.73 -8.61 -14.78
C PRO B 512 23.38 -8.99 -16.22
N CYS B 513 24.32 -8.76 -17.15
CA CYS B 513 24.11 -9.03 -18.58
C CYS B 513 23.18 -8.02 -19.33
N SER B 514 23.04 -6.83 -18.80
CA SER B 514 22.24 -5.81 -19.51
C SER B 514 23.04 -5.06 -20.58
N GLN B 515 22.28 -4.42 -21.46
CA GLN B 515 22.87 -3.56 -22.47
C GLN B 515 21.94 -2.37 -22.72
N LYS B 516 22.41 -1.18 -22.36
CA LYS B 516 21.66 0.05 -22.57
C LYS B 516 22.30 0.92 -23.65
N ALA B 517 23.51 0.57 -24.05
CA ALA B 517 24.12 1.24 -25.18
C ALA B 517 24.06 0.31 -26.38
N ASP B 518 23.33 0.73 -27.42
CA ASP B 518 23.07 -0.12 -28.59
C ASP B 518 22.70 0.65 -29.85
N THR B 519 22.53 -0.05 -30.96
CA THR B 519 22.24 0.65 -32.21
C THR B 519 20.77 0.77 -32.53
N VAL B 520 19.89 0.37 -31.62
CA VAL B 520 18.49 0.33 -32.01
C VAL B 520 17.78 1.70 -31.98
N PHE B 521 16.85 1.88 -32.91
CA PHE B 521 16.00 3.07 -33.00
C PHE B 521 14.85 2.92 -32.04
N ARG B 522 14.76 3.82 -31.09
CA ARG B 522 13.54 3.95 -30.28
C ARG B 522 12.93 5.36 -30.36
N LEU B 523 11.58 5.43 -30.30
CA LEU B 523 10.83 6.71 -30.14
C LEU B 523 10.20 6.73 -28.77
N ASN B 524 10.81 7.41 -27.80
CA ASN B 524 10.44 7.23 -26.40
C ASN B 524 10.53 8.49 -25.49
N TRP B 525 10.48 8.28 -24.18
CA TRP B 525 10.59 9.37 -23.24
C TRP B 525 11.83 10.19 -23.53
N ALA B 526 13.01 9.54 -23.52
CA ALA B 526 14.25 10.21 -23.91
C ALA B 526 14.15 11.10 -25.17
N THR B 527 13.51 10.58 -26.21
CA THR B 527 13.25 11.31 -27.43
C THR B 527 12.61 12.66 -27.14
N TYR B 528 11.66 12.69 -26.21
CA TYR B 528 10.95 13.92 -25.87
C TYR B 528 11.83 14.83 -25.04
N LEU B 529 12.60 14.25 -24.12
CA LEU B 529 13.46 15.04 -23.24
C LEU B 529 14.52 15.72 -24.07
N ALA B 530 15.05 15.02 -25.07
CA ALA B 530 16.02 15.62 -25.98
C ALA B 530 15.44 16.63 -27.04
N SER B 531 14.32 16.30 -27.68
CA SER B 531 13.73 17.16 -28.69
C SER B 531 13.15 18.48 -28.14
N THR B 532 12.42 18.40 -27.03
CA THR B 532 11.70 19.52 -26.48
C THR B 532 12.45 20.11 -25.33
N GLU B 533 13.00 19.26 -24.46
CA GLU B 533 13.53 19.77 -23.20
C GLU B 533 15.03 19.94 -23.19
N ASN B 534 15.66 19.64 -24.33
CA ASN B 534 17.08 19.90 -24.57
C ASN B 534 18.00 19.24 -23.57
N ILE B 535 17.57 18.07 -23.10
CA ILE B 535 18.29 17.30 -22.12
C ILE B 535 19.08 16.20 -22.83
N ILE B 536 20.38 16.10 -22.57
CA ILE B 536 21.11 14.91 -23.07
C ILE B 536 20.68 13.71 -22.20
N VAL B 537 20.09 12.70 -22.82
CA VAL B 537 19.90 11.45 -22.08
C VAL B 537 21.02 10.43 -22.38
N ALA B 538 21.78 10.10 -21.36
CA ALA B 538 22.93 9.21 -21.58
C ALA B 538 22.68 7.88 -20.93
N SER B 539 23.26 6.83 -21.49
CA SER B 539 23.17 5.54 -20.91
C SER B 539 24.55 4.86 -20.95
N PHE B 540 24.82 3.95 -20.02
CA PHE B 540 26.17 3.47 -19.94
C PHE B 540 26.27 2.02 -19.45
N ASP B 541 26.96 1.21 -20.23
CA ASP B 541 27.10 -0.24 -19.88
C ASP B 541 28.39 -0.49 -19.11
N GLY B 542 28.34 -0.60 -17.79
CA GLY B 542 29.54 -0.75 -16.95
C GLY B 542 29.82 -2.22 -16.63
N ARG B 543 30.62 -2.51 -15.60
CA ARG B 543 30.88 -3.90 -15.22
C ARG B 543 29.59 -4.56 -14.90
N GLY B 544 29.52 -5.88 -15.04
CA GLY B 544 28.30 -6.66 -14.90
C GLY B 544 27.45 -6.62 -16.16
N SER B 545 27.79 -5.77 -17.13
CA SER B 545 27.03 -5.74 -18.39
C SER B 545 27.49 -6.87 -19.32
N GLY B 546 26.66 -7.17 -20.32
CA GLY B 546 26.77 -8.39 -21.10
C GLY B 546 27.24 -8.19 -22.50
N TYR B 547 27.38 -9.30 -23.21
CA TYR B 547 27.75 -9.29 -24.63
C TYR B 547 29.22 -8.88 -24.91
N GLN B 548 30.02 -8.80 -23.84
CA GLN B 548 31.41 -8.33 -23.93
C GLN B 548 32.37 -9.24 -23.17
N GLY B 549 31.90 -10.42 -22.80
CA GLY B 549 32.75 -11.40 -22.17
C GLY B 549 32.50 -11.47 -20.69
N ASP B 550 33.07 -12.51 -20.09
CA ASP B 550 32.85 -12.84 -18.69
C ASP B 550 33.61 -11.94 -17.77
N LYS B 551 34.75 -11.47 -18.20
CA LYS B 551 35.56 -10.68 -17.31
C LYS B 551 34.74 -9.51 -16.81
N ILE B 552 34.01 -8.88 -17.73
CA ILE B 552 33.09 -7.79 -17.42
C ILE B 552 31.79 -8.30 -16.80
N MET B 553 31.18 -9.33 -17.36
CA MET B 553 29.91 -9.80 -16.83
C MET B 553 30.00 -10.46 -15.47
N HIS B 554 30.96 -11.35 -15.25
CA HIS B 554 31.06 -11.96 -13.90
C HIS B 554 31.70 -11.09 -12.79
N ALA B 555 32.00 -9.83 -13.12
CA ALA B 555 32.68 -8.91 -12.21
C ALA B 555 31.83 -8.62 -10.98
N ILE B 556 30.54 -8.92 -11.11
CA ILE B 556 29.52 -8.56 -10.15
C ILE B 556 29.00 -9.81 -9.45
N ASN B 557 29.55 -10.96 -9.85
CA ASN B 557 29.26 -12.25 -9.23
C ASN B 557 29.34 -12.05 -7.73
N ARG B 558 28.24 -12.40 -7.05
CA ARG B 558 28.11 -12.39 -5.59
C ARG B 558 28.16 -10.98 -4.99
N ARG B 559 28.03 -9.95 -5.82
CA ARG B 559 28.36 -8.60 -5.37
C ARG B 559 27.48 -7.55 -6.00
N LEU B 560 26.23 -7.90 -6.23
CA LEU B 560 25.24 -6.94 -6.72
C LEU B 560 25.23 -5.69 -5.89
N GLY B 561 25.13 -4.55 -6.58
CA GLY B 561 24.94 -3.29 -5.93
C GLY B 561 26.30 -2.75 -5.63
N THR B 562 27.20 -2.91 -6.58
CA THR B 562 28.59 -2.65 -6.30
C THR B 562 29.34 -2.06 -7.50
N PHE B 563 30.05 -2.88 -8.27
CA PHE B 563 30.84 -2.37 -9.41
C PHE B 563 29.94 -1.75 -10.46
N GLU B 564 28.72 -2.28 -10.62
CA GLU B 564 27.74 -1.72 -11.56
C GLU B 564 27.30 -0.30 -11.16
N VAL B 565 27.30 -0.05 -9.85
CA VAL B 565 26.95 1.23 -9.25
C VAL B 565 28.09 2.23 -9.38
N GLU B 566 29.27 1.85 -8.87
CA GLU B 566 30.48 2.67 -8.97
C GLU B 566 30.72 3.14 -10.40
N ASP B 567 30.59 2.22 -11.36
CA ASP B 567 30.87 2.48 -12.77
C ASP B 567 29.85 3.48 -13.40
N GLN B 568 28.64 3.54 -12.84
CA GLN B 568 27.63 4.49 -13.30
C GLN B 568 28.03 5.88 -12.89
N ILE B 569 28.59 5.99 -11.69
CA ILE B 569 29.08 7.29 -11.19
C ILE B 569 30.35 7.71 -11.96
N GLU B 570 31.30 6.78 -12.09
CA GLU B 570 32.54 7.00 -12.82
C GLU B 570 32.30 7.52 -14.25
N ALA B 571 31.25 7.02 -14.90
CA ALA B 571 30.86 7.48 -16.23
C ALA B 571 30.10 8.80 -16.19
N ALA B 572 29.30 8.99 -15.17
CA ALA B 572 28.58 10.26 -15.00
C ALA B 572 29.63 11.35 -14.78
N ARG B 573 30.59 11.03 -13.89
CA ARG B 573 31.78 11.86 -13.65
C ARG B 573 32.46 12.25 -14.96
N GLN B 574 32.76 11.27 -15.80
CA GLN B 574 33.41 11.51 -17.11
C GLN B 574 32.54 12.34 -18.07
N PHE B 575 31.25 12.06 -18.15
CA PHE B 575 30.35 12.92 -18.93
C PHE B 575 30.36 14.35 -18.42
N SER B 576 30.61 14.52 -17.13
CA SER B 576 30.72 15.84 -16.52
C SER B 576 31.88 16.65 -17.08
N LYS B 577 33.04 16.01 -17.14
CA LYS B 577 34.27 16.61 -17.64
C LYS B 577 34.22 16.96 -19.11
N MET B 578 33.38 16.27 -19.89
CA MET B 578 33.15 16.69 -21.28
C MET B 578 32.51 18.10 -21.25
N GLY B 579 32.84 18.93 -22.23
CA GLY B 579 32.53 20.36 -22.13
C GLY B 579 31.19 20.79 -22.68
N PHE B 580 30.25 19.86 -22.73
CA PHE B 580 28.88 20.15 -23.17
C PHE B 580 27.84 19.71 -22.12
N VAL B 581 28.30 19.04 -21.06
CA VAL B 581 27.43 18.72 -19.95
C VAL B 581 27.71 19.65 -18.81
N ASP B 582 26.63 20.32 -18.39
CA ASP B 582 26.61 21.23 -17.26
C ASP B 582 26.48 20.38 -16.00
N ASN B 583 27.55 20.29 -15.24
CA ASN B 583 27.63 19.33 -14.14
C ASN B 583 26.71 19.67 -12.97
N LYS B 584 26.11 20.86 -13.05
CA LYS B 584 25.21 21.32 -11.99
C LYS B 584 23.85 20.63 -12.13
N ARG B 585 23.58 20.14 -13.33
CA ARG B 585 22.34 19.47 -13.66
C ARG B 585 22.62 18.08 -14.24
N ILE B 586 23.02 17.15 -13.37
CA ILE B 586 23.01 15.75 -13.73
C ILE B 586 22.01 15.00 -12.86
N ALA B 587 21.03 14.37 -13.51
CA ALA B 587 20.04 13.54 -12.84
C ALA B 587 20.24 12.08 -13.25
N ILE B 588 19.53 11.16 -12.59
CA ILE B 588 19.66 9.72 -12.86
C ILE B 588 18.38 9.02 -12.60
N TRP B 589 18.01 8.11 -13.47
CA TRP B 589 16.77 7.40 -13.22
C TRP B 589 16.75 6.02 -13.81
N GLY B 590 16.01 5.14 -13.17
CA GLY B 590 15.92 3.76 -13.62
C GLY B 590 14.63 3.16 -13.15
N TRP B 591 14.04 2.32 -13.97
CA TRP B 591 12.98 1.40 -13.56
C TRP B 591 13.58 0.07 -13.06
N SER B 592 13.12 -0.55 -11.94
CA SER B 592 13.35 -1.91 -11.55
C SER B 592 14.77 -2.09 -11.01
N TYR B 593 15.59 -2.96 -11.62
CA TYR B 593 17.04 -2.99 -11.29
C TYR B 593 17.61 -1.60 -11.50
N GLY B 594 17.04 -0.90 -12.49
CA GLY B 594 17.37 0.49 -12.67
C GLY B 594 17.12 1.31 -11.43
N GLY B 595 16.01 1.04 -10.77
CA GLY B 595 15.68 1.78 -9.56
C GLY B 595 16.63 1.50 -8.40
N TYR B 596 16.99 0.23 -8.26
CA TYR B 596 17.92 -0.19 -7.22
C TYR B 596 19.23 0.51 -7.42
N VAL B 597 19.74 0.49 -8.65
CA VAL B 597 20.96 1.24 -8.96
C VAL B 597 20.82 2.76 -8.81
N THR B 598 19.77 3.35 -9.37
CA THR B 598 19.56 4.79 -9.17
C THR B 598 19.57 5.08 -7.68
N SER B 599 18.93 4.24 -6.87
CA SER B 599 18.90 4.53 -5.44
C SER B 599 20.27 4.37 -4.82
N MET B 600 20.98 3.33 -5.22
CA MET B 600 22.32 3.11 -4.70
C MET B 600 23.26 4.26 -5.08
N VAL B 601 23.11 4.75 -6.30
CA VAL B 601 23.83 5.96 -6.69
C VAL B 601 23.37 7.20 -5.84
N LEU B 602 22.07 7.41 -5.68
CA LEU B 602 21.65 8.59 -4.92
C LEU B 602 22.17 8.57 -3.49
N GLY B 603 22.39 7.35 -2.99
CA GLY B 603 22.85 7.17 -1.62
C GLY B 603 24.35 6.98 -1.48
N SER B 604 25.12 7.12 -2.55
CA SER B 604 26.56 6.88 -2.43
C SER B 604 27.36 8.03 -1.80
N GLY B 605 26.78 9.24 -1.79
CA GLY B 605 27.48 10.42 -1.36
C GLY B 605 28.37 11.03 -2.42
N SER B 606 28.22 10.57 -3.66
CA SER B 606 29.08 11.02 -4.74
C SER B 606 29.04 12.53 -4.93
N GLY B 607 27.92 13.14 -4.53
CA GLY B 607 27.65 14.54 -4.80
C GLY B 607 27.64 14.91 -6.27
N VAL B 608 27.50 13.94 -7.17
CA VAL B 608 27.62 14.18 -8.63
C VAL B 608 26.24 14.47 -9.26
N PHE B 609 25.19 13.97 -8.61
CA PHE B 609 23.82 14.07 -9.09
C PHE B 609 23.01 15.04 -8.27
N LYS B 610 22.30 15.95 -8.95
CA LYS B 610 21.40 16.87 -8.27
C LYS B 610 20.25 16.09 -7.66
N CYS B 611 19.73 15.15 -8.45
CA CYS B 611 18.46 14.48 -8.20
C CYS B 611 18.33 13.22 -9.03
N GLY B 612 17.31 12.43 -8.74
CA GLY B 612 17.00 11.25 -9.56
C GLY B 612 15.70 10.56 -9.21
N ILE B 613 15.29 9.67 -10.11
CA ILE B 613 14.00 8.93 -9.99
C ILE B 613 14.14 7.39 -9.91
N ALA B 614 13.66 6.77 -8.85
CA ALA B 614 13.65 5.30 -8.82
C ALA B 614 12.29 4.68 -8.94
N VAL B 615 11.99 4.07 -10.08
CA VAL B 615 10.66 3.49 -10.26
C VAL B 615 10.65 1.96 -10.04
N ALA B 616 9.78 1.54 -9.12
CA ALA B 616 9.62 0.14 -8.79
C ALA B 616 11.00 -0.49 -8.56
N PRO B 617 11.75 -0.01 -7.59
CA PRO B 617 13.10 -0.53 -7.33
C PRO B 617 13.13 -1.68 -6.38
N VAL B 618 14.08 -2.58 -6.63
CA VAL B 618 14.60 -3.50 -5.64
C VAL B 618 15.32 -2.68 -4.57
N SER B 619 15.04 -2.91 -3.28
CA SER B 619 15.79 -2.24 -2.24
C SER B 619 16.67 -3.15 -1.39
N ARG B 620 16.39 -4.45 -1.43
CA ARG B 620 17.11 -5.39 -0.57
C ARG B 620 16.96 -6.74 -1.22
N TRP B 621 18.06 -7.45 -1.37
CA TRP B 621 17.98 -8.63 -2.22
C TRP B 621 17.23 -9.78 -1.56
N GLU B 622 17.05 -9.73 -0.25
CA GLU B 622 16.19 -10.75 0.36
C GLU B 622 14.71 -10.63 0.07
N TYR B 623 14.31 -9.54 -0.60
CA TYR B 623 12.92 -9.32 -0.95
C TYR B 623 12.62 -9.92 -2.33
N TYR B 624 13.64 -10.05 -3.16
CA TYR B 624 13.47 -10.58 -4.52
C TYR B 624 13.43 -12.12 -4.60
N ASP B 625 13.12 -12.64 -5.76
CA ASP B 625 12.82 -14.04 -5.88
C ASP B 625 14.14 -14.85 -5.88
N SER B 626 14.02 -16.11 -5.46
CA SER B 626 15.17 -17.01 -5.29
C SER B 626 15.98 -17.16 -6.59
N VAL B 627 15.31 -17.50 -7.69
CA VAL B 627 16.00 -17.93 -8.89
C VAL B 627 16.88 -16.86 -9.50
N TYR B 628 16.41 -15.61 -9.48
CA TYR B 628 17.17 -14.50 -10.05
C TYR B 628 18.26 -14.11 -9.07
N THR B 629 17.88 -13.90 -7.82
CA THR B 629 18.80 -13.36 -6.87
C THR B 629 19.92 -14.34 -6.60
N GLU B 630 19.57 -15.57 -6.17
CA GLU B 630 20.56 -16.64 -5.89
C GLU B 630 21.55 -16.89 -7.03
N ARG B 631 21.19 -16.49 -8.25
CA ARG B 631 22.04 -16.69 -9.43
C ARG B 631 23.25 -15.79 -9.39
N TYR B 632 23.13 -14.65 -8.72
CA TYR B 632 24.22 -13.68 -8.67
C TYR B 632 24.77 -13.58 -7.26
N MET B 633 23.97 -13.97 -6.27
CA MET B 633 24.32 -13.67 -4.87
C MET B 633 24.51 -14.89 -4.00
N GLY B 634 24.28 -16.08 -4.52
CA GLY B 634 24.31 -17.27 -3.66
C GLY B 634 23.19 -17.18 -2.65
N LEU B 635 23.34 -17.88 -1.54
CA LEU B 635 22.28 -17.94 -0.55
C LEU B 635 22.53 -16.90 0.54
N PRO B 636 21.46 -16.30 1.07
CA PRO B 636 21.56 -15.36 2.21
C PRO B 636 21.64 -16.05 3.59
N THR B 637 22.71 -16.81 3.79
CA THR B 637 23.01 -17.50 5.06
C THR B 637 24.43 -17.11 5.47
N PRO B 638 24.75 -17.20 6.77
CA PRO B 638 26.13 -17.02 7.24
C PRO B 638 27.20 -17.88 6.51
N GLU B 639 26.89 -19.12 6.10
CA GLU B 639 27.92 -19.97 5.48
C GLU B 639 28.18 -19.56 4.03
N ASP B 640 27.28 -18.73 3.50
CA ASP B 640 27.35 -18.27 2.12
C ASP B 640 27.48 -16.75 2.05
N ASN B 641 26.45 -16.05 1.57
CA ASN B 641 26.60 -14.65 1.19
C ASN B 641 25.73 -13.65 1.96
N LEU B 642 25.35 -14.02 3.18
CA LEU B 642 24.54 -13.12 4.00
C LEU B 642 25.20 -11.75 4.08
N ASP B 643 26.50 -11.73 4.36
CA ASP B 643 27.22 -10.48 4.57
C ASP B 643 26.92 -9.50 3.44
N HIS B 644 27.19 -9.88 2.21
CA HIS B 644 26.92 -8.96 1.10
C HIS B 644 25.42 -8.72 0.80
N TYR B 645 24.54 -9.64 1.18
CA TYR B 645 23.10 -9.40 1.08
C TYR B 645 22.74 -8.24 1.96
N ARG B 646 23.31 -8.21 3.15
CA ARG B 646 23.09 -7.14 4.12
C ARG B 646 23.80 -5.83 3.81
N ASN B 647 24.91 -5.89 3.07
CA ASN B 647 25.76 -4.74 2.78
C ASN B 647 25.24 -3.92 1.60
N SER B 648 24.31 -4.50 0.83
CA SER B 648 23.93 -3.94 -0.48
C SER B 648 22.49 -3.42 -0.56
N THR B 649 21.92 -2.99 0.56
CA THR B 649 20.54 -2.53 0.57
C THR B 649 20.45 -1.04 0.37
N VAL B 650 19.39 -0.57 -0.25
CA VAL B 650 19.17 0.88 -0.39
C VAL B 650 19.04 1.49 0.99
N MET B 651 18.37 0.80 1.92
CA MET B 651 18.11 1.37 3.25
C MET B 651 19.38 1.68 4.04
N SER B 652 20.44 0.89 3.81
CA SER B 652 21.72 1.08 4.50
C SER B 652 22.36 2.45 4.30
N ARG B 653 21.91 3.18 3.28
CA ARG B 653 22.53 4.44 2.88
C ARG B 653 21.48 5.54 2.85
N ALA B 654 20.56 5.49 3.80
CA ALA B 654 19.48 6.45 3.80
C ALA B 654 19.94 7.92 4.03
N GLU B 655 20.84 8.14 4.98
CA GLU B 655 21.38 9.46 5.33
C GLU B 655 21.86 10.27 4.14
N ASN B 656 22.55 9.59 3.22
CA ASN B 656 23.13 10.23 2.06
C ASN B 656 22.11 10.85 1.11
N PHE B 657 20.86 10.39 1.18
CA PHE B 657 19.78 11.00 0.42
C PHE B 657 19.50 12.46 0.74
N LYS B 658 20.01 12.97 1.85
CA LYS B 658 19.73 14.33 2.23
C LYS B 658 20.37 15.34 1.27
N GLN B 659 21.37 14.89 0.53
CA GLN B 659 22.15 15.71 -0.39
C GLN B 659 21.52 15.81 -1.79
N VAL B 660 20.51 14.99 -2.06
CA VAL B 660 19.94 14.81 -3.40
C VAL B 660 18.41 15.08 -3.40
N GLU B 661 17.79 15.31 -4.55
CA GLU B 661 16.34 15.27 -4.65
C GLU B 661 15.85 13.95 -5.29
N TYR B 662 14.91 13.27 -4.64
CA TYR B 662 14.54 11.89 -4.96
C TYR B 662 13.04 11.82 -5.21
N LEU B 663 12.63 11.24 -6.34
CA LEU B 663 11.24 10.83 -6.59
C LEU B 663 11.13 9.30 -6.58
N LEU B 664 10.34 8.74 -5.68
CA LEU B 664 10.18 7.28 -5.54
C LEU B 664 8.77 6.76 -5.85
N ILE B 665 8.64 5.92 -6.89
CA ILE B 665 7.34 5.54 -7.47
C ILE B 665 7.24 4.05 -7.49
N HIS B 666 6.03 3.51 -7.26
CA HIS B 666 5.80 2.07 -7.19
C HIS B 666 4.32 1.73 -7.24
N GLY B 667 3.91 0.90 -8.17
CA GLY B 667 2.52 0.46 -8.20
C GLY B 667 2.29 -0.57 -7.11
N THR B 668 1.12 -0.49 -6.46
CA THR B 668 0.82 -1.31 -5.30
C THR B 668 0.52 -2.77 -5.63
N ALA B 669 0.12 -3.05 -6.86
CA ALA B 669 -0.07 -4.45 -7.25
C ALA B 669 1.18 -5.07 -7.93
N ASP B 670 2.38 -4.65 -7.55
CA ASP B 670 3.58 -5.25 -8.14
C ASP B 670 3.83 -6.68 -7.61
N ASP B 671 3.61 -7.68 -8.44
CA ASP B 671 3.71 -9.06 -8.00
C ASP B 671 5.16 -9.52 -8.11
N ASN B 672 5.93 -8.73 -8.83
CA ASN B 672 7.28 -9.04 -9.24
C ASN B 672 8.26 -8.44 -8.26
N VAL B 673 8.37 -7.12 -8.30
CA VAL B 673 9.19 -6.40 -7.33
C VAL B 673 8.23 -5.76 -6.36
N HIS B 674 8.02 -6.40 -5.21
CA HIS B 674 6.93 -6.04 -4.34
C HIS B 674 6.94 -4.62 -3.74
N PHE B 675 5.76 -4.02 -3.65
CA PHE B 675 5.63 -2.73 -3.03
C PHE B 675 6.44 -2.62 -1.76
N GLN B 676 6.61 -3.75 -1.08
CA GLN B 676 7.36 -3.85 0.18
C GLN B 676 8.69 -3.21 0.05
N GLN B 677 9.31 -3.40 -1.12
CA GLN B 677 10.62 -2.88 -1.41
C GLN B 677 10.66 -1.33 -1.41
N SER B 678 9.69 -0.67 -2.01
CA SER B 678 9.66 0.79 -1.91
C SER B 678 9.16 1.24 -0.54
N ALA B 679 8.35 0.42 0.11
CA ALA B 679 7.86 0.74 1.44
C ALA B 679 8.96 0.61 2.54
N GLN B 680 10.04 -0.11 2.25
CA GLN B 680 11.10 -0.18 3.22
C GLN B 680 12.10 0.93 2.96
N ILE B 681 12.29 1.33 1.70
CA ILE B 681 13.09 2.53 1.41
C ILE B 681 12.44 3.74 2.08
N SER B 682 11.17 3.98 1.79
CA SER B 682 10.51 5.20 2.30
C SER B 682 10.56 5.30 3.83
N LYS B 683 10.48 4.15 4.48
CA LYS B 683 10.49 4.11 5.94
C LYS B 683 11.87 4.49 6.43
N ALA B 684 12.89 3.99 5.74
CA ALA B 684 14.26 4.23 6.15
C ALA B 684 14.63 5.69 5.98
N LEU B 685 14.13 6.30 4.92
CA LEU B 685 14.28 7.75 4.73
C LEU B 685 13.55 8.49 5.84
N VAL B 686 12.35 8.05 6.18
CA VAL B 686 11.62 8.77 7.22
C VAL B 686 12.36 8.67 8.55
N ASP B 687 12.72 7.44 8.96
CA ASP B 687 13.50 7.14 10.17
C ASP B 687 14.75 7.99 10.36
N VAL B 688 15.15 8.74 9.33
CA VAL B 688 16.40 9.49 9.37
C VAL B 688 16.23 10.99 9.08
N GLY B 689 15.02 11.39 8.67
CA GLY B 689 14.69 12.80 8.50
C GLY B 689 14.88 13.35 7.09
N VAL B 690 14.96 12.47 6.09
CA VAL B 690 15.20 12.87 4.71
C VAL B 690 13.88 13.11 4.00
N ASP B 691 13.68 14.32 3.48
CA ASP B 691 12.48 14.60 2.69
C ASP B 691 12.73 14.05 1.32
N PHE B 692 11.65 13.75 0.58
CA PHE B 692 11.72 13.17 -0.76
C PHE B 692 10.31 13.15 -1.32
N GLN B 693 10.18 12.78 -2.58
CA GLN B 693 8.86 12.55 -3.14
C GLN B 693 8.53 11.07 -3.33
N ALA B 694 7.23 10.80 -3.33
CA ALA B 694 6.71 9.47 -3.53
C ALA B 694 5.53 9.50 -4.49
N MET B 695 5.32 8.38 -5.16
CA MET B 695 4.06 8.13 -5.79
C MET B 695 3.76 6.63 -5.83
N TRP B 696 2.68 6.26 -5.18
CA TRP B 696 2.10 4.98 -5.44
C TRP B 696 1.10 5.12 -6.59
N TYR B 697 0.87 4.00 -7.29
CA TYR B 697 -0.13 3.93 -8.34
C TYR B 697 -0.99 2.72 -8.04
N THR B 698 -2.12 2.97 -7.38
CA THR B 698 -3.10 1.97 -7.04
C THR B 698 -3.23 0.89 -8.11
N ASP B 699 -3.10 -0.38 -7.70
CA ASP B 699 -3.41 -1.54 -8.54
C ASP B 699 -2.64 -1.66 -9.83
N GLU B 700 -1.49 -1.01 -9.89
CA GLU B 700 -0.64 -1.12 -11.06
C GLU B 700 0.39 -2.19 -10.73
N ASP B 701 0.83 -2.92 -11.75
CA ASP B 701 1.84 -3.94 -11.53
C ASP B 701 3.24 -3.41 -11.90
N HIS B 702 4.19 -4.31 -12.17
CA HIS B 702 5.57 -3.90 -12.36
C HIS B 702 5.84 -2.93 -13.52
N GLY B 703 5.03 -3.05 -14.57
CA GLY B 703 5.18 -2.22 -15.75
C GLY B 703 4.39 -0.91 -15.71
N ILE B 704 3.52 -0.72 -14.71
CA ILE B 704 2.67 0.46 -14.62
C ILE B 704 2.17 0.79 -16.03
N ALA B 705 1.52 -0.17 -16.66
CA ALA B 705 1.29 -0.11 -18.10
C ALA B 705 -0.14 0.21 -18.56
N SER B 706 -1.07 0.46 -17.64
CA SER B 706 -2.39 0.82 -18.08
C SER B 706 -2.25 2.17 -18.77
N SER B 707 -3.01 2.37 -19.83
CA SER B 707 -3.03 3.62 -20.57
C SER B 707 -2.94 4.86 -19.69
N THR B 708 -3.71 4.90 -18.62
CA THR B 708 -3.71 6.08 -17.76
C THR B 708 -2.45 6.20 -16.92
N ALA B 709 -2.07 5.11 -16.25
CA ALA B 709 -0.88 5.16 -15.39
C ALA B 709 0.38 5.47 -16.18
N HIS B 710 0.50 4.85 -17.37
CA HIS B 710 1.56 5.21 -18.31
C HIS B 710 1.65 6.70 -18.56
N GLN B 711 0.56 7.34 -19.02
CA GLN B 711 0.55 8.79 -19.27
C GLN B 711 0.87 9.57 -18.02
N HIS B 712 0.34 9.10 -16.90
CA HIS B 712 0.47 9.82 -15.66
C HIS B 712 1.87 9.75 -15.08
N ILE B 713 2.48 8.56 -15.08
CA ILE B 713 3.81 8.41 -14.50
C ILE B 713 4.76 9.26 -15.30
N TYR B 714 4.67 9.19 -16.61
CA TYR B 714 5.64 9.92 -17.42
C TYR B 714 5.37 11.40 -17.34
N THR B 715 4.11 11.76 -17.15
CA THR B 715 3.82 13.13 -16.85
C THR B 715 4.46 13.50 -15.51
N HIS B 716 4.27 12.69 -14.50
CA HIS B 716 4.83 13.05 -13.20
C HIS B 716 6.35 13.26 -13.26
N MET B 717 7.06 12.36 -13.95
CA MET B 717 8.52 12.41 -14.05
C MET B 717 9.05 13.57 -14.90
N SER B 718 8.31 13.96 -15.91
CA SER B 718 8.64 15.16 -16.68
C SER B 718 8.69 16.36 -15.77
N HIS B 719 7.62 16.60 -15.00
CA HIS B 719 7.56 17.78 -14.12
C HIS B 719 8.72 17.75 -13.14
N PHE B 720 9.03 16.57 -12.61
CA PHE B 720 10.09 16.42 -11.63
C PHE B 720 11.43 16.73 -12.20
N ILE B 721 11.64 16.35 -13.46
CA ILE B 721 12.89 16.65 -14.16
C ILE B 721 13.01 18.07 -14.73
N LYS B 722 11.96 18.60 -15.33
CA LYS B 722 12.02 19.98 -15.85
C LYS B 722 12.45 20.89 -14.72
N GLN B 723 11.79 20.75 -13.57
CA GLN B 723 12.04 21.66 -12.47
C GLN B 723 13.33 21.35 -11.73
N CYS B 724 13.74 20.08 -11.74
CA CYS B 724 15.07 19.73 -11.23
C CYS B 724 16.13 20.48 -12.02
N PHE B 725 15.94 20.57 -13.34
CA PHE B 725 16.91 21.26 -14.20
C PHE B 725 16.52 22.73 -14.42
N SER B 726 15.70 23.28 -13.50
CA SER B 726 15.23 24.67 -13.58
C SER B 726 14.66 25.06 -14.95
N LEU B 727 13.89 24.15 -15.55
CA LEU B 727 13.31 24.33 -16.88
C LEU B 727 11.81 24.65 -16.81
N PRO B 728 11.39 25.70 -17.51
CA PRO B 728 9.99 26.18 -17.44
C PRO B 728 9.05 25.46 -18.41
N ILE C 1 12.73 -11.38 -13.63
CA ILE C 1 13.70 -10.30 -13.90
C ILE C 1 13.06 -8.94 -13.56
N PRO C 2 13.71 -8.17 -12.69
CA PRO C 2 13.16 -6.87 -12.24
C PRO C 2 13.27 -5.62 -13.09
N ILE C 3 12.26 -5.94 -14.11
CA ILE C 3 12.12 -5.08 -15.28
C ILE C 3 10.68 -5.00 -15.82
#